data_7WLD
#
_entry.id   7WLD
#
loop_
_entity.id
_entity.type
_entity.pdbx_description
1 polymer 'Glycosylphosphatidylinositol anchor attachment 1 protein'
2 polymer 'GPI-anchor transamidase'
3 polymer 'GPI transamidase component PIG-S'
4 polymer 'GPI transamidase component PIG-T'
5 polymer 'Phosphatidylinositol glycan anchor biosynthesis class U protein'
6 branched 2-acetamido-2-deoxy-beta-D-glucopyranose-(1-4)-2-acetamido-2-deoxy-beta-D-glucopyranose
7 non-polymer 'CHOLESTEROL HEMISUCCINATE'
8 non-polymer Digitonin
9 non-polymer (4S,7R)-7-[(hexadecanoyloxy)methyl]-4-hydroxy-N,N,N-trimethyl-4,9-dioxo-3,5,8-trioxa-4lambda~5~-phosphahexacosan-1-aminium
10 non-polymer 1,2-dioleoyl-sn-glycero-3-phosphoethanolamine
11 non-polymer 'CALCIUM ION'
12 non-polymer O-[(R)-{[(2R)-2,3-bis(octadecanoyloxy)propyl]oxy}(hydroxy)phosphoryl]-L-serine
13 non-polymer 2-acetamido-2-deoxy-beta-D-glucopyranose
14 non-polymer CHOLESTEROL
15 non-polymer '2-azanylethyl [(2~{S},3~{S},4~{S},5~{S},6~{R})-6-(hydroxymethyl)-2,4,5-tris(oxidanyl)oxan-3-yl] hydrogen phosphate'
16 non-polymer 2-amino-2-deoxy-alpha-D-glucopyranose
17 non-polymer CARDIOLIPIN
18 non-polymer '[(2R)-1-[2-azanylethoxy(oxidanyl)phosphoryl]oxy-3-hexadecanoyloxy-propan-2-yl] octadecanoate'
19 non-polymer '[(2~{R})-1-hexadecanoyloxy-3-[[(1~{S},2~{R},3~{R},4~{S},5~{S},6~{R})-2-hexadecanoyloxy-3,4,5,6-tetrakis(oxidanyl)cyclohexyl]oxy-oxidanyl-phosphoryl]oxy-propan-2-yl] (9~{Z},11~{Z})-octadeca-9,11-dienoate'
#
loop_
_entity_poly.entity_id
_entity_poly.type
_entity_poly.pdbx_seq_one_letter_code
_entity_poly.pdbx_strand_id
1 'polypeptide(L)'
;MGSGLLSDPVRRRALARLVLRLNAPLCVLSYVAGIAWFLALVFPPLTQRTYMSENAMGSTMVEEQFAGGDRARAFARDFA
AHRKKSGALPVAWLERTMRSVGLEVYTQSFSRKLPFPDETHERYMVSGTNVYGILRAPRAASTESLVLTVPCGSDSTNSQ
AVGLLLALAAHFRGQIYWAKDIVFLVTEHDLLGTEAWLEAYHDVNVTGMQSSPLQGRAGAIQAAVALELSSDVVTSLDVA
VEGLNGQLPNLDLLNLFQTFCQKGGLLCTLQGKLQPEDWTSLDGPLQGLQTLLLMVLRQASGRPHGSHGLFLRYRVEALT
LRGINSFRQYKYDLVAVGKALEGMFRKLNHLLERLHQSFFLYLLPGLSRFVSIGLYMPAVGFLLLVLGLKALELWMQLHE
AGMGLEEPGGAPGPSVPLPPSQGVGLASLVAPLLISQAMGLALYVLPVLGQHVATQHFPVAEAEAVVLTLLAIYAAGLAL
PHNTHRVVSTQAPDRGWMALKLVALIYLALQLGCIALTNFSLGFLLATTMVPTAALAKPHGPRTLYAALLVLTSPAATLL
GSLFLWRELQEAPLSLAEGWQLFLAALAQGVLEHHTYGALLFPLLSLGLYPCWLLFWNVLFWKGTLEVLFQGPGGSGGSA
SVIKPEMKIKLRMEGAVNGHKFVIEGEGIGKPYEGTQTLDLTVEEGAPLPFSYDILTPAFQYGNRAFTKYPEDIPDYFKQ
AFPEGYSWERSMTYEDQGICIATSDITMEGDCFFYEIRFDGTNFPPNGPVMQKKTLKWEPSTEKMYVEDGVLKGDVEMAL
LLEGGGHYRCDFKTTYKAKKDVRLPDAHEVDHRIEILSHDKDYNKVRLYEHAEARYSGGGSGGGGSGGGGDYKDDDDADY
KDDDDA
;
G
2 'polypeptide(L)'
;MGSAVTDSLSRAATVLATVLLLSFGSVAASHIEDQAEQFFRSGHTNNWAVLVCTSRFWFNYRHVANTLSVYRSVKRLGIP
DSHIVLMLADDMACNPRNPKPATVFSHKNMELNVYGDDVEVDYRSYEVTVENFLRVLTGRIPPSTPRSKRLLSDDRSNIL
IYMTGHGGNGFLKFQDSEEITNIELADAFEQMWQKRRYNELLFIIDTCQGASMYERFYSPNIMALASSQVGEDSLSHQPD
PAIGVHLMDRYTFYVLEFLEEINPASQTNMNDLFQVCPKSLCVSTPGHRTDLFQRDPKNVLITDFFGSVRKVEITTETIK
LQQDSEIMESSYKEDQMDEKLMEPLKYAEQLPVAQIIHQKPKLKDWHPPGGFILGLWALIIMVFFKTYGIKHMKFIFGTL
EVLFQGPGGSGGSASVIKPEMKIKLRMEGAVNGHKFVIEGEGIGKPYEGTQTLDLTVEEGAPLPFSYDILTPAFQYGNRA
FTKYPEDIPDYFKQAFPEGYSWERSMTYEDQGICIATSDITMEGDCFFYEIRFDGTNFPPNGPVMQKKTLKWEPSTEKMY
VEDGVLKGDVEMALLLEGGGHYRCDFKTTYKAKKDVRLPDAHEVDHRIEILSHDKDYNKVRLYEHAEARYSGGGSGGGYP
YDVPDYA
;
K
3 'polypeptide(L)'
;MGSAAAGAAATHLEVARGKRAALFFAAVAIVLGLPLWWKTTETYRASLPYSQISGLNALQLRLMVPVTVVFTRESVPLDD
QEKLPFTVVHEREIPLKYKMKIKCRFQKAYRRALDHEEEALSSGSVQEAEAMLDEPQEQAEGSLTVYVISEHSSLLPQDM
MSYIGPKRTAVVRGIMHREAFNIIGRRIVQVAQAMSLTEDVLAAALADHLPEDKWSAEKRRPLKSSLGYEITFSLLNPDP
KSHDVYWDIEGAVRRYVQPFLNALGAAGNFSVDSQILYYAMLGVNPRFDSASSSYYLDMHSLPHVINPVESRLGSSAASL
YPVLNFLLYVPELAHSPLYIQDKDGAPVATNAFHSPRWGGIMVYNVDSKTYNASVLPVRVEVDMVRVMEVFLAQLRLLFG
IAQPQLPPKCLLSGPTSEGLMTWELDRLLWARSVENLATATTTLTSLAQLLGKISNIVIKDDVASEVYKAVAAVQKSAEE
LASGHLASAFVASQEAVTSSELAFFDPSLLHLLYFPDDQKFAIYIPLFLPMAVPILLSLVKIFLETRKSWRKPEKTDGTL
EVLFQGPGGSGGSASVIKPEMKIKLRMEGAVNGHKFVIEGEGIGKPYEGTQTLDLTVEEGAPLPFSYDILTPAFQYGNRA
FTKYPEDIPDYFKQAFPEGYSWERSMTYEDQGICIATSDITMEGDCFFYEIRFDGTNFPPNGPVMQKKTLKWEPSTEKMY
VEDGVLKGDVEMALLLEGGGHYRCDFKTTYKAKKDVRLPDAHEVDHRIEILSHDKDYNKVRLYEHAEARYSGGGSGGGGG
GGGGGGEQKLISEEDL
;
S
4 'polypeptide(L)'
;MGSAAAMPLALLVLLLLGPGGWCLAEPPRDSLREELVITPLPSGDVAATFQFRTRWDSELQREGVSHYRLFPKALGQLIS
KYSLRELHLSFTQGFWRTRYWGPPFLQAPSGAELWVWFQDTVTDVDKSWKELSNVLSGIFCASLNFIDSTNTVTPTASFK
PLGLANDTDHYFLRYAVLPREVVCTENLTPWKKLLPCSSKAGLSVLLKADRLFHTSYHSQAVHIRPVCRNARCTSISWEL
RQTLSVVFDAFITGQGKKDWSLFRMFSRTLTEPCPLASESRVYVDITTYNQDNETLEVHPPPTTTYQDVILGTRKTYAIY
DLLDTAMINNSRNLNIQLKWKRPPENEAPPVPFLHAQRYVSGYGLQKGELSTLLYNTHPYRAFPVLLLDTVPWYLRLYVH
TLTITSKGKENKPSYIHYQPAQDRLQPHLLEMLIQLPANSVTKVSIQFERALLKWTEYTPDPNHGFYVSPSVLSALVPSM
VAAKPVDWEESPLFNSLFPVSDGSNYFVRLYTEPLLVNLPTPDFSMPYNVICLTCTVVAVCYGSFYNLLTRTFHIEEPRT
GGLAKRLANLIRRARGVPPLGTLEVLFQGPGGSGGSASVIKPEMKIKLRMEGAVNGHKFVIEGEGIGKPYEGTQTLDLTV
EEGAPLPFSYDILTPAFQYGNRAFTKYPEDIPDYFKQAFPEGYSWERSMTYEDQGICIATSDITMEGDCFFYEIRFDGTN
FPPNGPVMQKKTLKWEPSTEKMYVEDGVLKGDVEMALLLEGGGHYRCDFKTTYKAKKDVRLPDAHEVDHRIEILSHDKDY
NKVRLYEHAEARYSGGGSGGGHHHHHHHHHH
;
T
5 'polypeptide(L)'
;MGSAAPLVLVLVVAVTVRAALFRSSLAEFISERVEVVSPLSSWKRVVEGLSLLDLGVSPYSGAVFHETPLIIYLFHFLID
YAELVFMITDALTAIALYFAIQDFNKVVFKKQKLLLELDQYAPDVAELIRTPMEMRYIPLKVALFYLLNPYTILSCVAKS
TCAINNTLIAFFILTTIKGSAFLSAIFLALATYQSLYPLTLFVPGLLYLLQRQYIPVKMKSKAFWIFSWEYAMMYVGSLV
VIICLSFFLLSSWDFIPAVYGFILSVPDLTPNIGLFWYFFAEMFEHFSLFFVCVFQINVFFYTIPLAIKLKEHPIFFMFI
QIAVIAIFKSYPTVGDVALYMAFFPVWNHLYRFLRNIFVLTCIIIVCSLLFPVLWHLWIYAGSANSNFFYAITLTFNVGQ
ILLISDYFYAFLRREYYLTHGLYLTAKDGTEAMLVLKGTLEVLFQGPGGSGGSASVIKPEMKIKLRMEGAVNGHKFVIEG
EGIGKPYEGTQTLDLTVEEGAPLPFSYDILTPAFQYGNRAFTKYPEDIPDYFKQAFPEGYSWERSMTYEDQGICIATSDI
TMEGDCFFYEIRFDGTNFPPNGPVMQKKTLKWEPSTEKMYVEDGVLKGDVEMALLLEGGGHYRCDFKTTYKAKKDVRLPD
AHEVDHRIEILSHDKDYNKVRLYEHAEARYSGGGSGGGKLEFSAWSHPQFEKGGGSGGGSGGSAWSHPQFEK
;
U
#
# COMPACT_ATOMS: atom_id res chain seq x y z
N PRO A 9 -31.21 5.95 -48.13
CA PRO A 9 -32.00 4.72 -48.18
C PRO A 9 -33.50 4.98 -48.18
N VAL A 10 -34.29 3.95 -48.41
CA VAL A 10 -35.74 4.03 -48.25
C VAL A 10 -36.22 3.28 -47.02
N ARG A 11 -35.36 2.46 -46.42
CA ARG A 11 -35.71 1.74 -45.16
C ARG A 11 -36.10 2.72 -44.05
N ARG A 12 -35.28 3.74 -43.77
CA ARG A 12 -35.55 4.68 -42.69
C ARG A 12 -36.37 5.88 -43.13
N ARG A 13 -36.80 5.83 -44.38
CA ARG A 13 -37.77 6.81 -44.91
C ARG A 13 -39.14 6.10 -44.96
N ALA A 14 -39.18 4.82 -44.54
CA ALA A 14 -40.42 4.06 -44.42
C ALA A 14 -40.89 3.92 -42.98
N LEU A 15 -39.98 4.10 -42.01
CA LEU A 15 -40.34 4.08 -40.60
C LEU A 15 -40.89 5.43 -40.14
N ALA A 16 -40.23 6.51 -40.55
CA ALA A 16 -40.61 7.87 -40.18
C ALA A 16 -42.07 8.15 -40.53
N ARG A 17 -42.50 7.69 -41.70
CA ARG A 17 -43.89 7.87 -42.11
C ARG A 17 -44.83 7.15 -41.16
N LEU A 18 -44.48 5.93 -40.75
CA LEU A 18 -45.31 5.20 -39.79
C LEU A 18 -45.40 5.94 -38.47
N VAL A 19 -44.29 6.49 -38.01
CA VAL A 19 -44.30 7.24 -36.76
C VAL A 19 -45.19 8.47 -36.89
N LEU A 20 -45.10 9.17 -38.03
CA LEU A 20 -45.95 10.33 -38.26
C LEU A 20 -47.42 9.93 -38.30
N ARG A 21 -47.73 8.75 -38.86
CA ARG A 21 -49.11 8.30 -38.96
C ARG A 21 -49.67 7.78 -37.65
N LEU A 22 -48.82 7.34 -36.72
CA LEU A 22 -49.30 6.73 -35.48
C LEU A 22 -48.77 7.42 -34.23
N ASN A 23 -48.35 8.69 -34.34
CA ASN A 23 -47.82 9.40 -33.18
C ASN A 23 -48.85 9.51 -32.06
N ALA A 24 -50.11 9.80 -32.38
CA ALA A 24 -51.09 10.09 -31.34
C ALA A 24 -51.32 8.92 -30.38
N PRO A 25 -51.55 7.68 -30.84
CA PRO A 25 -51.79 6.60 -29.85
C PRO A 25 -50.55 6.16 -29.10
N LEU A 26 -49.37 6.30 -29.70
CA LEU A 26 -48.14 5.82 -29.06
C LEU A 26 -47.83 6.59 -27.78
N CYS A 27 -48.06 7.91 -27.78
CA CYS A 27 -47.81 8.70 -26.58
C CYS A 27 -48.72 8.26 -25.44
N VAL A 28 -50.00 8.04 -25.74
CA VAL A 28 -50.94 7.58 -24.72
C VAL A 28 -50.49 6.22 -24.17
N LEU A 29 -50.10 5.32 -25.07
CA LEU A 29 -49.69 3.98 -24.64
C LEU A 29 -48.47 4.05 -23.72
N SER A 30 -47.48 4.86 -24.07
CA SER A 30 -46.27 4.94 -23.26
C SER A 30 -46.52 5.63 -21.91
N TYR A 31 -47.37 6.66 -21.89
CA TYR A 31 -47.70 7.30 -20.61
C TYR A 31 -48.40 6.31 -19.67
N VAL A 32 -49.39 5.57 -20.20
CA VAL A 32 -50.07 4.57 -19.39
C VAL A 32 -49.09 3.49 -18.93
N ALA A 33 -48.14 3.12 -19.79
CA ALA A 33 -47.14 2.12 -19.42
C ALA A 33 -46.30 2.59 -18.24
N GLY A 34 -45.87 3.86 -18.26
CA GLY A 34 -45.08 4.37 -17.15
C GLY A 34 -45.86 4.38 -15.84
N ILE A 35 -47.11 4.84 -15.89
CA ILE A 35 -47.91 4.86 -14.66
C ILE A 35 -48.12 3.45 -14.12
N ALA A 36 -48.44 2.50 -15.01
CA ALA A 36 -48.64 1.12 -14.57
C ALA A 36 -47.37 0.52 -14.00
N TRP A 37 -46.22 0.83 -14.60
CA TRP A 37 -44.95 0.33 -14.08
C TRP A 37 -44.71 0.84 -12.67
N PHE A 38 -44.96 2.12 -12.42
CA PHE A 38 -44.80 2.60 -11.05
C PHE A 38 -45.78 1.89 -10.11
N LEU A 39 -47.00 1.61 -10.58
CA LEU A 39 -47.95 0.92 -9.71
C LEU A 39 -47.63 -0.56 -9.52
N ALA A 40 -46.72 -1.13 -10.30
CA ALA A 40 -46.39 -2.55 -10.17
C ALA A 40 -45.21 -2.83 -9.25
N LEU A 41 -44.52 -1.81 -8.73
CA LEU A 41 -43.29 -2.02 -7.99
C LEU A 41 -43.49 -2.67 -6.63
N VAL A 42 -44.73 -2.79 -6.14
CA VAL A 42 -44.96 -3.38 -4.83
C VAL A 42 -45.32 -4.87 -4.89
N PHE A 43 -45.14 -5.49 -6.04
CA PHE A 43 -45.49 -6.89 -6.24
C PHE A 43 -44.24 -7.75 -6.36
N PRO A 44 -44.35 -9.05 -6.04
CA PRO A 44 -43.16 -9.86 -5.71
C PRO A 44 -42.08 -9.87 -6.77
N PRO A 45 -42.39 -9.94 -8.08
CA PRO A 45 -41.28 -10.03 -9.05
C PRO A 45 -40.30 -8.88 -8.97
N LEU A 46 -40.79 -7.65 -8.78
CA LEU A 46 -39.88 -6.50 -8.69
C LEU A 46 -39.37 -6.31 -7.27
N THR A 47 -40.17 -6.67 -6.28
CA THR A 47 -39.80 -6.47 -4.88
C THR A 47 -39.01 -7.67 -4.35
N GLN A 48 -37.86 -7.39 -3.75
CA GLN A 48 -37.01 -8.43 -3.20
C GLN A 48 -37.08 -8.40 -1.67
N ARG A 49 -36.36 -9.34 -1.06
CA ARG A 49 -36.18 -9.38 0.38
C ARG A 49 -34.80 -8.85 0.74
N THR A 50 -34.71 -8.20 1.89
CA THR A 50 -33.44 -7.65 2.33
C THR A 50 -32.56 -8.73 2.93
N TYR A 51 -31.25 -8.59 2.71
CA TYR A 51 -30.25 -9.50 3.26
C TYR A 51 -29.04 -8.68 3.67
N MET A 52 -28.14 -9.32 4.41
CA MET A 52 -27.04 -8.59 5.04
C MET A 52 -25.99 -8.11 4.04
N SER A 53 -25.32 -9.04 3.35
CA SER A 53 -24.36 -8.79 2.28
C SER A 53 -23.00 -8.26 2.74
N GLU A 54 -22.75 -8.12 4.04
CA GLU A 54 -21.44 -7.73 4.54
C GLU A 54 -21.01 -8.73 5.60
N ASN A 55 -19.91 -9.45 5.35
CA ASN A 55 -19.49 -10.53 6.22
C ASN A 55 -18.83 -10.05 7.50
N ALA A 56 -18.34 -8.81 7.54
CA ALA A 56 -17.73 -8.29 8.76
C ALA A 56 -18.75 -8.25 9.90
N MET A 57 -20.02 -7.97 9.58
CA MET A 57 -21.08 -7.98 10.58
C MET A 57 -21.95 -9.23 10.53
N GLY A 58 -22.01 -9.92 9.39
CA GLY A 58 -22.88 -11.08 9.28
C GLY A 58 -22.33 -12.33 9.94
N SER A 59 -21.02 -12.44 10.08
CA SER A 59 -20.38 -13.64 10.60
C SER A 59 -20.01 -13.53 12.08
N THR A 60 -20.43 -12.47 12.76
CA THR A 60 -20.06 -12.24 14.15
C THR A 60 -21.30 -12.25 15.04
N MET A 61 -21.06 -12.20 16.34
CA MET A 61 -22.15 -12.23 17.31
C MET A 61 -21.78 -11.38 18.52
N VAL A 62 -22.81 -10.80 19.13
CA VAL A 62 -22.64 -9.86 20.25
C VAL A 62 -23.54 -10.29 21.39
N GLU A 63 -22.98 -10.34 22.60
CA GLU A 63 -23.72 -10.68 23.84
C GLU A 63 -23.81 -9.43 24.72
N GLU A 64 -24.97 -8.77 24.73
CA GLU A 64 -25.18 -7.51 25.51
C GLU A 64 -25.13 -7.80 27.01
N GLN A 65 -24.74 -6.81 27.82
CA GLN A 65 -24.66 -6.97 29.29
C GLN A 65 -24.96 -5.63 29.97
N PHE A 66 -25.68 -4.74 29.29
CA PHE A 66 -26.05 -3.41 29.86
C PHE A 66 -27.06 -3.62 31.00
N ALA A 67 -27.03 -2.75 32.01
CA ALA A 67 -27.95 -2.91 33.14
C ALA A 67 -28.28 -1.59 33.84
N GLY A 68 -27.97 -0.44 33.24
CA GLY A 68 -28.14 0.85 33.90
C GLY A 68 -29.43 1.59 33.65
N GLY A 69 -30.55 1.14 34.23
CA GLY A 69 -31.80 1.86 34.10
C GLY A 69 -32.01 2.94 35.15
N ASP A 70 -31.73 2.60 36.41
CA ASP A 70 -31.91 3.56 37.50
C ASP A 70 -31.02 4.78 37.34
N ARG A 71 -29.77 4.55 36.91
CA ARG A 71 -28.86 5.66 36.70
C ARG A 71 -29.36 6.58 35.60
N ALA A 72 -29.85 6.00 34.50
CA ALA A 72 -30.39 6.81 33.41
C ALA A 72 -31.57 7.64 33.88
N ARG A 73 -32.46 7.04 34.66
CA ARG A 73 -33.60 7.79 35.18
C ARG A 73 -33.13 8.97 36.03
N ALA A 74 -32.26 8.71 37.00
CA ALA A 74 -31.80 9.78 37.89
C ALA A 74 -31.10 10.90 37.12
N PHE A 75 -30.27 10.53 36.15
CA PHE A 75 -29.64 11.52 35.29
C PHE A 75 -30.69 12.40 34.61
N ALA A 76 -31.75 11.77 34.09
CA ALA A 76 -32.79 12.52 33.40
C ALA A 76 -33.50 13.51 34.33
N ARG A 77 -33.81 13.04 35.55
CA ARG A 77 -34.51 13.88 36.56
C ARG A 77 -33.63 15.08 36.95
N ASP A 78 -32.32 14.86 37.09
CA ASP A 78 -31.39 15.94 37.48
C ASP A 78 -31.19 16.92 36.31
N PHE A 79 -31.21 16.40 35.08
CA PHE A 79 -31.02 17.24 33.87
C PHE A 79 -32.23 18.15 33.65
N ALA A 80 -33.44 17.58 33.80
CA ALA A 80 -34.67 18.34 33.60
C ALA A 80 -34.80 19.49 34.60
N ALA A 81 -34.51 19.22 35.88
CA ALA A 81 -34.62 20.28 36.89
C ALA A 81 -33.64 21.41 36.61
N HIS A 82 -32.40 21.06 36.25
CA HIS A 82 -31.40 22.10 35.98
C HIS A 82 -31.79 22.93 34.76
N ARG A 83 -32.31 22.29 33.71
CA ARG A 83 -32.73 23.05 32.53
C ARG A 83 -33.92 23.95 32.86
N LYS A 84 -34.82 23.49 33.73
CA LYS A 84 -35.90 24.35 34.18
C LYS A 84 -35.36 25.61 34.82
N LYS A 85 -34.44 25.46 35.77
CA LYS A 85 -33.89 26.64 36.44
C LYS A 85 -33.17 27.57 35.46
N SER A 86 -32.31 27.00 34.61
CA SER A 86 -31.50 27.83 33.72
C SER A 86 -32.35 28.53 32.67
N GLY A 87 -33.42 27.88 32.21
CA GLY A 87 -34.15 28.35 31.06
C GLY A 87 -33.53 27.98 29.73
N ALA A 88 -32.40 27.29 29.75
CA ALA A 88 -31.71 26.83 28.56
C ALA A 88 -30.83 25.65 28.96
N LEU A 89 -29.97 25.23 28.04
CA LEU A 89 -29.13 24.06 28.27
C LEU A 89 -28.24 24.27 29.49
N PRO A 90 -28.28 23.37 30.48
CA PRO A 90 -27.36 23.47 31.61
C PRO A 90 -25.98 22.98 31.24
N VAL A 91 -25.03 23.90 31.10
CA VAL A 91 -23.72 23.57 30.55
C VAL A 91 -22.75 23.10 31.63
N ALA A 92 -22.72 23.78 32.77
CA ALA A 92 -21.83 23.39 33.85
C ALA A 92 -22.18 22.00 34.38
N TRP A 93 -23.48 21.73 34.56
CA TRP A 93 -23.90 20.42 35.03
C TRP A 93 -23.49 19.33 34.05
N LEU A 94 -23.69 19.57 32.75
CA LEU A 94 -23.32 18.57 31.74
C LEU A 94 -21.82 18.32 31.74
N GLU A 95 -21.01 19.39 31.81
CA GLU A 95 -19.56 19.22 31.83
C GLU A 95 -19.11 18.43 33.04
N ARG A 96 -19.63 18.80 34.22
CA ARG A 96 -19.22 18.14 35.45
C ARG A 96 -19.60 16.66 35.44
N THR A 97 -20.84 16.38 35.02
CA THR A 97 -21.38 14.99 34.95
C THR A 97 -20.60 14.19 33.91
N MET A 98 -20.29 14.81 32.76
CA MET A 98 -19.52 14.14 31.68
C MET A 98 -18.13 13.80 32.20
N ARG A 99 -17.53 14.70 32.98
CA ARG A 99 -16.17 14.49 33.54
C ARG A 99 -16.23 13.39 34.61
N SER A 100 -17.33 13.33 35.37
CA SER A 100 -17.48 12.33 36.41
C SER A 100 -17.53 10.92 35.84
N VAL A 101 -18.08 10.75 34.63
CA VAL A 101 -18.12 9.41 34.04
C VAL A 101 -16.84 9.06 33.29
N GLY A 102 -15.98 10.04 32.99
CA GLY A 102 -14.65 9.74 32.47
C GLY A 102 -14.37 10.10 31.03
N LEU A 103 -14.97 11.16 30.51
CA LEU A 103 -14.74 11.59 29.13
C LEU A 103 -13.89 12.87 29.09
N GLU A 104 -13.45 13.20 27.88
CA GLU A 104 -12.83 14.50 27.61
C GLU A 104 -13.90 15.44 27.07
N VAL A 105 -14.15 16.53 27.78
CA VAL A 105 -15.28 17.40 27.51
C VAL A 105 -14.81 18.67 26.79
N TYR A 106 -15.68 19.16 25.90
CA TYR A 106 -15.41 20.36 25.12
C TYR A 106 -16.72 21.10 24.88
N THR A 107 -16.61 22.39 24.54
CA THR A 107 -17.76 23.22 24.24
C THR A 107 -17.52 24.02 22.96
N GLN A 108 -18.60 24.57 22.43
CA GLN A 108 -18.56 25.39 21.22
C GLN A 108 -19.71 26.38 21.25
N SER A 109 -19.41 27.62 20.86
CA SER A 109 -20.42 28.68 20.76
C SER A 109 -20.68 29.00 19.29
N PHE A 110 -21.93 29.35 18.99
CA PHE A 110 -22.31 29.63 17.61
C PHE A 110 -23.42 30.68 17.58
N SER A 111 -23.52 31.37 16.44
CA SER A 111 -24.53 32.40 16.25
C SER A 111 -24.72 32.64 14.76
N ARG A 112 -25.91 33.13 14.39
CA ARG A 112 -26.17 33.51 13.01
C ARG A 112 -27.36 34.45 12.94
N LYS A 113 -27.51 35.09 11.78
CA LYS A 113 -28.61 36.00 11.50
C LYS A 113 -29.51 35.38 10.43
N LEU A 114 -30.82 35.34 10.69
CA LEU A 114 -31.75 34.72 9.76
C LEU A 114 -32.24 35.72 8.72
N PRO A 115 -32.57 35.25 7.51
CA PRO A 115 -33.05 36.17 6.47
C PRO A 115 -34.33 36.91 6.83
N PHE A 116 -35.23 36.28 7.58
CA PHE A 116 -36.43 36.94 8.06
C PHE A 116 -36.92 36.21 9.30
N PRO A 117 -37.73 36.87 10.14
CA PRO A 117 -38.24 36.19 11.34
C PRO A 117 -39.05 34.95 10.99
N ASP A 118 -38.93 33.93 11.84
CA ASP A 118 -39.53 32.63 11.62
C ASP A 118 -40.70 32.48 12.59
N GLU A 119 -41.89 32.23 12.05
CA GLU A 119 -43.06 32.04 12.89
C GLU A 119 -43.12 30.63 13.45
N THR A 120 -42.70 29.63 12.66
CA THR A 120 -42.87 28.23 13.08
C THR A 120 -42.05 27.92 14.32
N HIS A 121 -40.80 28.37 14.37
CA HIS A 121 -39.92 28.10 15.50
C HIS A 121 -39.70 29.31 16.40
N GLU A 122 -40.16 30.49 15.99
CA GLU A 122 -40.03 31.73 16.75
C GLU A 122 -38.56 32.05 17.06
N ARG A 123 -37.81 32.29 15.98
CA ARG A 123 -36.42 32.70 16.07
C ARG A 123 -36.16 33.80 15.05
N TYR A 124 -35.37 34.80 15.42
CA TYR A 124 -34.80 35.73 14.45
C TYR A 124 -33.29 35.72 14.44
N MET A 125 -32.64 35.93 15.59
CA MET A 125 -31.20 35.83 15.73
C MET A 125 -30.89 34.81 16.81
N VAL A 126 -30.14 33.78 16.45
CA VAL A 126 -29.99 32.59 17.28
C VAL A 126 -28.54 32.49 17.76
N SER A 127 -28.37 32.22 19.05
CA SER A 127 -27.07 31.94 19.64
C SER A 127 -27.21 30.79 20.63
N GLY A 128 -26.20 29.93 20.67
CA GLY A 128 -26.25 28.79 21.56
C GLY A 128 -24.89 28.15 21.71
N THR A 129 -24.87 27.06 22.48
CA THR A 129 -23.64 26.33 22.76
C THR A 129 -23.87 24.84 22.66
N ASN A 130 -22.87 24.12 22.14
CA ASN A 130 -22.88 22.67 22.06
C ASN A 130 -21.82 22.09 22.99
N VAL A 131 -22.17 21.00 23.66
CA VAL A 131 -21.27 20.28 24.56
C VAL A 131 -21.05 18.88 24.00
N TYR A 132 -19.79 18.48 23.89
CA TYR A 132 -19.47 17.14 23.41
C TYR A 132 -18.32 16.54 24.20
N GLY A 133 -18.37 15.22 24.38
CA GLY A 133 -17.36 14.48 25.10
C GLY A 133 -16.81 13.31 24.30
N ILE A 134 -15.53 13.03 24.44
CA ILE A 134 -14.84 12.05 23.60
C ILE A 134 -14.34 10.89 24.45
N LEU A 135 -14.58 9.68 23.97
CA LEU A 135 -14.01 8.46 24.54
C LEU A 135 -12.94 7.95 23.57
N ARG A 136 -11.69 7.89 24.04
CA ARG A 136 -10.57 7.50 23.21
C ARG A 136 -10.34 6.00 23.30
N ALA A 137 -10.21 5.35 22.15
CA ALA A 137 -9.99 3.91 22.10
C ALA A 137 -8.64 3.57 22.72
N PRO A 138 -8.59 2.71 23.75
CA PRO A 138 -7.34 2.56 24.50
C PRO A 138 -6.19 1.93 23.70
N ARG A 139 -6.46 0.95 22.84
CA ARG A 139 -5.40 0.21 22.16
C ARG A 139 -5.22 0.63 20.71
N ALA A 140 -5.59 1.87 20.36
CA ALA A 140 -5.43 2.38 19.01
C ALA A 140 -5.08 3.86 19.08
N ALA A 141 -4.80 4.44 17.92
CA ALA A 141 -4.64 5.87 17.80
C ALA A 141 -5.95 6.51 17.36
N SER A 142 -5.99 7.85 17.32
CA SER A 142 -7.21 8.57 17.00
C SER A 142 -7.31 8.75 15.48
N THR A 143 -7.83 7.72 14.82
CA THR A 143 -7.97 7.73 13.36
C THR A 143 -9.41 7.61 12.88
N GLU A 144 -10.30 6.98 13.64
CA GLU A 144 -11.69 6.78 13.22
C GLU A 144 -12.61 7.05 14.40
N SER A 145 -13.86 7.42 14.10
CA SER A 145 -14.79 7.76 15.22
C SER A 145 -16.25 7.52 14.84
N LEU A 146 -17.04 7.21 15.86
CA LEU A 146 -18.49 7.01 15.77
C LEU A 146 -19.16 8.07 16.64
N VAL A 147 -20.36 8.50 16.23
CA VAL A 147 -21.04 9.62 16.86
C VAL A 147 -22.41 9.18 17.38
N LEU A 148 -22.72 9.56 18.61
CA LEU A 148 -24.03 9.39 19.21
C LEU A 148 -24.51 10.74 19.72
N THR A 149 -25.62 11.24 19.17
CA THR A 149 -26.05 12.61 19.41
C THR A 149 -27.49 12.67 19.87
N VAL A 150 -27.79 13.68 20.68
CA VAL A 150 -29.15 13.97 21.13
C VAL A 150 -29.46 15.43 20.84
N PRO A 151 -30.32 15.72 19.86
CA PRO A 151 -30.69 17.11 19.57
C PRO A 151 -31.77 17.61 20.53
N CYS A 152 -31.49 18.71 21.21
CA CYS A 152 -32.42 19.32 22.15
C CYS A 152 -33.02 20.58 21.56
N GLY A 153 -34.34 20.72 21.71
CA GLY A 153 -35.04 21.93 21.35
C GLY A 153 -35.31 22.80 22.56
N SER A 154 -36.28 23.69 22.40
CA SER A 154 -36.74 24.54 23.50
C SER A 154 -38.10 24.11 24.03
N ASP A 155 -38.50 22.85 23.78
CA ASP A 155 -39.84 22.38 24.09
C ASP A 155 -39.87 21.42 25.27
N SER A 156 -38.82 21.41 26.09
CA SER A 156 -38.74 20.59 27.30
C SER A 156 -38.99 19.11 26.99
N THR A 157 -38.17 18.57 26.10
CA THR A 157 -38.27 17.17 25.71
C THR A 157 -36.87 16.57 25.66
N ASN A 158 -36.83 15.24 25.58
CA ASN A 158 -35.63 14.44 25.39
C ASN A 158 -34.71 14.42 26.61
N SER A 159 -35.25 14.57 27.81
CA SER A 159 -34.42 14.40 29.01
C SER A 159 -34.00 12.95 29.20
N GLN A 160 -34.91 12.01 28.94
CA GLN A 160 -34.59 10.59 29.08
C GLN A 160 -33.55 10.16 28.07
N ALA A 161 -33.52 10.79 26.89
CA ALA A 161 -32.47 10.50 25.92
C ALA A 161 -31.10 10.89 26.47
N VAL A 162 -31.01 12.05 27.13
CA VAL A 162 -29.75 12.47 27.74
C VAL A 162 -29.35 11.51 28.85
N GLY A 163 -30.31 11.10 29.69
CA GLY A 163 -29.99 10.13 30.74
C GLY A 163 -29.46 8.82 30.18
N LEU A 164 -30.10 8.31 29.13
CA LEU A 164 -29.64 7.08 28.50
C LEU A 164 -28.26 7.27 27.89
N LEU A 165 -28.00 8.42 27.27
CA LEU A 165 -26.68 8.71 26.71
C LEU A 165 -25.61 8.65 27.79
N LEU A 166 -25.86 9.29 28.94
CA LEU A 166 -24.85 9.31 30.00
C LEU A 166 -24.63 7.92 30.59
N ALA A 167 -25.72 7.15 30.78
CA ALA A 167 -25.57 5.79 31.28
C ALA A 167 -24.79 4.91 30.32
N LEU A 168 -25.05 5.05 29.01
CA LEU A 168 -24.33 4.26 28.03
C LEU A 168 -22.85 4.64 28.00
N ALA A 169 -22.53 5.93 28.14
CA ALA A 169 -21.13 6.34 28.22
C ALA A 169 -20.45 5.73 29.45
N ALA A 170 -21.13 5.75 30.60
CA ALA A 170 -20.56 5.17 31.80
C ALA A 170 -20.31 3.68 31.63
N HIS A 171 -21.19 2.98 30.91
CA HIS A 171 -20.97 1.56 30.65
C HIS A 171 -19.84 1.33 29.67
N PHE A 172 -19.75 2.16 28.62
CA PHE A 172 -18.75 1.95 27.58
C PHE A 172 -17.34 2.27 28.05
N ARG A 173 -17.20 3.16 29.04
CA ARG A 173 -15.88 3.65 29.42
C ARG A 173 -14.94 2.55 29.90
N GLY A 174 -15.48 1.45 30.44
CA GLY A 174 -14.64 0.46 31.09
C GLY A 174 -14.19 -0.73 30.26
N GLN A 175 -14.28 -0.65 28.94
CA GLN A 175 -13.94 -1.77 28.07
C GLN A 175 -12.63 -1.54 27.35
N ILE A 176 -12.10 -2.62 26.78
CA ILE A 176 -10.80 -2.61 26.11
C ILE A 176 -10.89 -2.83 24.61
N TYR A 177 -12.04 -3.29 24.10
CA TYR A 177 -12.12 -3.79 22.74
C TYR A 177 -12.55 -2.75 21.70
N TRP A 178 -12.53 -1.46 22.03
CA TRP A 178 -12.92 -0.45 21.05
C TRP A 178 -11.79 -0.21 20.06
N ALA A 179 -12.12 -0.21 18.78
CA ALA A 179 -11.17 0.11 17.72
C ALA A 179 -11.37 1.50 17.14
N LYS A 180 -12.40 2.23 17.60
CA LYS A 180 -12.70 3.57 17.13
C LYS A 180 -13.07 4.45 18.32
N ASP A 181 -12.85 5.75 18.18
CA ASP A 181 -13.30 6.70 19.18
C ASP A 181 -14.81 6.88 19.09
N ILE A 182 -15.41 7.31 20.21
CA ILE A 182 -16.84 7.55 20.29
C ILE A 182 -17.06 8.97 20.80
N VAL A 183 -17.93 9.71 20.12
CA VAL A 183 -18.27 11.09 20.49
C VAL A 183 -19.70 11.11 21.00
N PHE A 184 -19.90 11.75 22.16
CA PHE A 184 -21.23 11.93 22.75
C PHE A 184 -21.56 13.41 22.67
N LEU A 185 -22.58 13.75 21.89
CA LEU A 185 -22.86 15.13 21.50
C LEU A 185 -24.27 15.55 21.92
N VAL A 186 -24.36 16.75 22.50
CA VAL A 186 -25.64 17.35 22.88
C VAL A 186 -25.66 18.76 22.30
N THR A 187 -26.67 19.05 21.48
CA THR A 187 -26.76 20.30 20.74
C THR A 187 -27.86 21.19 21.29
N GLU A 188 -27.74 22.49 20.99
CA GLU A 188 -28.52 23.54 21.66
C GLU A 188 -29.87 23.76 21.00
N HIS A 189 -29.89 24.16 19.74
CA HIS A 189 -31.11 24.25 18.96
C HIS A 189 -31.18 23.06 18.02
N ASP A 190 -32.39 22.70 17.61
CA ASP A 190 -32.64 21.36 17.09
C ASP A 190 -31.70 20.97 15.94
N LEU A 191 -31.69 21.71 14.84
CA LEU A 191 -30.86 21.37 13.71
C LEU A 191 -29.82 22.43 13.37
N LEU A 192 -29.88 23.61 13.98
CA LEU A 192 -28.85 24.62 13.76
C LEU A 192 -27.57 24.26 14.49
N GLY A 193 -27.67 23.71 15.69
CA GLY A 193 -26.49 23.27 16.42
C GLY A 193 -25.74 22.16 15.71
N THR A 194 -26.47 21.20 15.14
CA THR A 194 -25.83 20.11 14.42
C THR A 194 -25.08 20.61 13.20
N GLU A 195 -25.69 21.53 12.45
CA GLU A 195 -25.04 22.12 11.28
C GLU A 195 -23.80 22.90 11.68
N ALA A 196 -23.89 23.68 12.75
CA ALA A 196 -22.73 24.44 13.23
C ALA A 196 -21.59 23.50 13.64
N TRP A 197 -21.93 22.43 14.36
CA TRP A 197 -20.89 21.49 14.81
C TRP A 197 -20.22 20.80 13.62
N LEU A 198 -21.01 20.36 12.63
CA LEU A 198 -20.41 19.69 11.49
C LEU A 198 -19.52 20.63 10.68
N GLU A 199 -19.97 21.87 10.47
CA GLU A 199 -19.17 22.84 9.73
C GLU A 199 -17.86 23.15 10.46
N ALA A 200 -17.91 23.31 11.79
CA ALA A 200 -16.68 23.53 12.53
C ALA A 200 -15.78 22.30 12.54
N TYR A 201 -16.37 21.11 12.49
CA TYR A 201 -15.56 19.89 12.52
C TYR A 201 -14.79 19.71 11.22
N HIS A 202 -15.42 19.96 10.08
CA HIS A 202 -14.71 19.75 8.81
C HIS A 202 -13.99 20.99 8.31
N ASP A 203 -14.10 22.12 9.02
CA ASP A 203 -13.43 23.37 8.66
C ASP A 203 -13.84 23.84 7.26
N VAL A 204 -15.15 23.96 7.07
CA VAL A 204 -15.74 24.49 5.85
C VAL A 204 -16.85 25.46 6.23
N ASN A 205 -16.90 26.60 5.53
CA ASN A 205 -17.93 27.61 5.74
C ASN A 205 -18.99 27.48 4.65
N VAL A 206 -19.87 26.49 4.81
CA VAL A 206 -20.87 26.19 3.80
C VAL A 206 -22.04 27.16 3.84
N THR A 207 -22.43 27.62 5.03
CA THR A 207 -23.64 28.40 5.19
C THR A 207 -23.41 29.83 5.64
N GLY A 208 -22.32 30.07 6.37
CA GLY A 208 -21.97 31.42 6.85
C GLY A 208 -22.13 31.55 8.36
N MET A 209 -22.48 30.45 9.04
CA MET A 209 -22.65 30.45 10.51
C MET A 209 -21.31 30.75 11.19
N GLN A 210 -21.34 31.54 12.28
CA GLN A 210 -20.11 31.89 13.03
C GLN A 210 -19.96 30.92 14.21
N SER A 211 -18.72 30.69 14.66
CA SER A 211 -18.47 29.77 15.77
C SER A 211 -17.08 30.01 16.32
N SER A 212 -16.86 29.50 17.53
CA SER A 212 -15.52 29.41 18.10
C SER A 212 -14.80 28.19 17.54
N PRO A 213 -13.48 28.25 17.41
CA PRO A 213 -12.75 27.10 16.85
C PRO A 213 -12.80 25.90 17.78
N LEU A 214 -12.82 24.71 17.18
CA LEU A 214 -12.82 23.48 17.94
C LEU A 214 -11.44 23.16 18.47
N GLN A 215 -11.40 22.58 19.67
CA GLN A 215 -10.15 22.15 20.26
C GLN A 215 -9.97 20.64 20.31
N GLY A 216 -11.05 19.88 20.18
CA GLY A 216 -10.94 18.43 20.20
C GLY A 216 -11.57 17.76 19.00
N ARG A 217 -10.82 16.86 18.36
CA ARG A 217 -11.30 16.07 17.24
C ARG A 217 -10.92 14.62 17.47
N ALA A 218 -11.53 13.73 16.68
CA ALA A 218 -11.36 12.30 16.92
C ALA A 218 -11.11 11.50 15.64
N GLY A 219 -10.69 12.14 14.56
CA GLY A 219 -10.45 11.45 13.31
C GLY A 219 -11.61 11.55 12.35
N ALA A 220 -11.61 10.63 11.38
CA ALA A 220 -12.66 10.59 10.36
C ALA A 220 -13.89 9.87 10.89
N ILE A 221 -15.05 10.49 10.70
CA ILE A 221 -16.31 9.90 11.17
C ILE A 221 -16.78 8.85 10.17
N GLN A 222 -17.19 7.70 10.69
CA GLN A 222 -17.66 6.58 9.88
C GLN A 222 -19.17 6.43 9.87
N ALA A 223 -19.82 6.57 11.02
CA ALA A 223 -21.27 6.41 11.12
C ALA A 223 -21.77 7.23 12.30
N ALA A 224 -23.07 7.51 12.30
CA ALA A 224 -23.68 8.30 13.35
C ALA A 224 -25.11 7.82 13.60
N VAL A 225 -25.58 8.01 14.83
CA VAL A 225 -26.93 7.64 15.23
C VAL A 225 -27.49 8.76 16.11
N ALA A 226 -28.71 9.18 15.81
CA ALA A 226 -29.41 10.20 16.58
C ALA A 226 -30.57 9.58 17.34
N LEU A 227 -30.78 10.01 18.58
CA LEU A 227 -31.75 9.39 19.47
C LEU A 227 -32.72 10.45 19.99
N GLU A 228 -34.02 10.14 19.93
CA GLU A 228 -35.07 10.99 20.47
C GLU A 228 -35.99 10.14 21.34
N LEU A 229 -36.21 10.57 22.57
CA LEU A 229 -36.96 9.76 23.53
C LEU A 229 -37.42 10.64 24.68
N SER A 230 -38.72 10.65 24.97
CA SER A 230 -39.30 11.53 25.98
C SER A 230 -40.19 10.77 26.96
N SER A 231 -39.89 9.50 27.23
CA SER A 231 -40.68 8.74 28.18
C SER A 231 -39.83 7.61 28.76
N ASP A 232 -40.17 7.21 29.99
CA ASP A 232 -39.45 6.12 30.64
C ASP A 232 -39.69 4.79 29.94
N VAL A 233 -40.92 4.55 29.48
CA VAL A 233 -41.26 3.32 28.78
C VAL A 233 -41.57 3.64 27.32
N VAL A 234 -41.59 2.61 26.47
CA VAL A 234 -41.91 2.77 25.05
C VAL A 234 -42.82 1.63 24.65
N THR A 235 -43.58 1.84 23.57
CA THR A 235 -44.38 0.78 22.97
C THR A 235 -43.85 0.35 21.61
N SER A 236 -42.96 1.14 20.99
CA SER A 236 -42.42 0.83 19.67
C SER A 236 -41.28 1.78 19.38
N LEU A 237 -40.47 1.40 18.39
CA LEU A 237 -39.36 2.22 17.91
C LEU A 237 -39.58 2.53 16.44
N ASP A 238 -39.33 3.78 16.05
CA ASP A 238 -39.54 4.25 14.69
C ASP A 238 -38.22 4.76 14.12
N VAL A 239 -38.01 4.52 12.84
CA VAL A 239 -36.74 4.79 12.19
C VAL A 239 -36.97 5.70 10.98
N ALA A 240 -36.00 6.60 10.74
CA ALA A 240 -36.04 7.53 9.63
C ALA A 240 -34.75 7.42 8.83
N VAL A 241 -34.86 7.50 7.51
CA VAL A 241 -33.71 7.30 6.64
C VAL A 241 -33.48 8.42 5.63
N GLU A 242 -34.49 9.21 5.27
CA GLU A 242 -34.33 10.20 4.20
C GLU A 242 -33.64 11.46 4.70
N GLY A 243 -32.76 12.00 3.87
CA GLY A 243 -31.99 13.18 4.23
C GLY A 243 -32.17 14.37 3.31
N LEU A 244 -31.27 15.33 3.42
CA LEU A 244 -31.40 16.58 2.69
C LEU A 244 -31.06 16.38 1.22
N ASN A 245 -31.88 16.99 0.35
CA ASN A 245 -31.80 16.89 -1.10
C ASN A 245 -32.01 15.47 -1.62
N GLY A 246 -32.76 14.66 -0.87
CA GLY A 246 -33.09 13.32 -1.32
C GLY A 246 -31.94 12.34 -1.35
N GLN A 247 -30.99 12.45 -0.42
CA GLN A 247 -29.89 11.50 -0.33
C GLN A 247 -30.23 10.42 0.70
N LEU A 248 -29.66 9.23 0.49
CA LEU A 248 -29.99 8.06 1.29
C LEU A 248 -28.72 7.45 1.88
N PRO A 249 -28.84 6.74 2.99
CA PRO A 249 -27.70 5.98 3.51
C PRO A 249 -27.62 4.58 2.91
N ASN A 250 -26.55 3.88 3.28
CA ASN A 250 -26.38 2.49 2.86
C ASN A 250 -27.44 1.61 3.51
N LEU A 251 -27.92 0.61 2.74
CA LEU A 251 -29.01 -0.23 3.22
C LEU A 251 -28.58 -1.13 4.37
N ASP A 252 -27.27 -1.36 4.52
CA ASP A 252 -26.78 -2.27 5.55
C ASP A 252 -27.05 -1.74 6.95
N LEU A 253 -27.02 -0.43 7.14
CA LEU A 253 -27.33 0.15 8.44
C LEU A 253 -28.77 -0.19 8.86
N LEU A 254 -29.71 -0.05 7.93
CA LEU A 254 -31.10 -0.38 8.20
C LEU A 254 -31.27 -1.88 8.43
N ASN A 255 -30.53 -2.71 7.67
CA ASN A 255 -30.60 -4.14 7.91
C ASN A 255 -30.09 -4.51 9.31
N LEU A 256 -29.02 -3.84 9.75
CA LEU A 256 -28.50 -4.06 11.11
C LEU A 256 -29.54 -3.70 12.17
N PHE A 257 -30.11 -2.55 12.12
CA PHE A 257 -31.12 -2.12 13.08
C PHE A 257 -32.26 -3.13 13.18
N GLN A 258 -32.68 -3.62 12.02
CA GLN A 258 -33.79 -4.61 11.93
C GLN A 258 -33.32 -5.96 12.50
N THR A 259 -32.02 -6.24 12.41
CA THR A 259 -31.45 -7.52 12.92
C THR A 259 -31.39 -7.48 14.45
N PHE A 260 -31.28 -6.28 15.03
CA PHE A 260 -31.22 -6.12 16.50
C PHE A 260 -32.62 -5.90 17.07
N CYS A 261 -33.62 -5.85 16.19
CA CYS A 261 -35.03 -5.63 16.61
C CYS A 261 -35.72 -7.00 16.84
N GLN A 262 -35.35 -8.00 16.04
CA GLN A 262 -35.95 -9.36 16.17
C GLN A 262 -35.30 -10.10 17.33
N LYS A 263 -34.01 -9.82 17.58
CA LYS A 263 -33.26 -10.48 18.70
C LYS A 263 -33.89 -10.08 20.04
N GLY A 264 -34.26 -8.81 20.19
CA GLY A 264 -34.89 -8.31 21.44
C GLY A 264 -36.40 -8.33 21.36
N GLY A 265 -36.95 -8.83 20.24
CA GLY A 265 -38.42 -8.89 20.06
C GLY A 265 -39.08 -7.56 20.31
N LEU A 266 -38.53 -6.48 19.74
CA LEU A 266 -39.09 -5.11 19.91
C LEU A 266 -39.94 -4.76 18.69
N LEU A 267 -41.01 -3.98 18.89
CA LEU A 267 -41.92 -3.57 17.78
C LEU A 267 -41.27 -2.44 16.98
N CYS A 268 -40.72 -2.76 15.82
CA CYS A 268 -40.06 -1.75 14.93
C CYS A 268 -41.08 -1.27 13.89
N THR A 269 -40.93 -0.04 13.40
CA THR A 269 -41.85 0.52 12.39
C THR A 269 -41.10 1.45 11.43
N LEU A 270 -41.61 1.61 10.21
CA LEU A 270 -40.99 2.48 9.18
C LEU A 270 -42.16 3.33 8.70
N GLN A 271 -42.00 4.63 8.77
CA GLN A 271 -42.97 5.69 8.46
C GLN A 271 -44.09 5.79 9.49
N GLY A 272 -43.95 5.11 10.63
CA GLY A 272 -45.03 5.02 11.59
C GLY A 272 -46.06 3.95 11.30
N LYS A 273 -45.77 3.01 10.39
CA LYS A 273 -46.72 1.98 9.99
C LYS A 273 -46.13 0.61 10.28
N LEU A 274 -46.96 -0.27 10.84
CA LEU A 274 -46.56 -1.64 11.12
C LEU A 274 -46.84 -2.52 9.90
N GLN A 275 -45.89 -3.41 9.59
CA GLN A 275 -46.02 -4.26 8.42
C GLN A 275 -46.32 -5.70 8.80
N PRO A 276 -47.00 -6.44 7.93
CA PRO A 276 -47.26 -7.86 8.22
C PRO A 276 -45.98 -8.68 8.13
N GLU A 277 -46.01 -9.84 8.80
CA GLU A 277 -44.88 -10.76 8.73
C GLU A 277 -44.67 -11.27 7.31
N ASP A 278 -45.75 -11.58 6.61
CA ASP A 278 -45.68 -12.04 5.23
C ASP A 278 -46.90 -11.52 4.48
N TRP A 279 -46.80 -11.50 3.16
CA TRP A 279 -47.90 -11.09 2.29
C TRP A 279 -48.93 -12.23 2.28
N THR A 280 -49.74 -12.26 3.34
CA THR A 280 -50.68 -13.36 3.53
C THR A 280 -51.73 -13.40 2.43
N SER A 281 -52.25 -12.25 2.03
CA SER A 281 -53.30 -12.19 1.01
C SER A 281 -53.13 -10.89 0.24
N LEU A 282 -54.18 -10.49 -0.48
CA LEU A 282 -54.16 -9.26 -1.25
C LEU A 282 -54.28 -8.01 -0.38
N ASP A 283 -54.35 -8.15 0.94
CA ASP A 283 -54.41 -6.99 1.83
C ASP A 283 -53.05 -6.31 2.00
N GLY A 284 -51.97 -7.02 1.71
CA GLY A 284 -50.63 -6.46 1.80
C GLY A 284 -50.28 -5.37 0.80
N PRO A 285 -50.66 -5.53 -0.48
CA PRO A 285 -50.30 -4.51 -1.48
C PRO A 285 -50.79 -3.11 -1.15
N LEU A 286 -51.96 -2.96 -0.53
CA LEU A 286 -52.45 -1.63 -0.20
C LEU A 286 -51.52 -0.93 0.78
N GLN A 287 -51.12 -1.63 1.84
CA GLN A 287 -50.20 -1.06 2.82
C GLN A 287 -48.82 -0.79 2.20
N GLY A 288 -48.36 -1.70 1.33
CA GLY A 288 -47.10 -1.46 0.65
C GLY A 288 -47.14 -0.21 -0.21
N LEU A 289 -48.25 0.00 -0.92
CA LEU A 289 -48.40 1.21 -1.73
C LEU A 289 -48.42 2.45 -0.86
N GLN A 290 -49.12 2.39 0.29
CA GLN A 290 -49.15 3.55 1.19
C GLN A 290 -47.75 3.92 1.67
N THR A 291 -46.97 2.92 2.09
CA THR A 291 -45.62 3.18 2.57
C THR A 291 -44.74 3.75 1.45
N LEU A 292 -44.83 3.17 0.26
CA LEU A 292 -44.02 3.66 -0.87
C LEU A 292 -44.35 5.10 -1.20
N LEU A 293 -45.64 5.45 -1.20
CA LEU A 293 -46.05 6.82 -1.50
C LEU A 293 -45.54 7.80 -0.46
N LEU A 294 -45.63 7.43 0.82
CA LEU A 294 -45.13 8.32 1.86
C LEU A 294 -43.63 8.57 1.68
N MET A 295 -42.88 7.51 1.39
CA MET A 295 -41.45 7.68 1.15
C MET A 295 -41.18 8.58 -0.05
N VAL A 296 -41.96 8.40 -1.13
CA VAL A 296 -41.74 9.20 -2.33
C VAL A 296 -41.97 10.68 -2.05
N LEU A 297 -43.06 11.01 -1.35
CA LEU A 297 -43.32 12.41 -1.04
C LEU A 297 -42.23 13.00 -0.14
N ARG A 298 -41.81 12.24 0.88
CA ARG A 298 -40.77 12.75 1.77
C ARG A 298 -39.47 13.01 1.02
N GLN A 299 -39.09 12.10 0.12
CA GLN A 299 -37.86 12.30 -0.63
C GLN A 299 -37.98 13.44 -1.64
N ALA A 300 -39.19 13.67 -2.16
CA ALA A 300 -39.39 14.78 -3.08
C ALA A 300 -39.24 16.12 -2.35
N SER A 301 -39.67 16.19 -1.09
CA SER A 301 -39.57 17.46 -0.36
C SER A 301 -38.12 17.95 -0.26
N GLY A 302 -37.18 17.04 0.03
CA GLY A 302 -35.78 17.40 0.10
C GLY A 302 -35.32 18.00 1.41
N ARG A 303 -36.14 17.95 2.46
CA ARG A 303 -35.88 18.49 3.78
C ARG A 303 -35.09 17.49 4.63
N PRO A 304 -34.26 17.96 5.56
CA PRO A 304 -33.63 17.04 6.52
C PRO A 304 -34.61 16.70 7.62
N HIS A 305 -35.12 15.46 7.60
CA HIS A 305 -36.18 15.08 8.53
C HIS A 305 -35.67 14.79 9.93
N GLY A 306 -34.37 14.86 10.13
CA GLY A 306 -33.80 14.76 11.46
C GLY A 306 -32.37 15.26 11.43
N SER A 307 -31.69 15.06 12.56
CA SER A 307 -30.27 15.43 12.62
C SER A 307 -29.45 14.59 11.66
N HIS A 308 -29.88 13.35 11.42
CA HIS A 308 -29.13 12.44 10.54
C HIS A 308 -29.06 12.96 9.11
N GLY A 309 -30.04 13.74 8.67
CA GLY A 309 -30.07 14.21 7.30
C GLY A 309 -28.90 15.11 6.95
N LEU A 310 -28.47 15.93 7.91
CA LEU A 310 -27.32 16.80 7.69
C LEU A 310 -26.00 16.04 7.63
N PHE A 311 -25.96 14.82 8.16
CA PHE A 311 -24.74 14.02 8.15
C PHE A 311 -24.46 13.41 6.78
N LEU A 312 -25.50 13.24 5.97
CA LEU A 312 -25.38 12.60 4.63
C LEU A 312 -24.48 13.44 3.71
N ARG A 313 -24.36 14.74 4.01
CA ARG A 313 -23.54 15.67 3.18
C ARG A 313 -22.06 15.25 3.23
N TYR A 314 -21.57 14.83 4.40
CA TYR A 314 -20.13 14.48 4.57
C TYR A 314 -19.88 12.98 4.37
N ARG A 315 -20.66 12.30 3.52
CA ARG A 315 -20.45 10.87 3.26
C ARG A 315 -20.36 10.07 4.55
N VAL A 316 -21.24 10.37 5.50
CA VAL A 316 -21.32 9.66 6.78
C VAL A 316 -22.71 9.03 6.87
N GLU A 317 -22.75 7.72 7.08
CA GLU A 317 -24.01 7.01 7.23
C GLU A 317 -24.65 7.37 8.57
N ALA A 318 -25.90 7.83 8.54
CA ALA A 318 -26.56 8.35 9.72
C ALA A 318 -27.95 7.77 9.86
N LEU A 319 -28.36 7.50 11.10
CA LEU A 319 -29.61 6.83 11.41
C LEU A 319 -30.30 7.58 12.55
N THR A 320 -31.62 7.69 12.48
CA THR A 320 -32.41 8.35 13.52
C THR A 320 -33.40 7.36 14.13
N LEU A 321 -33.50 7.37 15.45
CA LEU A 321 -34.35 6.45 16.19
C LEU A 321 -35.25 7.24 17.13
N ARG A 322 -36.56 7.04 17.00
CA ARG A 322 -37.55 7.72 17.84
C ARG A 322 -38.41 6.69 18.55
N GLY A 323 -38.55 6.83 19.86
CA GLY A 323 -39.38 5.94 20.65
C GLY A 323 -40.75 6.53 20.91
N ILE A 324 -41.77 5.68 20.82
CA ILE A 324 -43.18 6.08 20.91
C ILE A 324 -43.86 5.30 22.03
N ASN A 325 -44.62 6.01 22.85
CA ASN A 325 -45.47 5.42 23.88
C ASN A 325 -46.91 5.76 23.51
N SER A 326 -47.70 4.75 23.13
CA SER A 326 -48.96 4.96 22.43
C SER A 326 -50.09 4.09 22.98
N PHE A 327 -50.25 4.06 24.30
CA PHE A 327 -51.37 3.46 25.04
C PHE A 327 -51.61 1.99 24.72
N ARG A 328 -50.73 1.33 23.96
CA ARG A 328 -50.79 -0.13 23.88
C ARG A 328 -50.38 -0.71 25.23
N GLN A 329 -50.97 -1.86 25.57
CA GLN A 329 -50.80 -2.39 26.92
C GLN A 329 -49.36 -2.86 27.17
N TYR A 330 -48.73 -3.45 26.17
CA TYR A 330 -47.37 -3.97 26.38
C TYR A 330 -46.36 -2.83 26.29
N LYS A 331 -45.50 -2.75 27.31
CA LYS A 331 -44.52 -1.69 27.44
C LYS A 331 -43.12 -2.27 27.50
N TYR A 332 -42.16 -1.52 26.97
CA TYR A 332 -40.74 -1.88 27.03
C TYR A 332 -40.00 -0.88 27.92
N ASP A 333 -39.09 -1.40 28.73
CA ASP A 333 -38.31 -0.56 29.65
C ASP A 333 -37.11 0.03 28.91
N LEU A 334 -36.37 0.91 29.60
CA LEU A 334 -35.21 1.57 29.01
C LEU A 334 -34.05 0.62 28.77
N VAL A 335 -33.98 -0.48 29.54
CA VAL A 335 -32.85 -1.40 29.40
C VAL A 335 -32.85 -2.05 28.03
N ALA A 336 -34.04 -2.33 27.48
CA ALA A 336 -34.11 -2.93 26.16
C ALA A 336 -33.57 -2.01 25.08
N VAL A 337 -33.92 -0.72 25.14
CA VAL A 337 -33.41 0.25 24.18
C VAL A 337 -31.90 0.40 24.33
N GLY A 338 -31.42 0.44 25.57
CA GLY A 338 -29.98 0.49 25.80
C GLY A 338 -29.26 -0.70 25.22
N LYS A 339 -29.81 -1.90 25.41
CA LYS A 339 -29.19 -3.11 24.86
C LYS A 339 -29.17 -3.08 23.35
N ALA A 340 -30.25 -2.61 22.72
CA ALA A 340 -30.27 -2.52 21.27
C ALA A 340 -29.19 -1.57 20.75
N LEU A 341 -29.05 -0.40 21.39
CA LEU A 341 -28.01 0.53 20.97
C LEU A 341 -26.61 -0.03 21.20
N GLU A 342 -26.42 -0.74 22.32
CA GLU A 342 -25.13 -1.37 22.60
C GLU A 342 -24.78 -2.39 21.52
N GLY A 343 -25.75 -3.22 21.13
CA GLY A 343 -25.50 -4.18 20.08
C GLY A 343 -25.17 -3.52 18.75
N MET A 344 -25.90 -2.47 18.39
CA MET A 344 -25.62 -1.78 17.13
C MET A 344 -24.20 -1.22 17.11
N PHE A 345 -23.78 -0.57 18.20
CA PHE A 345 -22.45 0.02 18.21
C PHE A 345 -21.36 -1.04 18.25
N ARG A 346 -21.58 -2.14 18.98
CA ARG A 346 -20.62 -3.23 18.99
C ARG A 346 -20.46 -3.85 17.62
N LYS A 347 -21.54 -3.96 16.85
CA LYS A 347 -21.42 -4.51 15.51
C LYS A 347 -20.83 -3.51 14.52
N LEU A 348 -21.01 -2.21 14.76
CA LEU A 348 -20.30 -1.22 13.95
C LEU A 348 -18.82 -1.16 14.25
N ASN A 349 -18.40 -1.60 15.43
CA ASN A 349 -16.96 -1.68 15.74
C ASN A 349 -16.26 -2.71 14.85
N HIS A 350 -16.95 -3.79 14.49
CA HIS A 350 -16.32 -4.91 13.80
C HIS A 350 -16.00 -4.62 12.34
N LEU A 351 -16.48 -3.51 11.79
CA LEU A 351 -16.18 -3.18 10.41
C LEU A 351 -14.69 -2.84 10.24
N LEU A 352 -14.13 -3.29 9.12
CA LEU A 352 -12.73 -3.09 8.75
C LEU A 352 -12.51 -2.06 7.65
N GLU A 353 -13.54 -1.67 6.93
CA GLU A 353 -13.45 -0.68 5.89
C GLU A 353 -14.68 0.19 5.98
N ARG A 354 -14.76 1.19 5.10
CA ARG A 354 -15.98 1.95 4.96
C ARG A 354 -17.08 1.07 4.38
N LEU A 355 -18.33 1.39 4.73
CA LEU A 355 -19.46 0.72 4.11
C LEU A 355 -19.48 1.05 2.63
N HIS A 356 -19.44 0.04 1.75
CA HIS A 356 -19.26 0.25 0.31
C HIS A 356 -19.85 -0.86 -0.55
N GLN A 357 -20.51 -1.85 0.03
CA GLN A 357 -20.94 -3.01 -0.75
C GLN A 357 -22.44 -3.32 -0.83
N SER A 358 -23.39 -2.45 -0.53
CA SER A 358 -24.81 -2.87 -0.70
C SER A 358 -25.48 -2.05 -1.78
N PHE A 359 -26.34 -1.13 -1.38
CA PHE A 359 -27.13 -0.25 -2.28
C PHE A 359 -27.11 1.17 -1.73
N PHE A 360 -27.02 2.16 -2.61
CA PHE A 360 -27.04 3.60 -2.27
C PHE A 360 -28.25 4.31 -2.89
N LEU A 361 -28.95 3.71 -3.87
CA LEU A 361 -30.12 4.26 -4.59
C LEU A 361 -31.18 3.17 -4.55
N TYR A 362 -32.28 3.41 -3.89
CA TYR A 362 -33.27 2.37 -3.64
C TYR A 362 -34.63 2.93 -3.21
N LEU A 363 -35.69 2.13 -3.15
CA LEU A 363 -37.01 2.54 -2.63
C LEU A 363 -37.48 1.47 -1.68
N LEU A 364 -38.31 1.76 -0.69
CA LEU A 364 -38.69 0.88 0.42
C LEU A 364 -40.20 0.76 0.54
N PRO A 365 -40.81 -0.26 -0.08
CA PRO A 365 -42.22 -0.55 0.23
C PRO A 365 -42.44 -1.07 1.64
N GLY A 366 -41.39 -1.54 2.31
CA GLY A 366 -41.51 -2.03 3.68
C GLY A 366 -40.15 -2.04 4.33
N LEU A 367 -40.16 -2.35 5.63
CA LEU A 367 -38.91 -2.39 6.38
C LEU A 367 -37.98 -3.52 5.94
N SER A 368 -38.52 -4.56 5.31
CA SER A 368 -37.72 -5.71 4.89
C SER A 368 -37.90 -6.02 3.41
N ARG A 369 -38.27 -5.01 2.62
CA ARG A 369 -38.40 -5.15 1.18
C ARG A 369 -37.80 -3.92 0.52
N PHE A 370 -37.29 -4.08 -0.69
CA PHE A 370 -36.64 -2.98 -1.38
C PHE A 370 -36.69 -3.18 -2.89
N VAL A 371 -36.49 -2.08 -3.61
CA VAL A 371 -36.41 -2.05 -5.07
C VAL A 371 -35.18 -1.22 -5.44
N SER A 372 -34.37 -1.73 -6.36
CA SER A 372 -33.16 -1.04 -6.78
C SER A 372 -33.42 -0.20 -8.05
N ILE A 373 -32.41 0.58 -8.43
CA ILE A 373 -32.58 1.59 -9.47
C ILE A 373 -32.91 0.97 -10.83
N GLY A 374 -32.24 -0.13 -11.16
CA GLY A 374 -32.45 -0.79 -12.44
C GLY A 374 -33.83 -1.37 -12.63
N LEU A 375 -34.64 -1.40 -11.57
CA LEU A 375 -36.01 -1.86 -11.66
C LEU A 375 -37.03 -0.73 -11.76
N TYR A 376 -36.72 0.47 -11.26
CA TYR A 376 -37.69 1.55 -11.29
C TYR A 376 -37.37 2.66 -12.29
N MET A 377 -36.20 2.65 -12.93
CA MET A 377 -35.93 3.66 -13.97
C MET A 377 -36.87 3.64 -15.18
N PRO A 378 -37.40 2.50 -15.64
CA PRO A 378 -38.31 2.54 -16.79
C PRO A 378 -39.52 3.45 -16.61
N ALA A 379 -39.99 3.65 -15.37
CA ALA A 379 -41.16 4.49 -15.13
C ALA A 379 -40.95 5.91 -15.64
N VAL A 380 -39.73 6.42 -15.56
CA VAL A 380 -39.45 7.75 -16.08
C VAL A 380 -38.98 7.70 -17.53
N GLY A 381 -38.30 6.62 -17.91
CA GLY A 381 -37.92 6.47 -19.31
C GLY A 381 -39.12 6.53 -20.24
N PHE A 382 -40.25 5.94 -19.82
CA PHE A 382 -41.43 5.90 -20.68
C PHE A 382 -41.96 7.31 -20.98
N LEU A 383 -41.95 8.21 -20.00
CA LEU A 383 -42.46 9.57 -20.21
C LEU A 383 -41.48 10.40 -21.04
N LEU A 384 -40.18 10.25 -20.78
CA LEU A 384 -39.21 10.88 -21.66
C LEU A 384 -39.40 10.42 -23.11
N LEU A 385 -39.87 9.20 -23.32
CA LEU A 385 -40.17 8.75 -24.68
C LEU A 385 -41.31 9.57 -25.32
N VAL A 386 -42.34 9.92 -24.53
CA VAL A 386 -43.41 10.77 -25.04
C VAL A 386 -42.85 12.09 -25.52
N LEU A 387 -42.00 12.70 -24.69
CA LEU A 387 -41.42 13.98 -25.08
C LEU A 387 -40.61 13.86 -26.37
N GLY A 388 -39.81 12.79 -26.49
CA GLY A 388 -39.02 12.60 -27.68
C GLY A 388 -39.86 12.41 -28.94
N LEU A 389 -40.94 11.64 -28.83
CA LEU A 389 -41.81 11.43 -30.00
C LEU A 389 -42.44 12.73 -30.46
N LYS A 390 -42.92 13.55 -29.52
CA LYS A 390 -43.53 14.82 -29.92
C LYS A 390 -42.50 15.74 -30.58
N ALA A 391 -41.28 15.79 -30.04
CA ALA A 391 -40.25 16.61 -30.66
C ALA A 391 -39.91 16.13 -32.06
N LEU A 392 -39.84 14.82 -32.26
CA LEU A 392 -39.54 14.26 -33.58
C LEU A 392 -40.61 14.66 -34.59
N GLU A 393 -41.87 14.58 -34.15
CA GLU A 393 -42.99 14.99 -35.01
C GLU A 393 -42.89 16.46 -35.38
N LEU A 394 -42.55 17.32 -34.41
CA LEU A 394 -42.41 18.75 -34.69
C LEU A 394 -41.31 19.01 -35.70
N TRP A 395 -40.17 18.32 -35.57
CA TRP A 395 -39.07 18.46 -36.51
C TRP A 395 -39.50 18.05 -37.92
N MET A 396 -40.23 16.92 -38.02
CA MET A 396 -40.75 16.49 -39.32
C MET A 396 -41.63 17.57 -39.95
N GLN A 397 -42.65 18.04 -39.24
CA GLN A 397 -43.56 19.03 -39.83
C GLN A 397 -42.84 20.33 -40.14
N LEU A 398 -41.84 20.71 -39.34
CA LEU A 398 -41.13 21.94 -39.61
C LEU A 398 -40.32 21.84 -40.90
N HIS A 399 -39.81 20.65 -41.22
CA HIS A 399 -39.09 20.50 -42.49
C HIS A 399 -40.02 20.25 -43.67
N GLU A 400 -41.28 19.91 -43.43
CA GLU A 400 -42.21 19.61 -44.52
C GLU A 400 -42.60 20.88 -45.26
N ALA A 427 -35.02 36.63 -35.07
CA ALA A 427 -36.31 35.98 -35.31
C ALA A 427 -37.37 36.54 -34.37
N SER A 428 -38.37 35.72 -34.05
CA SER A 428 -39.40 36.08 -33.10
C SER A 428 -39.28 35.35 -31.77
N LEU A 429 -38.24 34.55 -31.60
CA LEU A 429 -38.06 33.76 -30.38
C LEU A 429 -37.30 34.49 -29.29
N VAL A 430 -36.57 35.55 -29.62
CA VAL A 430 -35.67 36.18 -28.65
C VAL A 430 -36.45 36.78 -27.49
N ALA A 431 -37.53 37.50 -27.79
CA ALA A 431 -38.31 38.13 -26.73
C ALA A 431 -38.91 37.12 -25.76
N PRO A 432 -39.58 36.05 -26.21
CA PRO A 432 -40.09 35.08 -25.22
C PRO A 432 -39.00 34.48 -24.33
N LEU A 433 -37.88 34.05 -24.91
CA LEU A 433 -36.82 33.43 -24.13
C LEU A 433 -36.25 34.39 -23.10
N LEU A 434 -35.89 35.60 -23.54
CA LEU A 434 -35.29 36.56 -22.63
C LEU A 434 -36.27 36.97 -21.54
N ILE A 435 -37.53 37.22 -21.88
CA ILE A 435 -38.50 37.62 -20.88
C ILE A 435 -38.74 36.51 -19.87
N SER A 436 -38.81 35.26 -20.34
CA SER A 436 -39.03 34.14 -19.44
C SER A 436 -37.88 33.99 -18.45
N GLN A 437 -36.64 34.02 -18.95
CA GLN A 437 -35.51 33.89 -18.03
C GLN A 437 -35.44 35.07 -17.07
N ALA A 438 -35.74 36.28 -17.55
CA ALA A 438 -35.73 37.44 -16.67
C ALA A 438 -36.76 37.31 -15.56
N MET A 439 -37.96 36.81 -15.90
CA MET A 439 -38.98 36.60 -14.87
C MET A 439 -38.53 35.55 -13.87
N GLY A 440 -37.87 34.49 -14.32
CA GLY A 440 -37.34 33.51 -13.39
C GLY A 440 -36.32 34.10 -12.43
N LEU A 441 -35.40 34.92 -12.96
CA LEU A 441 -34.41 35.56 -12.09
C LEU A 441 -35.07 36.52 -11.10
N ALA A 442 -36.09 37.26 -11.53
CA ALA A 442 -36.82 38.13 -10.62
C ALA A 442 -37.50 37.32 -9.52
N LEU A 443 -38.05 36.16 -9.87
CA LEU A 443 -38.66 35.29 -8.87
C LEU A 443 -37.61 34.79 -7.88
N TYR A 444 -36.39 34.54 -8.35
CA TYR A 444 -35.35 34.01 -7.46
C TYR A 444 -34.83 35.09 -6.50
N VAL A 445 -34.60 36.30 -6.99
CA VAL A 445 -33.83 37.29 -6.25
C VAL A 445 -34.72 38.21 -5.41
N LEU A 446 -35.81 38.71 -5.98
CA LEU A 446 -36.56 39.79 -5.37
C LEU A 446 -37.15 39.49 -3.98
N PRO A 447 -37.78 38.34 -3.72
CA PRO A 447 -38.64 38.24 -2.51
C PRO A 447 -37.98 38.57 -1.18
N VAL A 448 -36.74 38.13 -0.95
CA VAL A 448 -36.13 38.36 0.37
C VAL A 448 -35.69 39.81 0.51
N LEU A 449 -34.97 40.33 -0.49
CA LEU A 449 -34.71 41.76 -0.56
C LEU A 449 -36.02 42.50 -0.77
N GLY A 450 -36.01 43.80 -0.47
CA GLY A 450 -37.25 44.55 -0.62
C GLY A 450 -38.37 44.01 0.26
N GLN A 451 -38.03 43.54 1.45
CA GLN A 451 -39.02 43.17 2.46
C GLN A 451 -39.25 44.26 3.48
N HIS A 452 -38.32 45.22 3.59
CA HIS A 452 -38.46 46.38 4.47
C HIS A 452 -39.20 47.51 3.79
N VAL A 453 -38.96 47.72 2.49
CA VAL A 453 -39.68 48.74 1.75
C VAL A 453 -41.17 48.43 1.71
N ALA A 454 -41.52 47.17 1.45
CA ALA A 454 -42.92 46.76 1.43
C ALA A 454 -43.56 46.93 2.79
N THR A 455 -42.82 46.60 3.86
CA THR A 455 -43.34 46.78 5.21
C THR A 455 -43.59 48.25 5.51
N GLN A 456 -42.68 49.12 5.08
CA GLN A 456 -42.84 50.55 5.34
C GLN A 456 -44.03 51.12 4.58
N HIS A 457 -44.16 50.77 3.29
CA HIS A 457 -45.20 51.39 2.48
C HIS A 457 -46.59 50.83 2.75
N PHE A 458 -46.68 49.53 3.01
CA PHE A 458 -47.97 48.86 3.16
C PHE A 458 -48.03 48.12 4.48
N PRO A 459 -49.24 47.94 5.03
CA PRO A 459 -49.37 47.35 6.39
C PRO A 459 -49.41 45.82 6.40
N VAL A 460 -48.24 45.21 6.25
CA VAL A 460 -48.09 43.76 6.35
C VAL A 460 -46.86 43.45 7.20
N ALA A 461 -46.92 42.34 7.94
CA ALA A 461 -45.78 41.88 8.73
C ALA A 461 -44.70 41.29 7.83
N GLU A 462 -43.46 41.29 8.34
CA GLU A 462 -42.30 41.01 7.51
C GLU A 462 -42.36 39.62 6.88
N ALA A 463 -42.72 38.61 7.68
CA ALA A 463 -42.62 37.23 7.22
C ALA A 463 -43.56 36.95 6.04
N GLU A 464 -44.78 37.48 6.09
CA GLU A 464 -45.75 37.22 5.04
C GLU A 464 -45.48 38.06 3.79
N ALA A 465 -44.67 39.12 3.92
CA ALA A 465 -44.35 39.96 2.78
C ALA A 465 -43.57 39.19 1.72
N VAL A 466 -42.66 38.32 2.15
CA VAL A 466 -41.89 37.51 1.21
C VAL A 466 -42.82 36.60 0.41
N VAL A 467 -43.75 35.95 1.09
CA VAL A 467 -44.69 35.04 0.42
C VAL A 467 -45.57 35.83 -0.55
N LEU A 468 -46.05 36.99 -0.13
CA LEU A 468 -46.89 37.79 -1.01
C LEU A 468 -46.13 38.28 -2.23
N THR A 469 -44.85 38.64 -2.08
CA THR A 469 -44.04 39.00 -3.23
C THR A 469 -43.86 37.82 -4.17
N LEU A 470 -43.65 36.62 -3.62
CA LEU A 470 -43.56 35.43 -4.46
C LEU A 470 -44.83 35.24 -5.28
N LEU A 471 -45.99 35.31 -4.63
CA LEU A 471 -47.25 35.13 -5.33
C LEU A 471 -47.46 36.21 -6.38
N ALA A 472 -47.12 37.47 -6.05
CA ALA A 472 -47.33 38.56 -6.97
C ALA A 472 -46.48 38.40 -8.23
N ILE A 473 -45.21 38.01 -8.07
CA ILE A 473 -44.35 37.82 -9.24
C ILE A 473 -44.82 36.63 -10.05
N TYR A 474 -45.25 35.56 -9.38
CA TYR A 474 -45.79 34.40 -10.08
C TYR A 474 -46.97 34.80 -10.96
N ALA A 475 -47.90 35.59 -10.40
CA ALA A 475 -49.06 36.04 -11.18
C ALA A 475 -48.66 36.98 -12.30
N ALA A 476 -47.73 37.90 -12.03
CA ALA A 476 -47.30 38.86 -13.03
C ALA A 476 -46.60 38.19 -14.21
N GLY A 477 -46.03 37.01 -14.00
CA GLY A 477 -45.45 36.27 -15.11
C GLY A 477 -46.46 35.89 -16.18
N LEU A 478 -47.71 35.65 -15.77
CA LEU A 478 -48.71 35.13 -16.71
C LEU A 478 -49.17 36.18 -17.71
N ALA A 479 -49.43 37.40 -17.24
CA ALA A 479 -49.85 38.48 -18.13
C ALA A 479 -48.68 38.86 -19.04
N LEU A 480 -48.74 38.45 -20.30
CA LEU A 480 -47.63 38.68 -21.22
C LEU A 480 -47.54 40.17 -21.56
N PRO A 481 -46.45 40.85 -21.20
CA PRO A 481 -46.39 42.30 -21.47
C PRO A 481 -46.09 42.63 -22.91
N HIS A 482 -45.20 41.88 -23.57
CA HIS A 482 -44.81 42.21 -24.93
C HIS A 482 -45.87 41.85 -25.95
N ASN A 483 -46.81 40.98 -25.60
CA ASN A 483 -47.91 40.67 -26.49
C ASN A 483 -48.96 41.77 -26.54
N THR A 484 -48.88 42.75 -25.64
CA THR A 484 -49.74 43.93 -25.75
C THR A 484 -49.37 44.76 -26.96
N HIS A 485 -48.08 44.83 -27.29
CA HIS A 485 -47.63 45.57 -28.46
C HIS A 485 -48.23 44.98 -29.72
N ARG A 486 -48.74 45.86 -30.58
CA ARG A 486 -49.41 45.43 -31.80
C ARG A 486 -49.07 46.36 -32.98
N PRO A 493 -45.88 32.80 -37.60
CA PRO A 493 -47.02 31.89 -37.71
C PRO A 493 -46.66 30.44 -37.37
N ASP A 494 -46.86 29.52 -38.32
CA ASP A 494 -46.66 28.10 -38.04
C ASP A 494 -45.24 27.82 -37.60
N ARG A 495 -44.26 28.32 -38.34
CA ARG A 495 -42.87 28.03 -38.04
C ARG A 495 -42.46 28.58 -36.67
N GLY A 496 -42.95 29.76 -36.31
CA GLY A 496 -42.53 30.37 -35.05
C GLY A 496 -42.89 29.53 -33.85
N TRP A 497 -44.17 29.17 -33.73
CA TRP A 497 -44.59 28.39 -32.58
C TRP A 497 -44.14 26.95 -32.67
N MET A 498 -43.99 26.40 -33.88
CA MET A 498 -43.43 25.05 -33.97
C MET A 498 -41.99 25.01 -33.48
N ALA A 499 -41.16 26.00 -33.85
CA ALA A 499 -39.80 26.06 -33.37
C ALA A 499 -39.76 26.29 -31.86
N LEU A 500 -40.63 27.18 -31.36
CA LEU A 500 -40.67 27.43 -29.91
C LEU A 500 -41.01 26.15 -29.16
N LYS A 501 -41.99 25.39 -29.64
CA LYS A 501 -42.38 24.15 -28.96
C LYS A 501 -41.26 23.12 -29.02
N LEU A 502 -40.56 23.02 -30.16
CA LEU A 502 -39.45 22.08 -30.25
C LEU A 502 -38.37 22.41 -29.20
N VAL A 503 -38.00 23.68 -29.11
CA VAL A 503 -36.98 24.10 -28.14
C VAL A 503 -37.45 23.79 -26.72
N ALA A 504 -38.70 24.12 -26.41
CA ALA A 504 -39.22 23.90 -25.06
C ALA A 504 -39.24 22.42 -24.70
N LEU A 505 -39.63 21.57 -25.64
CA LEU A 505 -39.68 20.13 -25.36
C LEU A 505 -38.28 19.58 -25.07
N ILE A 506 -37.29 19.98 -25.88
CA ILE A 506 -35.93 19.49 -25.63
C ILE A 506 -35.44 19.96 -24.26
N TYR A 507 -35.70 21.22 -23.93
CA TYR A 507 -35.25 21.78 -22.64
C TYR A 507 -35.89 21.03 -21.47
N LEU A 508 -37.20 20.78 -21.55
CA LEU A 508 -37.90 20.08 -20.47
C LEU A 508 -37.38 18.66 -20.31
N ALA A 509 -37.14 17.96 -21.43
CA ALA A 509 -36.61 16.60 -21.34
C ALA A 509 -35.24 16.60 -20.66
N LEU A 510 -34.37 17.53 -21.03
CA LEU A 510 -33.07 17.65 -20.38
C LEU A 510 -33.22 17.81 -18.87
N GLN A 511 -34.03 18.78 -18.46
CA GLN A 511 -34.17 19.07 -17.03
C GLN A 511 -34.72 17.86 -16.27
N LEU A 512 -35.77 17.26 -16.85
CA LEU A 512 -36.45 16.08 -16.24
C LEU A 512 -35.42 14.98 -15.93
N GLY A 513 -34.63 14.59 -16.93
CA GLY A 513 -33.63 13.52 -16.75
C GLY A 513 -32.57 13.90 -15.72
N CYS A 514 -32.09 15.15 -15.75
CA CYS A 514 -31.06 15.62 -14.79
C CYS A 514 -31.64 15.58 -13.37
N ILE A 515 -32.89 16.01 -13.21
CA ILE A 515 -33.58 16.04 -11.89
C ILE A 515 -33.73 14.60 -11.37
N ALA A 516 -34.07 13.66 -12.26
CA ALA A 516 -34.27 12.24 -11.88
C ALA A 516 -32.96 11.66 -11.34
N LEU A 517 -31.83 12.00 -11.96
CA LEU A 517 -30.50 11.50 -11.52
C LEU A 517 -30.22 11.98 -10.10
N THR A 518 -30.57 13.23 -9.80
CA THR A 518 -30.34 13.83 -8.45
C THR A 518 -31.33 13.23 -7.44
N ASN A 519 -32.62 13.23 -7.78
CA ASN A 519 -33.67 12.69 -6.86
C ASN A 519 -34.77 12.06 -7.71
N PHE A 520 -34.91 10.74 -7.65
CA PHE A 520 -35.88 10.04 -8.48
C PHE A 520 -37.31 10.50 -8.20
N SER A 521 -37.66 10.67 -6.92
CA SER A 521 -39.04 10.99 -6.56
C SER A 521 -39.47 12.34 -7.14
N LEU A 522 -38.60 13.34 -7.02
CA LEU A 522 -38.91 14.67 -7.55
C LEU A 522 -39.11 14.63 -9.05
N GLY A 523 -38.20 13.98 -9.77
CA GLY A 523 -38.31 13.91 -11.21
C GLY A 523 -39.54 13.17 -11.67
N PHE A 524 -39.84 12.03 -11.02
CA PHE A 524 -41.02 11.25 -11.40
C PHE A 524 -42.30 12.04 -11.15
N LEU A 525 -42.39 12.72 -10.01
CA LEU A 525 -43.58 13.51 -9.70
C LEU A 525 -43.76 14.65 -10.71
N LEU A 526 -42.69 15.39 -10.99
CA LEU A 526 -42.77 16.50 -11.94
C LEU A 526 -43.12 15.99 -13.33
N ALA A 527 -42.55 14.87 -13.75
CA ALA A 527 -42.85 14.32 -15.06
C ALA A 527 -44.31 13.92 -15.17
N THR A 528 -44.80 13.15 -14.19
CA THR A 528 -46.18 12.68 -14.25
C THR A 528 -47.18 13.82 -14.17
N THR A 529 -46.78 14.98 -13.64
CA THR A 529 -47.72 16.09 -13.69
C THR A 529 -47.58 16.96 -14.93
N MET A 530 -46.38 17.05 -15.54
CA MET A 530 -46.15 18.08 -16.55
C MET A 530 -46.04 17.57 -17.98
N VAL A 531 -45.76 16.29 -18.20
CA VAL A 531 -45.60 15.78 -19.57
C VAL A 531 -46.88 15.89 -20.39
N PRO A 532 -48.03 15.36 -19.93
CA PRO A 532 -49.20 15.33 -20.82
C PRO A 532 -49.72 16.70 -21.22
N THR A 533 -49.64 17.69 -20.33
CA THR A 533 -50.16 19.01 -20.66
C THR A 533 -49.20 19.78 -21.56
N ALA A 534 -47.90 19.59 -21.40
CA ALA A 534 -46.95 20.20 -22.33
C ALA A 534 -47.00 19.54 -23.69
N ALA A 535 -47.45 18.28 -23.76
CA ALA A 535 -47.55 17.60 -25.05
C ALA A 535 -48.75 18.04 -25.88
N LEU A 536 -49.66 18.86 -25.33
CA LEU A 536 -50.91 19.18 -26.00
C LEU A 536 -51.09 20.65 -26.36
N ALA A 537 -50.11 21.51 -26.11
CA ALA A 537 -50.29 22.95 -26.29
C ALA A 537 -50.28 23.30 -27.77
N LYS A 538 -51.37 23.90 -28.25
CA LYS A 538 -51.50 24.33 -29.64
C LYS A 538 -52.32 25.62 -29.70
N PRO A 539 -51.87 26.61 -30.48
CA PRO A 539 -52.62 27.88 -30.56
C PRO A 539 -53.98 27.75 -31.21
N HIS A 540 -54.25 26.70 -31.98
CA HIS A 540 -55.53 26.51 -32.65
C HIS A 540 -56.27 25.34 -32.04
N GLY A 541 -57.54 25.55 -31.72
CA GLY A 541 -58.37 24.52 -31.14
C GLY A 541 -59.16 25.00 -29.95
N PRO A 542 -59.39 24.11 -28.98
CA PRO A 542 -60.04 24.52 -27.73
C PRO A 542 -59.06 25.19 -26.77
N ARG A 543 -58.83 26.49 -26.95
CA ARG A 543 -57.80 27.19 -26.17
C ARG A 543 -58.19 27.33 -24.70
N THR A 544 -59.48 27.48 -24.41
CA THR A 544 -59.89 27.59 -23.01
C THR A 544 -59.56 26.33 -22.24
N LEU A 545 -59.82 25.16 -22.84
CA LEU A 545 -59.49 23.91 -22.18
C LEU A 545 -57.98 23.81 -21.95
N TYR A 546 -57.19 24.12 -22.98
CA TYR A 546 -55.74 24.00 -22.87
C TYR A 546 -55.19 24.94 -21.81
N ALA A 547 -55.74 26.15 -21.72
CA ALA A 547 -55.32 27.07 -20.67
C ALA A 547 -55.68 26.57 -19.29
N ALA A 548 -56.90 26.02 -19.13
CA ALA A 548 -57.28 25.47 -17.83
C ALA A 548 -56.40 24.30 -17.43
N LEU A 549 -55.99 23.47 -18.38
CA LEU A 549 -55.07 22.36 -18.09
C LEU A 549 -53.66 22.84 -17.81
N LEU A 550 -53.20 23.91 -18.48
CA LEU A 550 -51.86 24.42 -18.21
C LEU A 550 -51.77 25.10 -16.85
N VAL A 551 -52.84 25.78 -16.41
CA VAL A 551 -52.80 26.46 -15.13
C VAL A 551 -52.75 25.46 -13.98
N LEU A 552 -53.47 24.34 -14.10
CA LEU A 552 -53.60 23.39 -13.01
C LEU A 552 -52.40 22.46 -12.86
N THR A 553 -51.42 22.51 -13.77
CA THR A 553 -50.24 21.67 -13.66
C THR A 553 -48.95 22.49 -13.57
N SER A 554 -49.05 23.76 -13.19
CA SER A 554 -47.85 24.55 -12.98
C SER A 554 -47.14 24.10 -11.71
N PRO A 555 -45.86 24.44 -11.55
CA PRO A 555 -45.13 24.01 -10.35
C PRO A 555 -45.77 24.45 -9.03
N ALA A 556 -46.67 25.43 -9.05
CA ALA A 556 -47.34 25.86 -7.82
C ALA A 556 -48.55 25.01 -7.48
N ALA A 557 -49.28 24.50 -8.47
CA ALA A 557 -50.43 23.65 -8.20
C ALA A 557 -49.99 22.24 -7.79
N THR A 558 -48.87 21.78 -8.34
CA THR A 558 -48.28 20.52 -7.93
C THR A 558 -48.07 20.45 -6.42
N LEU A 559 -47.59 21.55 -5.84
CA LEU A 559 -47.30 21.58 -4.40
C LEU A 559 -48.59 21.47 -3.58
N LEU A 560 -49.64 22.18 -3.98
CA LEU A 560 -50.92 22.09 -3.26
C LEU A 560 -51.49 20.68 -3.34
N GLY A 561 -51.46 20.08 -4.54
CA GLY A 561 -51.93 18.72 -4.67
C GLY A 561 -51.14 17.74 -3.82
N SER A 562 -49.82 17.91 -3.79
CA SER A 562 -48.98 17.03 -2.99
C SER A 562 -49.26 17.19 -1.49
N LEU A 563 -49.51 18.41 -1.03
CA LEU A 563 -49.86 18.61 0.37
C LEU A 563 -51.17 17.91 0.71
N PHE A 564 -52.17 18.03 -0.16
CA PHE A 564 -53.44 17.33 0.09
C PHE A 564 -53.25 15.82 0.11
N LEU A 565 -52.43 15.29 -0.80
CA LEU A 565 -52.16 13.86 -0.80
C LEU A 565 -51.46 13.42 0.48
N TRP A 566 -50.48 14.21 0.93
CA TRP A 566 -49.75 13.87 2.15
C TRP A 566 -50.71 13.81 3.34
N ARG A 567 -51.62 14.79 3.43
CA ARG A 567 -52.58 14.77 4.53
C ARG A 567 -53.53 13.60 4.43
N GLU A 568 -53.94 13.24 3.20
CA GLU A 568 -54.85 12.12 3.03
C GLU A 568 -54.21 10.80 3.43
N LEU A 569 -52.94 10.61 3.08
CA LEU A 569 -52.26 9.36 3.41
C LEU A 569 -52.08 9.20 4.91
N GLN A 570 -51.81 10.30 5.62
CA GLN A 570 -51.63 10.26 7.06
C GLN A 570 -52.91 9.90 7.81
N GLU A 571 -54.04 9.79 7.11
CA GLU A 571 -55.36 9.54 7.67
C GLU A 571 -55.92 10.74 8.43
N ALA A 572 -55.37 11.93 8.20
CA ALA A 572 -55.88 13.16 8.79
C ALA A 572 -56.30 14.11 7.68
N PRO A 573 -57.58 14.14 7.32
CA PRO A 573 -58.03 14.95 6.17
C PRO A 573 -57.89 16.45 6.43
N LEU A 574 -58.13 17.22 5.38
CA LEU A 574 -57.89 18.66 5.36
C LEU A 574 -59.04 19.35 4.64
N SER A 575 -59.27 20.61 5.01
CA SER A 575 -60.27 21.45 4.36
C SER A 575 -59.57 22.49 3.48
N LEU A 576 -60.36 23.40 2.90
CA LEU A 576 -59.81 24.36 1.95
C LEU A 576 -58.96 25.43 2.64
N ALA A 577 -59.48 26.04 3.70
CA ALA A 577 -58.75 27.13 4.36
C ALA A 577 -57.53 26.60 5.11
N GLU A 578 -57.67 25.46 5.79
CA GLU A 578 -56.52 24.83 6.43
C GLU A 578 -55.44 24.53 5.41
N GLY A 579 -55.83 24.05 4.23
CA GLY A 579 -54.87 23.76 3.18
C GLY A 579 -54.16 25.01 2.68
N TRP A 580 -54.90 26.11 2.53
CA TRP A 580 -54.28 27.37 2.10
C TRP A 580 -53.25 27.84 3.12
N GLN A 581 -53.59 27.76 4.41
CA GLN A 581 -52.64 28.15 5.45
C GLN A 581 -51.38 27.28 5.40
N LEU A 582 -51.57 25.97 5.25
CA LEU A 582 -50.43 25.06 5.16
C LEU A 582 -49.57 25.36 3.94
N PHE A 583 -50.21 25.76 2.83
CA PHE A 583 -49.48 26.10 1.61
C PHE A 583 -48.56 27.30 1.83
N LEU A 584 -49.09 28.35 2.47
CA LEU A 584 -48.26 29.52 2.73
C LEU A 584 -47.10 29.17 3.68
N ALA A 585 -47.38 28.35 4.70
CA ALA A 585 -46.32 27.91 5.60
C ALA A 585 -45.24 27.15 4.84
N ALA A 586 -45.64 26.29 3.90
CA ALA A 586 -44.67 25.52 3.13
C ALA A 586 -43.78 26.43 2.29
N LEU A 587 -44.36 27.46 1.66
CA LEU A 587 -43.54 28.38 0.87
C LEU A 587 -42.48 29.07 1.73
N ALA A 588 -42.90 29.58 2.89
CA ALA A 588 -41.94 30.24 3.78
C ALA A 588 -40.83 29.28 4.21
N GLN A 589 -41.21 28.05 4.57
CA GLN A 589 -40.22 27.07 4.99
C GLN A 589 -39.24 26.77 3.88
N GLY A 590 -39.72 26.65 2.64
CA GLY A 590 -38.81 26.37 1.53
C GLY A 590 -37.74 27.42 1.37
N VAL A 591 -38.14 28.70 1.39
CA VAL A 591 -37.15 29.76 1.23
C VAL A 591 -36.17 29.75 2.41
N LEU A 592 -36.70 29.64 3.64
CA LEU A 592 -35.83 29.69 4.82
C LEU A 592 -34.83 28.54 4.84
N GLU A 593 -35.28 27.34 4.44
CA GLU A 593 -34.39 26.19 4.44
C GLU A 593 -33.34 26.28 3.35
N HIS A 594 -33.67 26.84 2.18
CA HIS A 594 -32.62 27.10 1.21
C HIS A 594 -31.56 28.01 1.79
N HIS A 595 -31.98 29.00 2.58
CA HIS A 595 -30.98 29.92 3.11
C HIS A 595 -30.15 29.30 4.24
N THR A 596 -30.74 28.46 5.08
CA THR A 596 -30.02 27.99 6.27
C THR A 596 -29.31 26.65 6.09
N TYR A 597 -29.82 25.73 5.25
CA TYR A 597 -29.22 24.42 5.12
C TYR A 597 -28.61 24.14 3.76
N GLY A 598 -28.94 24.93 2.74
CA GLY A 598 -28.47 24.65 1.40
C GLY A 598 -29.37 23.74 0.59
N ALA A 599 -30.66 23.69 0.91
CA ALA A 599 -31.61 22.94 0.10
C ALA A 599 -31.74 23.57 -1.28
N LEU A 600 -32.02 22.73 -2.27
CA LEU A 600 -31.96 23.16 -3.67
C LEU A 600 -33.31 23.27 -4.34
N LEU A 601 -34.41 23.01 -3.63
CA LEU A 601 -35.71 22.98 -4.30
C LEU A 601 -36.13 24.36 -4.81
N PHE A 602 -35.96 25.39 -3.98
CA PHE A 602 -36.31 26.75 -4.41
C PHE A 602 -35.48 27.23 -5.60
N PRO A 603 -34.15 27.13 -5.61
CA PRO A 603 -33.42 27.51 -6.83
C PRO A 603 -33.81 26.67 -8.03
N LEU A 604 -33.97 25.35 -7.87
CA LEU A 604 -34.34 24.52 -9.02
C LEU A 604 -35.65 24.99 -9.63
N LEU A 605 -36.71 25.07 -8.81
CA LEU A 605 -37.99 25.50 -9.35
C LEU A 605 -37.87 26.89 -9.98
N SER A 606 -37.51 27.90 -9.18
CA SER A 606 -37.60 29.29 -9.63
C SER A 606 -36.70 29.56 -10.83
N LEU A 607 -35.48 29.01 -10.84
CA LEU A 607 -34.54 29.34 -11.89
C LEU A 607 -34.64 28.44 -13.11
N GLY A 608 -35.04 27.18 -12.98
CA GLY A 608 -35.06 26.30 -14.13
C GLY A 608 -36.42 25.91 -14.67
N LEU A 609 -37.39 25.65 -13.80
CA LEU A 609 -38.62 25.01 -14.26
C LEU A 609 -39.74 26.00 -14.52
N TYR A 610 -39.73 27.14 -13.84
CA TYR A 610 -40.73 28.17 -14.11
C TYR A 610 -40.60 28.75 -15.52
N PRO A 611 -39.40 29.13 -16.00
CA PRO A 611 -39.32 29.68 -17.36
C PRO A 611 -39.78 28.72 -18.47
N CYS A 612 -39.55 27.42 -18.33
CA CYS A 612 -39.98 26.48 -19.36
C CYS A 612 -41.50 26.42 -19.45
N TRP A 613 -42.17 26.34 -18.30
CA TRP A 613 -43.62 26.40 -18.29
C TRP A 613 -44.12 27.72 -18.86
N LEU A 614 -43.40 28.81 -18.62
CA LEU A 614 -43.75 30.07 -19.26
C LEU A 614 -43.63 30.00 -20.77
N LEU A 615 -42.59 29.30 -21.26
CA LEU A 615 -42.45 29.15 -22.70
C LEU A 615 -43.63 28.40 -23.30
N PHE A 616 -44.10 27.36 -22.61
CA PHE A 616 -45.29 26.67 -23.10
C PHE A 616 -46.52 27.58 -23.07
N TRP A 617 -46.66 28.39 -22.02
CA TRP A 617 -47.73 29.37 -21.97
C TRP A 617 -47.64 30.36 -23.14
N ASN A 618 -46.42 30.74 -23.51
CA ASN A 618 -46.21 31.59 -24.69
C ASN A 618 -46.66 30.87 -25.96
N VAL A 619 -46.37 29.58 -26.06
CA VAL A 619 -46.77 28.80 -27.23
C VAL A 619 -48.29 28.80 -27.36
N LEU A 620 -49.00 28.61 -26.24
CA LEU A 620 -50.46 28.52 -26.31
C LEU A 620 -51.08 29.84 -26.77
N PHE A 621 -50.49 30.97 -26.37
CA PHE A 621 -51.04 32.29 -26.67
C PHE A 621 -50.11 33.05 -27.62
N TRP A 622 -49.70 32.37 -28.69
CA TRP A 622 -48.55 32.78 -29.51
C TRP A 622 -48.43 34.28 -29.73
N LYS A 623 -49.47 34.92 -30.25
CA LYS A 623 -49.42 36.37 -30.43
C LYS A 623 -50.75 37.03 -30.09
N ARG B 41 14.98 -46.00 12.03
CA ARG B 41 15.08 -46.62 10.71
C ARG B 41 14.79 -45.61 9.61
N SER B 42 14.73 -44.33 9.98
CA SER B 42 14.36 -43.30 9.02
C SER B 42 15.54 -42.91 8.12
N GLY B 43 16.63 -42.44 8.73
CA GLY B 43 17.79 -42.03 7.97
C GLY B 43 17.91 -40.55 7.70
N HIS B 44 17.16 -39.71 8.40
CA HIS B 44 17.27 -38.27 8.30
C HIS B 44 18.06 -37.72 9.49
N THR B 45 18.53 -36.49 9.36
CA THR B 45 19.32 -35.87 10.42
C THR B 45 18.86 -34.47 10.82
N ASN B 46 17.82 -33.92 10.20
CA ASN B 46 17.24 -32.67 10.67
C ASN B 46 15.81 -32.55 10.18
N ASN B 47 15.08 -31.60 10.74
CA ASN B 47 13.65 -31.44 10.50
C ASN B 47 13.32 -29.99 10.24
N TRP B 48 12.37 -29.75 9.34
CA TRP B 48 11.91 -28.41 8.98
C TRP B 48 10.38 -28.39 8.96
N ALA B 49 9.81 -27.19 8.93
CA ALA B 49 8.36 -27.04 8.90
C ALA B 49 8.01 -25.68 8.31
N VAL B 50 6.99 -25.66 7.44
CA VAL B 50 6.47 -24.42 6.85
C VAL B 50 4.97 -24.42 7.09
N LEU B 51 4.49 -23.46 7.89
CA LEU B 51 3.09 -23.36 8.25
C LEU B 51 2.54 -22.01 7.79
N VAL B 52 1.46 -22.05 7.01
CA VAL B 52 0.96 -20.88 6.30
C VAL B 52 -0.54 -20.71 6.55
N CYS B 53 -0.94 -19.47 6.84
CA CYS B 53 -2.34 -19.07 6.95
C CYS B 53 -2.62 -18.00 5.90
N THR B 54 -3.67 -18.21 5.11
CA THR B 54 -3.91 -17.35 3.95
C THR B 54 -5.26 -16.64 4.01
N SER B 55 -5.63 -16.17 5.20
CA SER B 55 -6.92 -15.48 5.43
C SER B 55 -6.70 -13.99 5.68
N ARG B 56 -7.77 -13.27 6.03
CA ARG B 56 -7.71 -11.81 6.29
C ARG B 56 -8.85 -11.38 7.22
N PHE B 57 -8.76 -10.16 7.76
CA PHE B 57 -9.75 -9.52 8.67
C PHE B 57 -9.78 -10.17 10.06
N TRP B 58 -10.83 -9.85 10.82
CA TRP B 58 -11.03 -10.33 12.19
C TRP B 58 -12.03 -11.47 12.27
N PHE B 59 -12.98 -11.54 11.35
CA PHE B 59 -13.96 -12.61 11.39
C PHE B 59 -13.41 -13.94 10.86
N ASN B 60 -12.17 -13.97 10.37
CA ASN B 60 -11.49 -15.19 9.93
C ASN B 60 -10.50 -15.70 10.98
N TYR B 61 -10.92 -15.59 12.24
CA TYR B 61 -10.12 -15.96 13.40
C TYR B 61 -9.68 -17.43 13.37
N ARG B 62 -10.50 -18.30 12.75
CA ARG B 62 -10.32 -19.74 12.84
C ARG B 62 -9.02 -20.22 12.21
N HIS B 63 -8.68 -19.68 11.03
CA HIS B 63 -7.49 -20.14 10.31
C HIS B 63 -6.22 -19.83 11.11
N VAL B 64 -6.15 -18.62 11.66
CA VAL B 64 -5.01 -18.24 12.49
C VAL B 64 -4.93 -19.13 13.72
N ALA B 65 -6.08 -19.44 14.33
CA ALA B 65 -6.06 -20.32 15.50
C ALA B 65 -5.49 -21.69 15.15
N ASN B 66 -5.88 -22.24 14.00
CA ASN B 66 -5.35 -23.54 13.56
C ASN B 66 -3.84 -23.49 13.40
N THR B 67 -3.34 -22.46 12.73
CA THR B 67 -1.90 -22.35 12.53
C THR B 67 -1.16 -22.26 13.86
N LEU B 68 -1.70 -21.48 14.80
CA LEU B 68 -1.05 -21.34 16.10
C LEU B 68 -1.00 -22.67 16.86
N SER B 69 -2.08 -23.46 16.75
CA SER B 69 -2.09 -24.77 17.40
C SER B 69 -0.99 -25.67 16.84
N VAL B 70 -0.82 -25.67 15.52
CA VAL B 70 0.24 -26.49 14.92
C VAL B 70 1.62 -26.01 15.40
N TYR B 71 1.82 -24.70 15.46
CA TYR B 71 3.11 -24.16 15.91
C TYR B 71 3.40 -24.58 17.35
N ARG B 72 2.40 -24.51 18.22
CA ARG B 72 2.59 -24.92 19.61
C ARG B 72 3.00 -26.37 19.70
N SER B 73 2.32 -27.25 18.94
CA SER B 73 2.65 -28.67 19.00
C SER B 73 4.07 -28.94 18.53
N VAL B 74 4.44 -28.41 17.36
CA VAL B 74 5.76 -28.73 16.82
C VAL B 74 6.87 -28.19 17.71
N LYS B 75 6.66 -27.02 18.33
CA LYS B 75 7.67 -26.55 19.28
C LYS B 75 7.76 -27.45 20.50
N ARG B 76 6.61 -27.86 21.04
CA ARG B 76 6.65 -28.70 22.23
C ARG B 76 7.36 -30.02 21.95
N LEU B 77 7.29 -30.52 20.72
CA LEU B 77 7.92 -31.80 20.42
C LEU B 77 9.38 -31.69 19.95
N GLY B 78 9.91 -30.50 19.72
CA GLY B 78 11.35 -30.38 19.58
C GLY B 78 11.95 -29.58 18.44
N ILE B 79 11.16 -29.17 17.45
CA ILE B 79 11.71 -28.47 16.30
C ILE B 79 12.05 -27.04 16.68
N PRO B 80 13.29 -26.59 16.43
CA PRO B 80 13.68 -25.24 16.85
C PRO B 80 13.01 -24.15 16.02
N ASP B 81 12.96 -22.95 16.60
CA ASP B 81 12.28 -21.83 15.98
C ASP B 81 12.99 -21.32 14.73
N SER B 82 14.27 -21.65 14.56
CA SER B 82 15.00 -21.25 13.36
C SER B 82 14.75 -22.19 12.19
N HIS B 83 14.14 -23.34 12.42
CA HIS B 83 13.80 -24.29 11.36
C HIS B 83 12.32 -24.30 11.04
N ILE B 84 11.57 -23.34 11.56
CA ILE B 84 10.15 -23.18 11.26
C ILE B 84 9.96 -21.85 10.54
N VAL B 85 9.32 -21.90 9.38
CA VAL B 85 8.97 -20.70 8.63
C VAL B 85 7.47 -20.49 8.79
N LEU B 86 7.08 -19.51 9.58
CA LEU B 86 5.68 -19.26 9.91
C LEU B 86 5.20 -18.03 9.16
N MET B 87 4.13 -18.18 8.38
CA MET B 87 3.54 -17.09 7.62
C MET B 87 2.09 -16.88 8.07
N LEU B 88 1.80 -15.70 8.59
CA LEU B 88 0.45 -15.35 9.04
C LEU B 88 0.00 -14.10 8.30
N ALA B 89 -1.20 -14.15 7.72
CA ALA B 89 -1.68 -13.07 6.87
C ALA B 89 -2.31 -11.93 7.64
N ASP B 90 -2.77 -12.16 8.86
CA ASP B 90 -3.38 -11.12 9.69
C ASP B 90 -3.09 -11.41 11.16
N ASP B 91 -3.18 -10.36 11.98
CA ASP B 91 -2.91 -10.45 13.40
C ASP B 91 -4.23 -10.49 14.16
N MET B 92 -4.45 -11.56 14.93
CA MET B 92 -5.63 -11.70 15.75
C MET B 92 -5.33 -11.62 17.24
N ALA B 93 -4.06 -11.71 17.65
CA ALA B 93 -3.74 -11.70 19.07
C ALA B 93 -3.74 -10.29 19.64
N CYS B 94 -3.24 -9.31 18.89
CA CYS B 94 -3.21 -7.92 19.31
C CYS B 94 -4.07 -7.04 18.42
N ASN B 95 -5.10 -7.61 17.82
CA ASN B 95 -6.11 -6.81 17.14
C ASN B 95 -6.89 -6.00 18.19
N PRO B 96 -7.15 -4.72 17.93
CA PRO B 96 -7.87 -3.90 18.92
C PRO B 96 -9.27 -4.38 19.22
N ARG B 97 -9.87 -5.22 18.37
CA ARG B 97 -11.18 -5.80 18.65
C ARG B 97 -11.14 -6.96 19.62
N ASN B 98 -9.97 -7.42 20.02
CA ASN B 98 -9.88 -8.63 20.83
C ASN B 98 -10.29 -8.34 22.27
N PRO B 99 -11.33 -8.98 22.80
CA PRO B 99 -11.66 -8.80 24.22
C PRO B 99 -10.56 -9.25 25.18
N LYS B 100 -9.72 -10.20 24.77
CA LYS B 100 -8.59 -10.65 25.57
C LYS B 100 -7.31 -10.45 24.78
N PRO B 101 -6.59 -9.34 24.96
CA PRO B 101 -5.39 -9.10 24.14
C PRO B 101 -4.29 -10.13 24.38
N ALA B 102 -3.54 -10.40 23.32
CA ALA B 102 -2.39 -11.30 23.32
C ALA B 102 -2.77 -12.75 23.62
N THR B 103 -4.00 -13.15 23.27
CA THR B 103 -4.44 -14.53 23.46
C THR B 103 -5.22 -14.97 22.23
N VAL B 104 -5.09 -16.26 21.91
CA VAL B 104 -5.92 -16.92 20.92
C VAL B 104 -6.33 -18.28 21.49
N PHE B 105 -7.62 -18.57 21.46
CA PHE B 105 -8.18 -19.74 22.13
C PHE B 105 -8.73 -20.74 21.12
N SER B 106 -8.74 -22.02 21.53
CA SER B 106 -9.25 -23.09 20.70
C SER B 106 -10.64 -23.58 21.11
N HIS B 107 -10.98 -23.45 22.39
CA HIS B 107 -12.27 -23.90 22.91
C HIS B 107 -12.83 -22.80 23.79
N LYS B 108 -14.16 -22.84 24.00
CA LYS B 108 -14.81 -21.77 24.75
C LYS B 108 -14.56 -21.84 26.25
N ASN B 109 -13.98 -22.94 26.76
CA ASN B 109 -13.61 -22.97 28.16
C ASN B 109 -12.43 -22.05 28.45
N MET B 110 -11.69 -21.67 27.40
CA MET B 110 -10.54 -20.75 27.51
C MET B 110 -9.46 -21.30 28.44
N GLU B 111 -9.17 -22.59 28.32
CA GLU B 111 -8.15 -23.22 29.15
C GLU B 111 -6.84 -23.46 28.42
N LEU B 112 -6.76 -23.19 27.12
CA LEU B 112 -5.53 -23.37 26.37
C LEU B 112 -5.33 -22.19 25.43
N ASN B 113 -4.28 -21.40 25.66
CA ASN B 113 -3.90 -20.32 24.77
C ASN B 113 -2.85 -20.84 23.80
N VAL B 114 -3.15 -20.77 22.50
CA VAL B 114 -2.26 -21.34 21.49
C VAL B 114 -1.28 -20.32 20.92
N TYR B 115 -1.45 -19.03 21.21
CA TYR B 115 -0.45 -18.04 20.84
C TYR B 115 0.78 -18.16 21.73
N GLY B 116 0.57 -18.32 23.03
CA GLY B 116 1.64 -18.65 23.94
C GLY B 116 2.50 -17.45 24.33
N ASP B 117 3.42 -17.70 25.26
CA ASP B 117 4.35 -16.68 25.68
C ASP B 117 5.50 -16.50 24.68
N ASP B 118 5.92 -17.59 24.05
CA ASP B 118 7.09 -17.60 23.17
C ASP B 118 6.64 -17.91 21.75
N VAL B 119 6.81 -16.95 20.85
CA VAL B 119 6.37 -17.08 19.46
C VAL B 119 7.19 -16.14 18.59
N GLU B 120 7.47 -16.59 17.36
CA GLU B 120 8.19 -15.79 16.38
C GLU B 120 7.60 -16.05 15.00
N VAL B 121 7.25 -14.97 14.29
CA VAL B 121 6.65 -15.04 12.97
C VAL B 121 7.60 -14.42 11.95
N ASP B 122 7.82 -15.11 10.83
CA ASP B 122 8.80 -14.63 9.82
C ASP B 122 8.12 -13.68 8.83
N TYR B 123 6.94 -14.06 8.34
CA TYR B 123 6.26 -13.23 7.31
C TYR B 123 5.04 -12.54 7.94
N ARG B 124 4.98 -11.20 7.85
CA ARG B 124 3.87 -10.44 8.49
C ARG B 124 2.67 -10.36 7.54
N SER B 125 1.70 -9.50 7.87
CA SER B 125 0.43 -9.45 7.09
C SER B 125 0.63 -9.08 5.62
N TYR B 126 1.49 -8.12 5.30
CA TYR B 126 1.59 -7.65 3.89
C TYR B 126 2.70 -8.36 3.10
N GLU B 127 3.49 -9.24 3.72
CA GLU B 127 4.50 -10.00 2.94
C GLU B 127 4.05 -11.45 2.70
N VAL B 128 2.79 -11.78 3.00
CA VAL B 128 2.27 -13.14 2.67
C VAL B 128 1.57 -13.07 1.32
N THR B 129 2.10 -13.77 0.31
CA THR B 129 1.51 -13.76 -1.06
C THR B 129 1.82 -15.09 -1.75
N VAL B 130 1.13 -15.41 -2.85
CA VAL B 130 1.44 -16.63 -3.58
C VAL B 130 2.88 -16.61 -4.05
N GLU B 131 3.32 -15.45 -4.55
CA GLU B 131 4.66 -15.32 -5.12
C GLU B 131 5.75 -15.58 -4.10
N ASN B 132 5.62 -15.02 -2.90
CA ASN B 132 6.64 -15.23 -1.87
C ASN B 132 6.67 -16.67 -1.39
N PHE B 133 5.51 -17.30 -1.27
CA PHE B 133 5.46 -18.72 -0.88
C PHE B 133 6.17 -19.59 -1.91
N LEU B 134 5.93 -19.32 -3.19
CA LEU B 134 6.60 -20.07 -4.24
C LEU B 134 8.10 -19.80 -4.25
N ARG B 135 8.51 -18.56 -4.00
CA ARG B 135 9.93 -18.25 -3.90
C ARG B 135 10.59 -19.01 -2.75
N VAL B 136 9.94 -19.04 -1.60
CA VAL B 136 10.49 -19.76 -0.44
C VAL B 136 10.63 -21.24 -0.77
N LEU B 137 9.62 -21.83 -1.42
CA LEU B 137 9.72 -23.25 -1.75
C LEU B 137 10.82 -23.53 -2.77
N THR B 138 10.95 -22.70 -3.80
CA THR B 138 11.88 -22.98 -4.88
C THR B 138 13.28 -22.44 -4.65
N GLY B 139 13.47 -21.58 -3.64
CA GLY B 139 14.77 -21.01 -3.37
C GLY B 139 15.15 -19.82 -4.22
N ARG B 140 14.24 -19.33 -5.07
CA ARG B 140 14.52 -18.19 -5.94
C ARG B 140 14.10 -16.89 -5.25
N ILE B 141 14.87 -16.56 -4.21
CA ILE B 141 14.56 -15.45 -3.31
C ILE B 141 15.47 -14.28 -3.62
N PRO B 142 15.04 -13.05 -3.36
CA PRO B 142 15.91 -11.88 -3.58
C PRO B 142 17.18 -11.99 -2.77
N PRO B 143 18.30 -11.52 -3.33
CA PRO B 143 19.62 -11.78 -2.71
C PRO B 143 19.79 -11.24 -1.30
N SER B 144 19.12 -10.14 -0.94
CA SER B 144 19.32 -9.53 0.36
C SER B 144 18.47 -10.15 1.47
N THR B 145 17.68 -11.17 1.17
CA THR B 145 16.81 -11.77 2.16
C THR B 145 17.64 -12.43 3.27
N PRO B 146 17.27 -12.26 4.53
CA PRO B 146 18.04 -12.86 5.62
C PRO B 146 17.82 -14.36 5.74
N ARG B 147 18.68 -14.97 6.57
CA ARG B 147 18.68 -16.41 6.75
C ARG B 147 17.38 -16.91 7.38
N SER B 148 16.84 -16.18 8.35
CA SER B 148 15.69 -16.66 9.11
C SER B 148 14.45 -16.84 8.23
N LYS B 149 14.41 -16.19 7.07
CA LYS B 149 13.23 -16.19 6.22
C LYS B 149 13.39 -17.07 4.99
N ARG B 150 14.33 -18.00 4.99
CA ARG B 150 14.51 -18.93 3.89
C ARG B 150 14.63 -20.35 4.41
N LEU B 151 14.31 -21.31 3.54
CA LEU B 151 14.28 -22.74 3.86
C LEU B 151 15.56 -23.38 3.34
N LEU B 152 16.47 -23.73 4.23
CA LEU B 152 17.80 -24.22 3.85
C LEU B 152 17.93 -25.70 4.12
N SER B 153 17.03 -26.48 3.56
CA SER B 153 16.99 -27.95 3.63
C SER B 153 17.97 -28.63 2.65
N ASP B 154 18.27 -29.89 2.87
CA ASP B 154 19.17 -30.68 2.04
C ASP B 154 18.67 -32.10 1.86
N ASP B 155 19.51 -33.01 1.41
CA ASP B 155 19.21 -34.44 1.13
C ASP B 155 18.84 -35.23 2.36
N ARG B 156 19.16 -34.77 3.55
CA ARG B 156 18.98 -35.51 4.82
C ARG B 156 17.92 -34.84 5.68
N SER B 157 17.00 -34.10 5.11
CA SER B 157 15.96 -33.35 5.84
C SER B 157 14.52 -33.80 5.63
N ASN B 158 13.74 -34.01 6.70
CA ASN B 158 12.29 -34.31 6.63
C ASN B 158 11.55 -32.98 6.78
N ILE B 159 10.54 -32.70 6.00
CA ILE B 159 9.81 -31.44 5.97
C ILE B 159 8.32 -31.69 6.16
N LEU B 160 7.68 -30.81 6.93
CA LEU B 160 6.24 -30.80 7.14
C LEU B 160 5.66 -29.49 6.61
N ILE B 161 4.60 -29.60 5.80
CA ILE B 161 3.94 -28.43 5.22
C ILE B 161 2.46 -28.49 5.56
N TYR B 162 1.93 -27.39 6.09
CA TYR B 162 0.53 -27.28 6.50
C TYR B 162 -0.06 -25.99 5.95
N MET B 163 -1.28 -26.06 5.42
CA MET B 163 -1.95 -24.93 4.80
C MET B 163 -3.41 -24.87 5.24
N THR B 164 -3.96 -23.66 5.28
CA THR B 164 -5.35 -23.44 5.64
C THR B 164 -5.85 -22.16 4.97
N GLY B 165 -7.14 -22.14 4.66
CA GLY B 165 -7.74 -20.95 4.06
C GLY B 165 -9.04 -21.28 3.36
N HIS B 166 -9.47 -20.35 2.50
CA HIS B 166 -10.67 -20.49 1.68
C HIS B 166 -10.26 -21.08 0.34
N GLY B 167 -10.85 -22.22 -0.03
CA GLY B 167 -10.51 -22.90 -1.26
C GLY B 167 -11.72 -23.47 -1.98
N GLY B 168 -11.45 -24.00 -3.18
CA GLY B 168 -12.47 -24.62 -3.99
C GLY B 168 -11.98 -25.93 -4.60
N ASN B 169 -12.56 -26.31 -5.72
CA ASN B 169 -12.15 -27.54 -6.41
C ASN B 169 -10.91 -27.23 -7.25
N GLY B 170 -9.74 -27.48 -6.68
CA GLY B 170 -8.49 -27.31 -7.39
C GLY B 170 -7.77 -25.99 -7.17
N PHE B 171 -8.14 -25.22 -6.17
CA PHE B 171 -7.46 -23.95 -5.92
C PHE B 171 -7.60 -23.56 -4.46
N LEU B 172 -6.68 -22.70 -4.01
CA LEU B 172 -6.70 -22.11 -2.68
C LEU B 172 -6.44 -20.62 -2.83
N LYS B 173 -7.22 -19.82 -2.11
CA LYS B 173 -7.20 -18.37 -2.27
C LYS B 173 -6.31 -17.71 -1.24
N PHE B 174 -5.48 -16.76 -1.70
CA PHE B 174 -4.60 -15.97 -0.84
C PHE B 174 -5.23 -14.59 -0.71
N GLN B 175 -5.57 -14.25 0.56
CA GLN B 175 -6.36 -13.02 0.89
C GLN B 175 -7.63 -13.15 0.04
N ASP B 176 -7.96 -12.14 -0.75
CA ASP B 176 -9.07 -12.35 -1.68
C ASP B 176 -8.67 -12.13 -3.13
N SER B 177 -7.45 -11.64 -3.41
CA SER B 177 -7.11 -11.16 -4.73
C SER B 177 -6.64 -12.27 -5.66
N GLU B 178 -5.90 -13.24 -5.15
CA GLU B 178 -5.20 -14.20 -5.98
C GLU B 178 -5.48 -15.62 -5.49
N GLU B 179 -4.98 -16.61 -6.24
CA GLU B 179 -5.17 -18.01 -5.93
C GLU B 179 -3.96 -18.80 -6.41
N ILE B 180 -3.79 -19.99 -5.85
CA ILE B 180 -2.76 -20.94 -6.27
C ILE B 180 -3.46 -22.24 -6.66
N THR B 181 -3.08 -22.78 -7.81
CA THR B 181 -3.69 -23.99 -8.33
C THR B 181 -2.85 -25.22 -7.97
N ASN B 182 -3.46 -26.39 -8.14
CA ASN B 182 -2.80 -27.64 -7.78
C ASN B 182 -1.61 -27.94 -8.70
N ILE B 183 -1.70 -27.52 -9.97
CA ILE B 183 -0.62 -27.78 -10.92
C ILE B 183 0.67 -27.07 -10.49
N GLU B 184 0.54 -25.81 -10.05
CA GLU B 184 1.71 -25.04 -9.64
C GLU B 184 2.41 -25.67 -8.44
N LEU B 185 1.63 -26.13 -7.46
CA LEU B 185 2.20 -26.81 -6.29
C LEU B 185 2.89 -28.10 -6.69
N ALA B 186 2.27 -28.89 -7.58
CA ALA B 186 2.91 -30.11 -8.03
C ALA B 186 4.21 -29.84 -8.78
N ASP B 187 4.29 -28.70 -9.48
CA ASP B 187 5.52 -28.35 -10.18
C ASP B 187 6.61 -27.93 -9.20
N ALA B 188 6.24 -27.15 -8.18
CA ALA B 188 7.21 -26.69 -7.19
C ALA B 188 7.82 -27.86 -6.44
N PHE B 189 7.02 -28.88 -6.11
CA PHE B 189 7.59 -30.02 -5.40
C PHE B 189 8.57 -30.82 -6.26
N GLU B 190 8.33 -30.92 -7.57
CA GLU B 190 9.30 -31.56 -8.46
C GLU B 190 10.57 -30.74 -8.58
N GLN B 191 10.44 -29.41 -8.60
CA GLN B 191 11.63 -28.55 -8.56
C GLN B 191 12.45 -28.84 -7.31
N MET B 192 11.78 -29.01 -6.16
CA MET B 192 12.52 -29.33 -4.93
C MET B 192 13.15 -30.72 -4.99
N TRP B 193 12.49 -31.69 -5.62
CA TRP B 193 13.05 -33.03 -5.67
C TRP B 193 14.26 -33.13 -6.60
N GLN B 194 14.27 -32.37 -7.70
CA GLN B 194 15.37 -32.50 -8.66
C GLN B 194 16.70 -32.03 -8.09
N LYS B 195 16.69 -31.07 -7.18
CA LYS B 195 17.90 -30.60 -6.51
C LYS B 195 18.21 -31.37 -5.23
N ARG B 196 17.38 -32.35 -4.87
CA ARG B 196 17.54 -33.14 -3.65
C ARG B 196 17.55 -32.25 -2.41
N ARG B 197 16.46 -31.51 -2.24
CA ARG B 197 16.31 -30.61 -1.10
C ARG B 197 15.37 -31.16 -0.03
N TYR B 198 15.05 -32.45 -0.10
CA TYR B 198 14.36 -33.12 0.99
C TYR B 198 14.63 -34.61 0.90
N ASN B 199 14.35 -35.31 2.00
CA ASN B 199 14.37 -36.77 2.05
C ASN B 199 12.97 -37.35 2.00
N GLU B 200 12.06 -36.84 2.83
CA GLU B 200 10.65 -37.19 2.81
C GLU B 200 9.83 -35.96 3.16
N LEU B 201 8.60 -35.91 2.66
CA LEU B 201 7.74 -34.75 2.83
C LEU B 201 6.33 -35.17 3.22
N LEU B 202 5.71 -34.40 4.12
CA LEU B 202 4.33 -34.62 4.55
C LEU B 202 3.54 -33.35 4.32
N PHE B 203 2.41 -33.46 3.61
CA PHE B 203 1.59 -32.32 3.23
C PHE B 203 0.19 -32.49 3.80
N ILE B 204 -0.28 -31.47 4.51
CA ILE B 204 -1.61 -31.47 5.14
C ILE B 204 -2.33 -30.18 4.77
N ILE B 205 -3.59 -30.30 4.36
CA ILE B 205 -4.42 -29.15 3.99
C ILE B 205 -5.76 -29.27 4.70
N ASP B 206 -6.22 -28.14 5.25
CA ASP B 206 -7.50 -28.03 5.95
C ASP B 206 -8.34 -26.97 5.22
N THR B 207 -9.15 -27.43 4.27
CA THR B 207 -9.97 -26.54 3.45
C THR B 207 -11.19 -27.33 2.98
N CYS B 208 -12.13 -26.64 2.34
CA CYS B 208 -13.27 -27.29 1.69
C CYS B 208 -12.82 -27.86 0.36
N GLN B 209 -13.17 -29.13 0.11
CA GLN B 209 -12.75 -29.86 -1.09
C GLN B 209 -11.22 -29.88 -1.20
N GLY B 210 -10.55 -30.15 -0.07
CA GLY B 210 -9.11 -30.08 -0.03
C GLY B 210 -8.39 -31.22 -0.73
N ALA B 211 -9.10 -32.31 -1.00
CA ALA B 211 -8.48 -33.46 -1.66
C ALA B 211 -8.03 -33.14 -3.08
N SER B 212 -8.59 -32.09 -3.70
CA SER B 212 -8.21 -31.74 -5.06
C SER B 212 -6.77 -31.26 -5.15
N MET B 213 -6.21 -30.78 -4.04
CA MET B 213 -4.90 -30.16 -4.06
C MET B 213 -3.74 -31.16 -4.06
N TYR B 214 -3.97 -32.44 -3.77
CA TYR B 214 -2.90 -33.42 -3.87
C TYR B 214 -3.10 -34.42 -5.00
N GLU B 215 -3.94 -34.12 -5.99
CA GLU B 215 -4.24 -35.10 -7.03
C GLU B 215 -3.14 -35.17 -8.09
N ARG B 216 -2.42 -34.08 -8.30
CA ARG B 216 -1.44 -34.01 -9.39
C ARG B 216 0.00 -34.26 -8.94
N PHE B 217 0.23 -34.67 -7.70
CA PHE B 217 1.58 -34.92 -7.23
C PHE B 217 2.22 -36.08 -7.98
N TYR B 218 3.48 -35.91 -8.38
CA TYR B 218 4.18 -36.98 -9.10
C TYR B 218 5.64 -37.13 -8.69
N SER B 219 6.04 -36.64 -7.49
CA SER B 219 7.41 -36.81 -7.07
C SER B 219 7.53 -37.87 -5.98
N PRO B 220 8.66 -38.56 -5.89
CA PRO B 220 8.80 -39.62 -4.89
C PRO B 220 8.80 -39.10 -3.46
N ASN B 221 8.35 -39.98 -2.55
CA ASN B 221 8.47 -39.78 -1.10
C ASN B 221 7.63 -38.61 -0.60
N ILE B 222 6.37 -38.55 -1.02
CA ILE B 222 5.42 -37.55 -0.53
C ILE B 222 4.17 -38.26 -0.02
N MET B 223 3.75 -37.89 1.18
CA MET B 223 2.53 -38.39 1.81
C MET B 223 1.60 -37.21 2.07
N ALA B 224 0.33 -37.35 1.73
CA ALA B 224 -0.60 -36.23 1.79
C ALA B 224 -1.87 -36.61 2.56
N LEU B 225 -2.39 -35.65 3.32
CA LEU B 225 -3.61 -35.81 4.10
C LEU B 225 -4.52 -34.61 3.87
N ALA B 226 -5.83 -34.85 3.92
CA ALA B 226 -6.80 -33.77 3.70
C ALA B 226 -7.98 -33.94 4.65
N SER B 227 -8.74 -32.86 4.81
CA SER B 227 -9.88 -32.85 5.72
C SER B 227 -11.19 -33.23 5.05
N SER B 228 -11.38 -32.87 3.78
CA SER B 228 -12.64 -33.12 3.08
C SER B 228 -12.37 -33.57 1.66
N GLN B 229 -13.35 -34.24 1.07
CA GLN B 229 -13.27 -34.74 -0.29
C GLN B 229 -13.85 -33.72 -1.26
N VAL B 230 -13.87 -34.09 -2.55
CA VAL B 230 -14.22 -33.13 -3.61
C VAL B 230 -15.68 -32.70 -3.51
N GLY B 231 -16.57 -33.62 -3.18
CA GLY B 231 -17.99 -33.26 -3.10
C GLY B 231 -18.30 -32.30 -1.98
N GLU B 232 -17.87 -32.59 -0.74
CA GLU B 232 -18.03 -31.83 0.55
C GLU B 232 -17.60 -30.37 0.41
N ASP B 233 -18.52 -29.39 0.35
CA ASP B 233 -18.14 -28.02 0.04
C ASP B 233 -18.82 -26.94 0.89
N SER B 234 -19.42 -27.27 2.02
CA SER B 234 -19.97 -26.26 2.92
C SER B 234 -19.10 -26.14 4.16
N LEU B 235 -19.29 -25.05 4.90
CA LEU B 235 -18.51 -24.81 6.11
C LEU B 235 -19.43 -24.42 7.26
N SER B 236 -19.03 -24.83 8.46
CA SER B 236 -19.82 -24.63 9.66
C SER B 236 -19.77 -23.17 10.13
N HIS B 237 -20.75 -22.80 10.95
CA HIS B 237 -20.83 -21.44 11.49
C HIS B 237 -21.52 -21.50 12.85
N GLN B 238 -20.73 -21.55 13.92
CA GLN B 238 -21.21 -21.41 15.29
C GLN B 238 -20.30 -20.43 16.01
N PRO B 239 -20.67 -19.16 16.06
CA PRO B 239 -19.81 -18.15 16.71
C PRO B 239 -19.80 -18.29 18.23
N ASP B 240 -18.65 -18.01 18.82
CA ASP B 240 -18.50 -17.99 20.27
C ASP B 240 -19.02 -16.69 20.85
N PRO B 241 -19.81 -16.72 21.92
CA PRO B 241 -20.36 -15.47 22.48
C PRO B 241 -19.34 -14.50 23.07
N ALA B 242 -18.51 -14.95 24.04
CA ALA B 242 -17.61 -14.02 24.74
C ALA B 242 -16.62 -13.36 23.78
N ILE B 243 -16.05 -14.14 22.86
CA ILE B 243 -15.10 -13.58 21.91
C ILE B 243 -15.83 -12.92 20.73
N GLY B 244 -16.85 -13.57 20.21
CA GLY B 244 -17.65 -13.02 19.13
C GLY B 244 -17.48 -13.69 17.77
N VAL B 245 -16.64 -14.73 17.67
CA VAL B 245 -16.31 -15.33 16.39
C VAL B 245 -16.31 -16.85 16.54
N HIS B 246 -16.23 -17.53 15.39
CA HIS B 246 -16.03 -18.97 15.34
C HIS B 246 -14.57 -19.27 15.64
N LEU B 247 -14.31 -20.17 16.60
CA LEU B 247 -12.97 -20.35 17.12
C LEU B 247 -12.10 -21.23 16.23
N MET B 248 -12.44 -22.51 16.10
CA MET B 248 -11.51 -23.36 15.31
C MET B 248 -12.27 -24.46 14.56
N ASP B 249 -11.66 -24.91 13.47
CA ASP B 249 -12.20 -25.98 12.64
C ASP B 249 -12.05 -27.33 13.34
N ARG B 250 -12.92 -28.28 12.94
CA ARG B 250 -13.05 -29.54 13.69
C ARG B 250 -11.85 -30.45 13.50
N TYR B 251 -11.41 -30.64 12.25
CA TYR B 251 -10.39 -31.64 11.95
C TYR B 251 -9.08 -31.32 12.66
N THR B 252 -8.63 -30.06 12.57
CA THR B 252 -7.40 -29.65 13.25
C THR B 252 -7.58 -29.69 14.76
N PHE B 253 -8.80 -29.46 15.24
CA PHE B 253 -9.07 -29.59 16.67
C PHE B 253 -8.82 -31.02 17.17
N TYR B 254 -9.32 -32.03 16.44
CA TYR B 254 -9.08 -33.40 16.87
C TYR B 254 -7.64 -33.83 16.65
N VAL B 255 -7.01 -33.28 15.59
CA VAL B 255 -5.60 -33.60 15.25
C VAL B 255 -4.68 -33.01 16.34
N LEU B 256 -5.02 -31.83 16.85
CA LEU B 256 -4.22 -31.15 17.91
C LEU B 256 -4.45 -31.87 19.24
N GLU B 257 -5.62 -32.47 19.43
CA GLU B 257 -5.96 -33.20 20.68
C GLU B 257 -5.17 -34.51 20.72
N PHE B 258 -4.87 -35.09 19.55
CA PHE B 258 -4.12 -36.37 19.46
C PHE B 258 -2.61 -36.06 19.52
N LEU B 259 -2.24 -34.80 19.33
CA LEU B 259 -0.81 -34.38 19.36
C LEU B 259 -0.49 -33.80 20.74
N GLU B 260 -1.50 -33.68 21.61
CA GLU B 260 -1.31 -33.14 22.98
C GLU B 260 -0.92 -34.28 23.93
N GLU B 261 -1.22 -35.52 23.54
CA GLU B 261 -0.89 -36.71 24.36
C GLU B 261 0.49 -37.25 23.94
N ILE B 262 0.88 -37.02 22.69
CA ILE B 262 2.19 -37.49 22.17
C ILE B 262 3.31 -36.71 22.84
N ASN B 263 4.35 -37.40 23.32
CA ASN B 263 5.50 -36.76 24.00
C ASN B 263 6.76 -36.92 23.16
N PRO B 264 7.90 -36.29 23.52
CA PRO B 264 9.13 -36.42 22.75
C PRO B 264 9.55 -37.89 22.58
N ALA B 265 9.45 -38.68 23.66
CA ALA B 265 9.82 -40.11 23.62
C ALA B 265 8.58 -40.96 23.35
N SER B 266 7.91 -40.73 22.21
CA SER B 266 6.70 -41.50 21.84
C SER B 266 7.05 -42.54 20.78
N GLN B 267 6.26 -43.61 20.69
CA GLN B 267 6.50 -44.70 19.70
C GLN B 267 5.29 -44.81 18.75
N THR B 268 4.48 -43.74 18.70
CA THR B 268 3.28 -43.72 17.82
C THR B 268 3.71 -43.68 16.35
N ASN B 269 3.04 -44.44 15.50
CA ASN B 269 3.37 -44.49 14.04
C ASN B 269 2.49 -43.48 13.29
N MET B 270 2.54 -43.53 11.95
CA MET B 270 1.73 -42.60 11.11
C MET B 270 0.39 -43.27 10.76
N ASN B 271 0.20 -44.51 11.23
CA ASN B 271 -1.06 -45.27 10.95
C ASN B 271 -2.14 -44.80 11.93
N ASP B 272 -1.74 -44.17 13.04
CA ASP B 272 -2.70 -43.68 14.06
C ASP B 272 -3.19 -42.29 13.66
N LEU B 273 -2.50 -41.52 12.83
CA LEU B 273 -3.07 -40.21 12.46
C LEU B 273 -4.05 -40.43 11.30
N PHE B 274 -3.99 -41.56 10.64
CA PHE B 274 -4.96 -41.88 9.55
C PHE B 274 -6.34 -42.23 10.08
N GLN B 275 -6.50 -42.55 11.36
CA GLN B 275 -7.82 -42.85 11.97
C GLN B 275 -8.37 -41.72 12.84
N VAL B 276 -7.98 -40.47 12.63
CA VAL B 276 -8.38 -39.36 13.54
C VAL B 276 -9.54 -38.61 12.89
N CYS B 277 -10.53 -38.16 13.70
CA CYS B 277 -11.71 -37.39 13.25
C CYS B 277 -12.50 -38.24 12.27
N PRO B 278 -13.12 -39.37 12.67
CA PRO B 278 -13.96 -40.11 11.74
C PRO B 278 -15.24 -39.34 11.38
N LYS B 279 -15.76 -39.49 10.17
CA LYS B 279 -17.08 -38.89 9.83
C LYS B 279 -18.10 -39.41 10.87
N SER B 280 -18.37 -38.63 11.91
CA SER B 280 -19.27 -38.93 13.06
C SER B 280 -18.89 -37.83 14.05
N LEU B 281 -17.61 -37.49 14.12
CA LEU B 281 -17.18 -36.34 14.95
C LEU B 281 -17.09 -35.18 13.97
N CYS B 282 -16.55 -35.42 12.76
CA CYS B 282 -16.67 -34.40 11.71
C CYS B 282 -17.89 -34.77 10.90
N VAL B 283 -18.24 -33.94 9.93
CA VAL B 283 -19.43 -34.21 9.08
C VAL B 283 -18.92 -34.41 7.66
N SER B 284 -17.62 -34.26 7.46
CA SER B 284 -16.94 -34.43 6.16
C SER B 284 -16.07 -35.66 6.32
N THR B 285 -15.40 -36.15 5.26
CA THR B 285 -14.58 -37.39 5.33
C THR B 285 -13.13 -37.11 4.99
N PRO B 286 -12.21 -37.23 5.96
CA PRO B 286 -10.80 -37.15 5.65
C PRO B 286 -10.19 -38.13 4.62
N GLY B 287 -9.21 -37.69 3.82
CA GLY B 287 -8.51 -38.60 2.90
C GLY B 287 -7.02 -38.67 3.01
N HIS B 288 -6.40 -39.71 2.48
CA HIS B 288 -4.92 -39.81 2.40
C HIS B 288 -4.45 -40.42 1.09
N ARG B 289 -3.29 -39.98 0.59
CA ARG B 289 -2.63 -40.56 -0.61
C ARG B 289 -1.22 -41.00 -0.19
N THR B 290 -0.95 -42.30 -0.22
CA THR B 290 0.39 -42.82 0.21
C THR B 290 0.98 -43.79 -0.81
N ASP B 291 0.72 -43.58 -2.11
CA ASP B 291 1.28 -44.46 -3.12
C ASP B 291 2.59 -43.95 -3.71
N LEU B 292 2.98 -42.71 -3.44
CA LEU B 292 4.27 -42.18 -3.84
C LEU B 292 5.34 -42.41 -2.78
N PHE B 293 4.98 -42.99 -1.65
CA PHE B 293 5.84 -43.12 -0.49
C PHE B 293 6.38 -44.55 -0.41
N GLN B 294 7.64 -44.68 0.02
CA GLN B 294 8.36 -45.94 -0.08
C GLN B 294 8.30 -46.79 1.18
N ARG B 295 8.20 -46.19 2.36
CA ARG B 295 8.16 -46.97 3.59
C ARG B 295 6.72 -47.29 3.99
N ASP B 296 6.58 -48.36 4.77
CA ASP B 296 5.28 -48.77 5.30
C ASP B 296 4.86 -47.82 6.42
N PRO B 297 3.63 -47.28 6.40
CA PRO B 297 3.21 -46.37 7.46
C PRO B 297 3.21 -46.98 8.85
N LYS B 298 3.15 -48.30 8.98
CA LYS B 298 3.26 -48.94 10.28
C LYS B 298 4.65 -48.81 10.88
N ASN B 299 5.64 -48.38 10.11
CA ASN B 299 7.01 -48.21 10.58
C ASN B 299 7.46 -46.76 10.58
N VAL B 300 6.54 -45.82 10.37
CA VAL B 300 6.86 -44.39 10.33
C VAL B 300 6.34 -43.75 11.62
N LEU B 301 7.24 -43.22 12.43
CA LEU B 301 6.87 -42.60 13.69
C LEU B 301 6.32 -41.20 13.47
N ILE B 302 5.54 -40.73 14.45
CA ILE B 302 4.99 -39.39 14.39
C ILE B 302 6.09 -38.34 14.53
N THR B 303 7.07 -38.61 15.40
CA THR B 303 8.13 -37.64 15.66
C THR B 303 9.12 -37.52 14.51
N ASP B 304 9.05 -38.40 13.51
CA ASP B 304 9.89 -38.24 12.33
C ASP B 304 9.50 -36.99 11.55
N PHE B 305 8.24 -36.56 11.65
CA PHE B 305 7.78 -35.35 10.99
C PHE B 305 7.31 -34.26 11.93
N PHE B 306 6.95 -34.59 13.17
CA PHE B 306 6.47 -33.59 14.11
C PHE B 306 7.47 -33.24 15.20
N GLY B 307 8.57 -33.98 15.32
CA GLY B 307 9.55 -33.69 16.35
C GLY B 307 10.98 -33.66 15.84
N SER B 308 11.94 -33.63 16.75
CA SER B 308 13.36 -33.61 16.41
C SER B 308 14.10 -34.58 17.33
N VAL B 309 14.44 -35.76 16.83
CA VAL B 309 15.20 -36.75 17.57
C VAL B 309 16.56 -36.89 16.91
N ARG B 310 17.61 -36.59 17.66
CA ARG B 310 18.96 -36.54 17.10
C ARG B 310 19.63 -37.91 17.17
N LYS B 311 20.59 -38.09 16.27
CA LYS B 311 21.48 -39.25 16.31
C LYS B 311 22.75 -38.87 17.05
N VAL B 312 23.10 -39.65 18.07
CA VAL B 312 24.17 -39.29 19.00
C VAL B 312 25.28 -40.33 18.91
N GLU B 313 26.52 -39.85 19.00
CA GLU B 313 27.70 -40.69 18.94
C GLU B 313 28.64 -40.29 20.08
N ILE B 314 28.96 -41.26 20.94
CA ILE B 314 29.95 -41.02 21.99
C ILE B 314 31.31 -40.80 21.36
N THR B 315 32.04 -39.81 21.87
CA THR B 315 33.39 -39.51 21.40
C THR B 315 34.40 -40.17 22.34
N THR B 316 35.29 -40.97 21.78
CA THR B 316 36.29 -41.69 22.55
C THR B 316 37.72 -41.38 22.10
N GLU B 317 37.89 -40.46 21.16
CA GLU B 317 39.20 -40.10 20.65
C GLU B 317 39.61 -38.73 21.19
N THR B 318 40.90 -38.43 21.08
CA THR B 318 41.40 -37.13 21.50
C THR B 318 42.67 -36.80 20.71
N ILE B 319 42.90 -35.51 20.52
CA ILE B 319 44.07 -35.01 19.82
C ILE B 319 45.07 -34.50 20.85
N LYS B 320 46.29 -35.01 20.81
CA LYS B 320 47.30 -34.60 21.79
C LYS B 320 47.73 -33.16 21.54
N LEU B 321 47.73 -32.35 22.61
CA LEU B 321 48.07 -30.95 22.54
C LEU B 321 49.17 -30.64 23.56
N GLN B 322 50.21 -29.94 23.11
CA GLN B 322 51.25 -29.48 24.02
C GLN B 322 50.73 -28.32 24.84
N GLN B 323 51.08 -28.32 26.13
CA GLN B 323 50.58 -27.29 27.05
C GLN B 323 51.32 -25.96 26.83
N MET B 342 44.88 14.17 24.01
CA MET B 342 44.84 15.14 25.11
C MET B 342 43.61 16.03 25.01
N GLU B 343 43.04 16.11 23.81
CA GLU B 343 41.86 16.95 23.61
C GLU B 343 40.62 16.25 24.15
N PRO B 344 39.86 16.88 25.04
CA PRO B 344 38.59 16.28 25.48
C PRO B 344 37.59 16.23 24.33
N LEU B 345 36.72 15.22 24.39
CA LEU B 345 35.66 15.05 23.43
C LEU B 345 34.36 15.67 23.97
N LYS B 346 33.48 16.04 23.04
CA LYS B 346 32.23 16.73 23.46
C LYS B 346 31.02 16.13 22.74
N TYR B 347 29.85 16.38 23.33
CA TYR B 347 28.56 15.93 22.81
C TYR B 347 27.97 16.97 21.87
N ALA B 348 27.12 16.51 20.95
CA ALA B 348 26.50 17.40 19.99
C ALA B 348 25.42 18.25 20.65
N GLU B 349 25.14 19.40 20.03
CA GLU B 349 24.17 20.35 20.54
C GLU B 349 22.84 20.12 19.83
N GLN B 350 21.78 19.92 20.62
CA GLN B 350 20.45 19.73 20.07
C GLN B 350 19.83 21.11 19.80
N LEU B 351 19.39 21.33 18.56
CA LEU B 351 18.73 22.56 18.12
C LEU B 351 19.61 23.80 18.29
N PRO B 352 20.67 23.97 17.48
CA PRO B 352 21.39 25.25 17.46
C PRO B 352 20.74 26.25 16.52
N VAL B 353 20.16 27.32 17.05
CA VAL B 353 19.26 28.16 16.26
C VAL B 353 20.02 29.02 15.26
N ALA B 354 21.07 29.71 15.71
CA ALA B 354 21.79 30.64 14.84
C ALA B 354 22.46 29.91 13.68
N GLN B 355 23.07 28.77 13.96
CA GLN B 355 23.71 27.98 12.90
C GLN B 355 22.69 27.51 11.88
N ILE B 356 21.51 27.08 12.33
CA ILE B 356 20.45 26.67 11.42
C ILE B 356 20.01 27.84 10.55
N ILE B 357 19.88 29.03 11.16
CA ILE B 357 19.46 30.19 10.39
C ILE B 357 20.49 30.55 9.34
N HIS B 358 21.77 30.43 9.65
CA HIS B 358 22.82 30.84 8.73
C HIS B 358 23.29 29.73 7.81
N GLN B 359 22.74 28.52 7.92
CA GLN B 359 23.17 27.44 7.04
C GLN B 359 22.62 27.57 5.62
N LYS B 360 21.69 28.50 5.38
CA LYS B 360 21.09 28.69 4.07
C LYS B 360 21.23 30.15 3.62
N PRO B 361 21.58 30.39 2.35
CA PRO B 361 21.60 31.76 1.86
C PRO B 361 20.20 32.37 1.82
N LYS B 362 20.16 33.69 1.96
CA LYS B 362 18.90 34.40 2.04
C LYS B 362 18.14 34.31 0.71
N LEU B 363 16.82 34.42 0.81
CA LEU B 363 15.93 34.28 -0.34
C LEU B 363 15.78 35.62 -1.04
N LYS B 364 16.22 35.68 -2.30
CA LYS B 364 15.99 36.83 -3.16
C LYS B 364 15.00 36.44 -4.25
N ASP B 365 14.22 37.43 -4.70
CA ASP B 365 13.23 37.16 -5.73
C ASP B 365 13.88 36.86 -7.07
N TRP B 366 13.23 36.00 -7.84
CA TRP B 366 13.75 35.58 -9.13
C TRP B 366 13.48 36.63 -10.20
N HIS B 367 14.45 36.82 -11.08
CA HIS B 367 14.33 37.74 -12.20
C HIS B 367 14.87 37.09 -13.46
N PRO B 368 14.25 37.33 -14.61
CA PRO B 368 14.78 36.80 -15.88
C PRO B 368 16.17 37.35 -16.16
N PRO B 369 17.07 36.52 -16.69
CA PRO B 369 18.41 37.02 -17.03
C PRO B 369 18.36 38.00 -18.18
N GLY B 370 19.30 38.95 -18.15
CA GLY B 370 19.31 40.02 -19.15
C GLY B 370 19.60 39.54 -20.56
N GLY B 371 20.47 38.55 -20.70
CA GLY B 371 20.78 38.03 -22.02
C GLY B 371 19.56 37.47 -22.74
N PHE B 372 18.68 36.82 -21.97
CA PHE B 372 17.43 36.30 -22.55
C PHE B 372 16.58 37.43 -23.09
N ILE B 373 16.49 38.54 -22.34
CA ILE B 373 15.70 39.69 -22.79
C ILE B 373 16.29 40.27 -24.08
N LEU B 374 17.61 40.45 -24.10
CA LEU B 374 18.27 40.99 -25.27
C LEU B 374 18.02 40.10 -26.49
N GLY B 375 18.16 38.78 -26.31
CA GLY B 375 17.92 37.86 -27.41
C GLY B 375 16.49 37.95 -27.93
N LEU B 376 15.51 37.95 -27.01
CA LEU B 376 14.11 38.04 -27.42
C LEU B 376 13.87 39.26 -28.29
N TRP B 377 14.27 40.43 -27.81
CA TRP B 377 13.88 41.65 -28.51
C TRP B 377 14.68 41.80 -29.81
N ALA B 378 15.94 41.37 -29.83
CA ALA B 378 16.70 41.38 -31.07
C ALA B 378 16.03 40.50 -32.12
N LEU B 379 15.59 39.31 -31.71
CA LEU B 379 14.92 38.40 -32.65
C LEU B 379 13.64 39.04 -33.19
N ILE B 380 12.84 39.63 -32.31
CA ILE B 380 11.56 40.20 -32.73
C ILE B 380 11.77 41.32 -33.73
N ILE B 381 12.71 42.23 -33.44
CA ILE B 381 12.92 43.36 -34.34
C ILE B 381 13.55 42.91 -35.64
N MET B 382 14.42 41.88 -35.59
CA MET B 382 14.98 41.34 -36.83
C MET B 382 13.87 40.79 -37.72
N VAL B 383 12.86 40.16 -37.13
CA VAL B 383 11.70 39.72 -37.90
C VAL B 383 10.91 40.91 -38.43
N PHE B 384 10.74 41.95 -37.61
CA PHE B 384 9.95 43.11 -38.02
C PHE B 384 10.59 43.85 -39.19
N PHE B 385 11.91 43.85 -39.28
CA PHE B 385 12.58 44.59 -40.35
C PHE B 385 12.52 43.88 -41.70
N LYS B 386 11.96 42.69 -41.77
CA LYS B 386 11.76 42.02 -43.06
C LYS B 386 10.45 42.44 -43.71
N THR B 387 9.34 42.30 -42.97
CA THR B 387 8.02 42.62 -43.51
C THR B 387 7.78 44.12 -43.65
N TYR B 388 8.60 44.96 -43.02
CA TYR B 388 8.41 46.40 -43.13
C TYR B 388 9.63 47.09 -43.74
N GLY B 389 10.79 46.87 -43.15
CA GLY B 389 12.01 47.53 -43.58
C GLY B 389 12.33 48.76 -42.75
N ALA C 5 -16.57 16.07 -72.24
CA ALA C 5 -15.39 15.25 -72.00
C ALA C 5 -14.81 15.51 -70.62
N ALA C 6 -15.52 16.30 -69.82
CA ALA C 6 -15.10 16.56 -68.46
C ALA C 6 -15.41 15.38 -67.54
N GLY C 7 -16.56 14.74 -67.75
CA GLY C 7 -16.99 13.68 -66.85
C GLY C 7 -16.08 12.47 -66.83
N ALA C 8 -15.60 12.07 -68.01
CA ALA C 8 -14.70 10.92 -68.09
C ALA C 8 -13.39 11.21 -67.36
N ALA C 9 -12.83 12.39 -67.57
CA ALA C 9 -11.59 12.77 -66.89
C ALA C 9 -11.79 12.81 -65.38
N ALA C 10 -12.97 13.26 -64.95
CA ALA C 10 -13.28 13.39 -63.53
C ALA C 10 -13.71 12.09 -62.86
N THR C 11 -14.06 11.08 -63.58
CA THR C 11 -14.23 9.74 -63.05
C THR C 11 -12.89 9.02 -62.98
N HIS C 12 -12.08 9.16 -64.03
CA HIS C 12 -10.76 8.53 -64.06
C HIS C 12 -9.88 9.05 -62.92
N LEU C 13 -9.85 10.37 -62.72
CA LEU C 13 -9.01 10.95 -61.68
C LEU C 13 -9.42 10.45 -60.29
N GLU C 14 -10.73 10.46 -60.02
CA GLU C 14 -11.18 10.04 -58.70
C GLU C 14 -10.92 8.55 -58.45
N VAL C 15 -11.08 7.70 -59.47
CA VAL C 15 -10.77 6.28 -59.31
C VAL C 15 -9.28 6.09 -59.00
N ALA C 16 -8.41 6.80 -59.72
CA ALA C 16 -6.98 6.65 -59.47
C ALA C 16 -6.61 7.09 -58.06
N ARG C 17 -7.18 8.20 -57.59
CA ARG C 17 -6.88 8.69 -56.24
C ARG C 17 -7.34 7.70 -55.18
N GLY C 18 -8.52 7.10 -55.38
CA GLY C 18 -8.97 6.07 -54.44
C GLY C 18 -8.03 4.89 -54.38
N LYS C 19 -7.53 4.45 -55.54
CA LYS C 19 -6.56 3.36 -55.56
C LYS C 19 -5.31 3.73 -54.76
N ARG C 20 -4.81 4.95 -54.96
CA ARG C 20 -3.61 5.36 -54.24
C ARG C 20 -3.82 5.35 -52.73
N ALA C 21 -4.98 5.85 -52.28
CA ALA C 21 -5.26 5.88 -50.84
C ALA C 21 -5.33 4.47 -50.26
N ALA C 22 -5.98 3.55 -50.97
CA ALA C 22 -6.05 2.18 -50.49
C ALA C 22 -4.66 1.56 -50.36
N LEU C 23 -3.80 1.81 -51.35
CA LEU C 23 -2.46 1.26 -51.29
C LEU C 23 -1.66 1.82 -50.11
N PHE C 24 -1.80 3.12 -49.84
CA PHE C 24 -1.14 3.68 -48.65
C PHE C 24 -1.63 2.99 -47.39
N PHE C 25 -2.94 2.79 -47.27
CA PHE C 25 -3.49 2.11 -46.10
C PHE C 25 -2.84 0.74 -45.89
N ALA C 26 -2.85 -0.08 -46.94
CA ALA C 26 -2.32 -1.44 -46.80
C ALA C 26 -0.83 -1.43 -46.47
N ALA C 27 -0.06 -0.58 -47.16
CA ALA C 27 1.38 -0.56 -46.95
C ALA C 27 1.73 -0.16 -45.53
N VAL C 28 1.14 0.94 -45.04
CA VAL C 28 1.46 1.36 -43.67
C VAL C 28 1.02 0.29 -42.68
N ALA C 29 -0.15 -0.32 -42.92
CA ALA C 29 -0.65 -1.34 -42.02
C ALA C 29 0.36 -2.45 -41.84
N ILE C 30 0.75 -3.11 -42.94
CA ILE C 30 1.68 -4.23 -42.76
C ILE C 30 3.01 -3.75 -42.21
N VAL C 31 3.61 -2.73 -42.85
CA VAL C 31 4.98 -2.33 -42.59
C VAL C 31 5.18 -1.82 -41.16
N LEU C 32 4.15 -1.25 -40.54
CA LEU C 32 4.30 -0.87 -39.13
C LEU C 32 3.71 -1.89 -38.18
N GLY C 33 2.48 -2.34 -38.41
CA GLY C 33 1.83 -3.21 -37.45
C GLY C 33 2.54 -4.53 -37.21
N LEU C 34 3.18 -5.10 -38.24
CA LEU C 34 3.80 -6.39 -37.93
C LEU C 34 5.09 -6.19 -37.13
N PRO C 35 6.06 -5.39 -37.60
CA PRO C 35 7.29 -5.20 -36.80
C PRO C 35 7.03 -4.63 -35.41
N LEU C 36 6.09 -3.68 -35.29
CA LEU C 36 5.85 -3.05 -33.99
C LEU C 36 5.30 -4.06 -32.99
N TRP C 37 4.29 -4.82 -33.40
CA TRP C 37 3.72 -5.85 -32.53
C TRP C 37 4.76 -6.91 -32.18
N TRP C 38 5.56 -7.29 -33.17
CA TRP C 38 6.57 -8.33 -32.92
C TRP C 38 7.63 -7.87 -31.93
N LYS C 39 8.07 -6.62 -32.04
CA LYS C 39 9.18 -6.13 -31.24
C LYS C 39 8.75 -5.64 -29.87
N THR C 40 7.49 -5.23 -29.69
CA THR C 40 7.07 -4.74 -28.39
C THR C 40 6.44 -5.80 -27.50
N THR C 41 6.07 -6.96 -28.04
CA THR C 41 5.35 -7.98 -27.29
C THR C 41 6.06 -9.33 -27.34
N GLU C 42 7.39 -9.33 -27.35
CA GLU C 42 8.16 -10.55 -27.50
C GLU C 42 8.86 -10.92 -26.20
N THR C 43 8.94 -12.22 -25.92
CA THR C 43 9.73 -12.73 -24.82
C THR C 43 11.19 -12.81 -25.25
N TYR C 44 12.05 -12.01 -24.61
CA TYR C 44 13.45 -11.95 -24.99
C TYR C 44 14.21 -13.11 -24.34
N ARG C 45 14.82 -13.96 -25.17
CA ARG C 45 15.61 -15.09 -24.70
C ARG C 45 17.01 -14.99 -25.28
N ALA C 46 18.01 -15.07 -24.42
CA ALA C 46 19.40 -15.05 -24.85
C ALA C 46 19.81 -16.43 -25.36
N SER C 47 21.09 -16.62 -25.66
CA SER C 47 21.58 -17.82 -26.30
C SER C 47 22.28 -18.70 -25.28
N LEU C 48 22.03 -20.01 -25.35
CA LEU C 48 22.57 -20.98 -24.42
C LEU C 48 23.21 -22.14 -25.17
N PRO C 49 24.22 -22.79 -24.57
CA PRO C 49 24.91 -23.92 -25.24
C PRO C 49 24.24 -25.27 -24.97
N TYR C 50 23.16 -25.54 -25.71
CA TYR C 50 22.32 -26.69 -25.40
C TYR C 50 23.01 -28.02 -25.73
N SER C 51 23.73 -28.09 -26.85
CA SER C 51 24.33 -29.36 -27.27
C SER C 51 25.44 -29.79 -26.32
N GLN C 52 26.29 -28.85 -25.89
CA GLN C 52 27.33 -29.18 -24.93
C GLN C 52 26.73 -29.64 -23.60
N ILE C 53 25.66 -28.99 -23.16
CA ILE C 53 24.98 -29.41 -21.94
C ILE C 53 24.42 -30.81 -22.10
N SER C 54 23.81 -31.11 -23.25
CA SER C 54 23.35 -32.47 -23.52
C SER C 54 24.50 -33.47 -23.53
N GLY C 55 25.71 -33.01 -23.83
CA GLY C 55 26.87 -33.88 -23.75
C GLY C 55 27.41 -34.04 -22.36
N LEU C 56 27.18 -33.06 -21.48
CA LEU C 56 27.73 -33.14 -20.12
C LEU C 56 27.05 -34.20 -19.28
N ASN C 57 25.83 -34.60 -19.64
CA ASN C 57 25.09 -35.57 -18.82
C ASN C 57 25.83 -36.90 -18.73
N ALA C 58 26.49 -37.30 -19.80
CA ALA C 58 27.32 -38.51 -19.81
C ALA C 58 28.78 -38.06 -19.80
N LEU C 59 29.41 -38.16 -18.63
CA LEU C 59 30.77 -37.69 -18.44
C LEU C 59 31.66 -38.85 -18.00
N GLN C 60 32.85 -38.94 -18.60
CA GLN C 60 33.84 -39.92 -18.21
C GLN C 60 34.92 -39.22 -17.38
N LEU C 61 35.07 -39.66 -16.13
CA LEU C 61 36.10 -39.12 -15.24
C LEU C 61 37.18 -40.18 -15.03
N ARG C 62 38.43 -39.76 -15.14
CA ARG C 62 39.58 -40.64 -14.93
C ARG C 62 40.55 -39.92 -14.01
N LEU C 63 40.67 -40.40 -12.78
CA LEU C 63 41.56 -39.82 -11.78
C LEU C 63 42.87 -40.58 -11.79
N MET C 64 43.98 -39.88 -12.02
CA MET C 64 45.30 -40.47 -12.03
C MET C 64 46.15 -39.80 -10.96
N VAL C 65 46.93 -40.61 -10.26
CA VAL C 65 47.80 -40.16 -9.18
C VAL C 65 49.22 -40.58 -9.50
N PRO C 66 50.19 -39.69 -9.42
CA PRO C 66 51.58 -40.07 -9.73
C PRO C 66 52.30 -40.64 -8.51
N VAL C 67 52.96 -41.79 -8.69
CA VAL C 67 53.72 -42.43 -7.63
C VAL C 67 55.15 -42.65 -8.13
N THR C 68 56.13 -42.20 -7.35
CA THR C 68 57.54 -42.32 -7.69
C THR C 68 58.17 -43.37 -6.78
N VAL C 69 58.62 -44.48 -7.36
CA VAL C 69 59.19 -45.60 -6.62
C VAL C 69 60.70 -45.60 -6.86
N VAL C 70 61.47 -45.63 -5.77
CA VAL C 70 62.92 -45.56 -5.83
C VAL C 70 63.48 -46.83 -5.18
N PHE C 71 64.31 -47.55 -5.93
CA PHE C 71 64.94 -48.78 -5.46
C PHE C 71 66.36 -48.47 -5.04
N THR C 72 66.63 -48.58 -3.75
CA THR C 72 67.98 -48.32 -3.23
C THR C 72 68.94 -49.42 -3.66
N ARG C 73 70.23 -49.14 -3.52
CA ARG C 73 71.26 -50.06 -3.96
C ARG C 73 71.16 -51.39 -3.21
N GLU C 74 71.29 -52.48 -3.97
CA GLU C 74 71.25 -53.84 -3.42
C GLU C 74 69.96 -54.08 -2.64
N SER C 75 68.84 -53.69 -3.24
CA SER C 75 67.52 -54.02 -2.70
C SER C 75 66.80 -55.03 -3.58
N VAL C 76 66.65 -54.70 -4.87
CA VAL C 76 66.08 -55.59 -5.86
C VAL C 76 67.27 -56.44 -6.34
N PRO C 77 67.07 -57.67 -6.85
CA PRO C 77 68.22 -58.43 -7.36
C PRO C 77 68.94 -57.68 -8.46
N LEU C 78 70.25 -57.94 -8.56
CA LEU C 78 71.08 -57.22 -9.52
C LEU C 78 70.62 -57.48 -10.96
N ASP C 79 70.29 -58.74 -11.28
CA ASP C 79 69.71 -59.03 -12.57
C ASP C 79 68.38 -58.31 -12.76
N ASP C 80 67.62 -58.15 -11.68
CA ASP C 80 66.35 -57.44 -11.75
C ASP C 80 66.54 -55.96 -12.02
N GLN C 81 67.64 -55.37 -11.54
CA GLN C 81 67.91 -53.96 -11.75
C GLN C 81 68.28 -53.63 -13.19
N GLU C 82 68.47 -54.64 -14.04
CA GLU C 82 68.87 -54.39 -15.42
C GLU C 82 67.81 -53.60 -16.18
N LYS C 83 66.54 -53.92 -15.96
CA LYS C 83 65.43 -53.26 -16.63
C LYS C 83 64.64 -52.36 -15.69
N LEU C 84 65.31 -51.76 -14.72
CA LEU C 84 64.61 -50.99 -13.69
C LEU C 84 63.85 -49.78 -14.22
N PRO C 85 64.39 -48.94 -15.12
CA PRO C 85 63.60 -47.77 -15.55
C PRO C 85 62.46 -48.17 -16.48
N PHE C 86 61.23 -48.18 -15.94
CA PHE C 86 60.05 -48.50 -16.72
C PHE C 86 58.81 -48.21 -15.88
N THR C 87 57.69 -48.07 -16.54
CA THR C 87 56.45 -47.64 -15.92
C THR C 87 55.44 -48.77 -15.83
N VAL C 88 54.78 -48.87 -14.69
CA VAL C 88 53.70 -49.83 -14.48
C VAL C 88 52.43 -49.05 -14.17
N VAL C 89 51.29 -49.68 -14.48
CA VAL C 89 49.98 -49.04 -14.49
C VAL C 89 48.98 -49.93 -13.77
N HIS C 90 48.31 -49.37 -12.75
CA HIS C 90 47.26 -50.06 -12.01
C HIS C 90 45.98 -49.25 -12.11
N GLU C 91 45.00 -49.78 -12.85
CA GLU C 91 43.71 -49.14 -13.08
C GLU C 91 42.60 -50.02 -12.52
N ARG C 92 41.59 -49.37 -11.92
CA ARG C 92 40.39 -50.05 -11.45
C ARG C 92 39.19 -49.13 -11.64
N GLU C 93 37.99 -49.71 -11.55
CA GLU C 93 36.76 -48.99 -11.87
C GLU C 93 35.74 -49.18 -10.75
N ILE C 94 34.91 -48.16 -10.55
CA ILE C 94 33.83 -48.18 -9.57
C ILE C 94 32.51 -48.31 -10.33
N PRO C 95 31.76 -49.40 -10.16
CA PRO C 95 30.47 -49.52 -10.85
C PRO C 95 29.49 -48.46 -10.37
N LEU C 96 28.79 -47.84 -11.30
CA LEU C 96 27.90 -46.71 -10.98
C LEU C 96 26.58 -46.86 -11.73
N LYS C 97 25.79 -45.79 -11.73
CA LYS C 97 24.51 -45.74 -12.40
C LYS C 97 24.38 -44.37 -13.06
N TYR C 98 23.26 -44.18 -13.78
CA TYR C 98 22.85 -42.90 -14.35
C TYR C 98 23.80 -42.40 -15.45
N LYS C 99 24.51 -43.30 -16.11
CA LYS C 99 25.32 -43.05 -17.32
C LYS C 99 26.62 -42.29 -17.05
N MET C 100 26.96 -42.00 -15.80
CA MET C 100 28.26 -41.41 -15.47
C MET C 100 29.19 -42.50 -14.97
N LYS C 101 30.45 -42.45 -15.41
CA LYS C 101 31.42 -43.50 -15.11
C LYS C 101 32.72 -42.90 -14.60
N ILE C 102 33.34 -43.57 -13.63
CA ILE C 102 34.58 -43.13 -13.02
C ILE C 102 35.54 -44.31 -12.94
N LYS C 103 36.83 -44.03 -13.13
CA LYS C 103 37.88 -45.02 -12.96
C LYS C 103 39.10 -44.34 -12.33
N CYS C 104 39.90 -45.13 -11.62
CA CYS C 104 41.04 -44.63 -10.86
C CYS C 104 42.29 -45.40 -11.24
N ARG C 105 43.41 -44.70 -11.35
CA ARG C 105 44.62 -45.32 -11.86
C ARG C 105 45.85 -44.84 -11.10
N PHE C 106 46.76 -45.77 -10.83
CA PHE C 106 48.05 -45.47 -10.23
C PHE C 106 49.13 -45.57 -11.30
N GLN C 107 49.96 -44.53 -11.41
CA GLN C 107 50.94 -44.36 -12.48
C GLN C 107 52.34 -44.42 -11.87
N LYS C 108 52.93 -45.62 -11.84
CA LYS C 108 54.15 -45.87 -11.08
C LYS C 108 55.38 -45.90 -11.99
N ALA C 109 56.39 -45.12 -11.64
CA ALA C 109 57.65 -45.07 -12.38
C ALA C 109 58.77 -45.56 -11.48
N TYR C 110 59.46 -46.62 -11.91
CA TYR C 110 60.45 -47.32 -11.09
C TYR C 110 61.88 -46.84 -11.35
N ARG C 111 62.14 -45.53 -11.18
CA ARG C 111 63.49 -45.04 -11.39
C ARG C 111 64.43 -45.54 -10.30
N ARG C 112 65.69 -45.75 -10.66
CA ARG C 112 66.68 -46.24 -9.72
C ARG C 112 67.11 -45.13 -8.76
N ALA C 113 67.82 -45.48 -7.70
CA ALA C 113 68.15 -44.45 -6.67
C ALA C 113 69.28 -43.50 -7.06
N LEU C 114 69.17 -42.22 -6.74
CA LEU C 114 70.34 -41.32 -6.89
C LEU C 114 71.26 -41.58 -5.67
N ASP C 115 72.59 -41.44 -5.80
CA ASP C 115 73.52 -41.84 -4.71
C ASP C 115 73.31 -41.06 -3.41
N HIS C 116 73.06 -39.76 -3.49
CA HIS C 116 72.93 -38.93 -2.26
C HIS C 116 71.83 -39.53 -1.40
N GLU C 117 70.84 -40.12 -2.04
CA GLU C 117 69.72 -40.75 -1.31
C GLU C 117 70.27 -41.83 -0.41
N GLU C 118 71.27 -42.58 -0.86
CA GLU C 118 71.89 -43.61 0.01
C GLU C 118 72.48 -42.99 1.30
N GLU C 119 73.11 -41.81 1.27
CA GLU C 119 73.73 -41.31 2.52
C GLU C 119 72.62 -41.11 3.53
N ALA C 120 71.52 -40.57 3.05
CA ALA C 120 70.36 -40.28 3.89
C ALA C 120 69.70 -41.58 4.30
N LEU C 121 69.39 -42.43 3.32
CA LEU C 121 68.64 -43.63 3.71
C LEU C 121 69.51 -44.64 4.46
N SER C 122 70.83 -44.50 4.37
CA SER C 122 71.79 -45.47 4.85
C SER C 122 71.53 -45.95 6.28
N SER C 123 71.54 -45.03 7.24
CA SER C 123 71.45 -45.43 8.64
C SER C 123 70.87 -44.29 9.45
N GLY C 124 70.42 -44.63 10.65
CA GLY C 124 69.73 -43.73 11.53
C GLY C 124 68.27 -44.08 11.67
N SER C 125 67.49 -43.11 12.14
CA SER C 125 66.05 -43.29 12.27
C SER C 125 65.36 -42.88 10.98
N VAL C 126 64.04 -43.12 10.91
CA VAL C 126 63.27 -42.70 9.75
C VAL C 126 63.12 -41.17 9.74
N GLN C 127 63.07 -40.54 10.91
CA GLN C 127 62.86 -39.10 10.98
C GLN C 127 64.03 -38.33 10.35
N GLU C 128 65.26 -38.74 10.65
CA GLU C 128 66.42 -38.09 10.06
C GLU C 128 66.45 -38.27 8.55
N ALA C 129 66.11 -39.47 8.08
CA ALA C 129 66.06 -39.72 6.64
C ALA C 129 65.04 -38.82 5.97
N GLU C 130 63.85 -38.69 6.56
CA GLU C 130 62.84 -37.82 5.99
C GLU C 130 63.32 -36.36 5.97
N ALA C 131 63.93 -35.92 7.07
CA ALA C 131 64.42 -34.55 7.15
C ALA C 131 65.42 -34.26 6.05
N MET C 132 66.43 -35.12 5.90
CA MET C 132 67.46 -34.86 4.89
C MET C 132 66.92 -35.01 3.48
N LEU C 133 66.04 -35.99 3.24
CA LEU C 133 65.57 -36.27 1.90
C LEU C 133 64.40 -35.40 1.47
N ASP C 134 63.89 -34.53 2.33
CA ASP C 134 62.81 -33.62 1.96
C ASP C 134 63.33 -32.30 1.39
N GLU C 135 64.55 -32.27 0.88
CA GLU C 135 65.14 -31.01 0.43
C GLU C 135 64.40 -30.34 -0.72
N PRO C 136 64.00 -31.03 -1.80
CA PRO C 136 63.34 -30.31 -2.91
C PRO C 136 62.07 -29.57 -2.51
N GLN C 137 61.15 -30.24 -1.82
CA GLN C 137 59.95 -29.62 -1.27
C GLN C 137 59.15 -28.88 -2.35
N GLU C 138 58.89 -29.57 -3.46
CA GLU C 138 58.18 -28.97 -4.58
C GLU C 138 56.67 -29.04 -4.38
N GLN C 139 55.95 -28.31 -5.24
CA GLN C 139 54.50 -28.21 -5.15
C GLN C 139 53.86 -29.37 -5.91
N ALA C 140 53.30 -30.33 -5.18
CA ALA C 140 52.65 -31.48 -5.80
C ALA C 140 51.62 -32.04 -4.83
N GLU C 141 50.36 -32.04 -5.24
CA GLU C 141 49.26 -32.51 -4.42
C GLU C 141 48.56 -33.67 -5.11
N GLY C 142 48.26 -34.72 -4.36
CA GLY C 142 47.83 -35.97 -4.92
C GLY C 142 48.96 -36.89 -5.34
N SER C 143 50.21 -36.48 -5.11
CA SER C 143 51.38 -37.25 -5.51
C SER C 143 51.98 -37.95 -4.30
N LEU C 144 52.57 -39.12 -4.53
CA LEU C 144 53.20 -39.91 -3.48
C LEU C 144 54.65 -40.20 -3.85
N THR C 145 55.36 -40.84 -2.93
CA THR C 145 56.75 -41.25 -3.12
C THR C 145 57.02 -42.44 -2.21
N VAL C 146 57.70 -43.44 -2.75
CA VAL C 146 57.98 -44.68 -2.02
C VAL C 146 59.44 -45.07 -2.23
N TYR C 147 60.09 -45.49 -1.15
CA TYR C 147 61.48 -45.95 -1.18
C TYR C 147 61.52 -47.43 -0.80
N VAL C 148 62.43 -48.16 -1.43
CA VAL C 148 62.55 -49.61 -1.26
C VAL C 148 63.90 -49.92 -0.63
N ILE C 149 63.86 -50.45 0.55
CA ILE C 149 65.08 -50.69 1.25
C ILE C 149 65.39 -52.17 1.34
N SER C 150 66.57 -52.51 1.84
CA SER C 150 67.01 -53.92 1.98
C SER C 150 66.32 -54.68 3.07
N GLU C 151 66.25 -56.01 2.94
CA GLU C 151 65.51 -56.83 3.92
C GLU C 151 66.21 -56.90 5.22
N HIS C 152 67.43 -56.42 5.25
CA HIS C 152 68.09 -56.30 6.50
C HIS C 152 68.33 -54.84 6.54
N SER C 153 67.44 -54.08 7.17
CA SER C 153 67.69 -52.67 7.38
C SER C 153 67.53 -52.45 8.88
N SER C 154 68.16 -51.43 9.42
CA SER C 154 68.13 -51.22 10.86
C SER C 154 67.52 -49.90 11.18
N LEU C 155 66.92 -49.29 10.16
CA LEU C 155 66.22 -48.04 10.36
C LEU C 155 64.77 -48.41 10.48
N LEU C 156 64.38 -49.52 9.84
CA LEU C 156 63.02 -49.98 10.00
C LEU C 156 63.11 -51.03 11.03
N PRO C 157 62.41 -50.86 12.12
CA PRO C 157 62.41 -51.95 13.07
C PRO C 157 62.33 -53.21 12.22
N GLN C 158 63.14 -54.20 12.54
CA GLN C 158 63.25 -55.38 11.71
C GLN C 158 62.17 -56.37 11.96
N ASP C 159 60.96 -55.87 11.98
CA ASP C 159 59.85 -56.74 12.12
C ASP C 159 58.73 -56.31 11.15
N MET C 160 58.94 -55.22 10.41
CA MET C 160 57.88 -54.71 9.56
C MET C 160 58.28 -54.18 8.18
N MET C 161 57.46 -54.45 7.18
CA MET C 161 57.77 -53.98 5.85
C MET C 161 57.53 -52.49 5.58
N SER C 162 56.52 -51.86 6.22
CA SER C 162 56.20 -50.51 5.84
C SER C 162 56.26 -49.42 6.91
N TYR C 163 56.64 -48.24 6.48
CA TYR C 163 56.67 -47.14 7.37
C TYR C 163 55.91 -46.05 6.75
N ILE C 164 54.74 -45.74 7.26
CA ILE C 164 53.94 -44.62 6.77
C ILE C 164 54.26 -43.39 7.61
N GLY C 165 54.65 -42.31 6.96
CA GLY C 165 54.87 -41.06 7.63
C GLY C 165 53.91 -39.99 7.15
N PRO C 166 54.03 -38.78 7.67
CA PRO C 166 53.32 -37.66 7.07
C PRO C 166 54.09 -37.14 5.87
N LYS C 167 53.64 -36.03 5.29
CA LYS C 167 54.37 -35.33 4.23
C LYS C 167 54.49 -36.16 2.96
N ARG C 168 53.49 -36.99 2.67
CA ARG C 168 53.32 -37.64 1.36
C ARG C 168 54.45 -38.62 1.02
N THR C 169 55.04 -39.28 2.01
CA THR C 169 56.17 -40.16 1.75
C THR C 169 56.03 -41.44 2.58
N ALA C 170 56.52 -42.55 2.02
CA ALA C 170 56.43 -43.85 2.67
C ALA C 170 57.71 -44.63 2.41
N VAL C 171 57.85 -45.75 3.12
CA VAL C 171 59.03 -46.62 3.03
C VAL C 171 58.57 -48.06 3.00
N VAL C 172 59.20 -48.86 2.12
CA VAL C 172 58.80 -50.25 1.87
C VAL C 172 60.06 -51.12 1.80
N ARG C 173 59.92 -52.37 2.23
CA ARG C 173 61.03 -53.32 2.27
C ARG C 173 60.90 -54.32 1.13
N GLY C 174 61.96 -54.46 0.34
CA GLY C 174 61.93 -55.29 -0.85
C GLY C 174 62.37 -56.73 -0.59
N ILE C 175 62.58 -57.46 -1.69
CA ILE C 175 63.03 -58.85 -1.62
C ILE C 175 64.37 -58.97 -2.33
N MET C 176 65.38 -59.48 -1.61
CA MET C 176 66.66 -59.81 -2.25
C MET C 176 66.52 -61.03 -3.14
N HIS C 177 65.71 -62.00 -2.74
CA HIS C 177 65.41 -63.14 -3.60
C HIS C 177 64.70 -62.65 -4.85
N ARG C 178 64.90 -63.38 -5.95
CA ARG C 178 64.43 -62.98 -7.27
C ARG C 178 63.16 -63.74 -7.65
N GLU C 179 62.26 -63.95 -6.69
CA GLU C 179 61.00 -64.62 -6.99
C GLU C 179 60.25 -63.92 -8.11
N ALA C 180 60.06 -62.61 -8.00
CA ALA C 180 59.46 -61.78 -9.04
C ALA C 180 59.50 -60.33 -8.59
N PHE C 181 58.97 -59.48 -9.47
CA PHE C 181 58.78 -58.04 -9.18
C PHE C 181 57.29 -57.86 -8.88
N ASN C 182 56.56 -58.97 -8.71
CA ASN C 182 55.13 -58.85 -8.44
C ASN C 182 54.86 -58.46 -6.99
N ILE C 183 55.58 -59.09 -6.05
CA ILE C 183 55.31 -58.84 -4.64
C ILE C 183 55.63 -57.39 -4.28
N ILE C 184 56.69 -56.83 -4.90
CA ILE C 184 56.94 -55.39 -4.79
C ILE C 184 55.72 -54.60 -5.22
N GLY C 185 55.14 -54.95 -6.37
CA GLY C 185 53.98 -54.22 -6.86
C GLY C 185 52.79 -54.32 -5.92
N ARG C 186 52.55 -55.52 -5.39
CA ARG C 186 51.45 -55.71 -4.45
C ARG C 186 51.64 -54.87 -3.21
N ARG C 187 52.87 -54.87 -2.67
CA ARG C 187 53.21 -54.11 -1.45
C ARG C 187 53.05 -52.61 -1.71
N ILE C 188 53.48 -52.14 -2.89
CA ILE C 188 53.37 -50.73 -3.24
C ILE C 188 51.91 -50.31 -3.41
N VAL C 189 51.10 -51.13 -4.09
CA VAL C 189 49.71 -50.74 -4.26
C VAL C 189 48.97 -50.78 -2.94
N GLN C 190 49.42 -51.67 -2.04
CA GLN C 190 48.82 -51.80 -0.69
C GLN C 190 49.07 -50.50 0.07
N VAL C 191 50.31 -50.01 0.05
CA VAL C 191 50.67 -48.76 0.72
C VAL C 191 49.97 -47.58 0.05
N ALA C 192 49.89 -47.58 -1.28
CA ALA C 192 49.29 -46.47 -2.00
C ALA C 192 47.79 -46.38 -1.72
N GLN C 193 47.12 -47.52 -1.58
CA GLN C 193 45.69 -47.50 -1.31
C GLN C 193 45.38 -47.24 0.16
N ALA C 194 46.31 -47.53 1.07
CA ALA C 194 46.15 -47.08 2.44
C ALA C 194 46.10 -45.56 2.50
N MET C 195 46.97 -44.90 1.75
CA MET C 195 46.86 -43.47 1.48
C MET C 195 45.97 -43.28 0.25
N SER C 196 45.98 -42.07 -0.30
CA SER C 196 45.48 -41.79 -1.66
C SER C 196 44.02 -42.22 -1.78
N LEU C 197 43.64 -42.95 -2.83
CA LEU C 197 42.24 -43.10 -3.21
C LEU C 197 41.73 -44.51 -2.94
N THR C 198 40.47 -44.57 -2.54
CA THR C 198 39.74 -45.82 -2.30
C THR C 198 38.29 -45.58 -2.66
N GLU C 199 37.57 -46.68 -2.92
CA GLU C 199 36.14 -46.56 -3.21
C GLU C 199 35.34 -46.07 -2.00
N ASP C 200 35.86 -46.26 -0.79
CA ASP C 200 35.16 -45.76 0.40
C ASP C 200 35.33 -44.26 0.54
N VAL C 201 36.48 -43.73 0.12
CA VAL C 201 36.75 -42.30 0.19
C VAL C 201 35.73 -41.51 -0.63
N LEU C 202 35.30 -42.06 -1.77
CA LEU C 202 34.34 -41.40 -2.64
C LEU C 202 32.92 -41.88 -2.42
N ALA C 203 32.58 -42.27 -1.19
CA ALA C 203 31.25 -42.77 -0.89
C ALA C 203 30.30 -41.69 -0.40
N ALA C 204 30.79 -40.72 0.39
CA ALA C 204 29.95 -39.59 0.77
C ALA C 204 29.62 -38.72 -0.43
N ALA C 205 30.63 -38.35 -1.21
CA ALA C 205 30.39 -37.91 -2.57
C ALA C 205 29.93 -39.11 -3.39
N LEU C 206 29.34 -38.84 -4.55
CA LEU C 206 28.83 -39.87 -5.44
C LEU C 206 27.71 -40.70 -4.81
N ALA C 207 27.16 -40.25 -3.68
CA ALA C 207 26.27 -41.10 -2.90
C ALA C 207 25.00 -41.42 -3.67
N ASP C 208 24.44 -40.44 -4.38
CA ASP C 208 23.23 -40.68 -5.16
C ASP C 208 23.50 -41.63 -6.32
N HIS C 209 24.61 -41.41 -7.04
CA HIS C 209 24.95 -42.20 -8.22
C HIS C 209 25.42 -43.62 -7.91
N LEU C 210 25.39 -44.10 -6.66
CA LEU C 210 25.92 -45.43 -6.32
C LEU C 210 24.77 -46.30 -5.82
N PRO C 211 24.80 -47.61 -6.17
CA PRO C 211 23.66 -48.42 -5.75
C PRO C 211 23.53 -48.46 -4.23
N GLU C 212 22.33 -48.30 -3.73
CA GLU C 212 22.09 -48.30 -2.28
C GLU C 212 22.30 -49.70 -1.73
N ASP C 213 22.74 -49.75 -0.48
CA ASP C 213 22.96 -51.00 0.20
C ASP C 213 22.65 -50.81 1.68
N LYS C 214 22.58 -51.92 2.41
CA LYS C 214 22.61 -51.83 3.85
C LYS C 214 23.90 -51.15 4.29
N TRP C 215 23.79 -50.30 5.31
CA TRP C 215 24.84 -49.41 5.83
C TRP C 215 25.09 -48.21 4.92
N SER C 216 24.13 -47.87 4.05
CA SER C 216 24.28 -46.67 3.23
C SER C 216 24.14 -45.40 4.06
N ALA C 217 23.33 -45.46 5.12
CA ALA C 217 22.96 -44.25 5.85
C ALA C 217 24.17 -43.62 6.53
N GLU C 218 24.99 -44.41 7.21
CA GLU C 218 26.10 -43.84 7.97
C GLU C 218 27.21 -43.34 7.05
N LYS C 219 27.28 -43.86 5.82
CA LYS C 219 28.25 -43.33 4.86
C LYS C 219 27.84 -41.97 4.31
N ARG C 220 26.66 -41.46 4.66
CA ARG C 220 26.21 -40.14 4.27
C ARG C 220 26.35 -39.11 5.39
N ARG C 221 26.90 -39.50 6.53
CA ARG C 221 26.92 -38.61 7.69
C ARG C 221 27.85 -37.41 7.58
N PRO C 222 29.00 -37.47 6.91
CA PRO C 222 29.90 -36.30 6.89
C PRO C 222 29.27 -35.07 6.25
N LEU C 223 29.90 -33.93 6.50
CA LEU C 223 29.47 -32.65 5.97
C LEU C 223 29.60 -32.62 4.45
N LYS C 224 28.86 -31.71 3.83
CA LYS C 224 28.88 -31.53 2.38
C LYS C 224 29.78 -30.37 2.00
N SER C 225 30.17 -30.35 0.74
CA SER C 225 31.12 -29.35 0.25
C SER C 225 30.50 -27.95 0.27
N SER C 226 31.31 -26.97 0.64
CA SER C 226 30.88 -25.58 0.69
C SER C 226 32.10 -24.68 0.59
N LEU C 227 31.85 -23.39 0.33
CA LEU C 227 32.93 -22.43 0.25
C LEU C 227 33.47 -22.07 1.63
N GLY C 228 32.59 -21.88 2.61
CA GLY C 228 33.01 -21.45 3.93
C GLY C 228 32.25 -22.18 5.02
N TYR C 229 32.74 -22.01 6.24
CA TYR C 229 32.17 -22.65 7.43
C TYR C 229 32.28 -21.70 8.61
N GLU C 230 31.30 -21.76 9.50
CA GLU C 230 31.28 -20.97 10.73
C GLU C 230 31.43 -21.90 11.92
N ILE C 231 32.33 -21.54 12.84
CA ILE C 231 32.55 -22.29 14.08
C ILE C 231 32.34 -21.35 15.26
N THR C 232 31.50 -21.76 16.20
CA THR C 232 31.17 -20.96 17.37
C THR C 232 31.32 -21.79 18.63
N PHE C 233 32.02 -21.23 19.62
CA PHE C 233 32.15 -21.84 20.94
C PHE C 233 31.25 -21.11 21.92
N SER C 234 30.48 -21.86 22.71
CA SER C 234 29.57 -21.29 23.69
C SER C 234 29.79 -21.93 25.04
N LEU C 235 29.77 -21.11 26.08
CA LEU C 235 29.83 -21.58 27.46
C LEU C 235 28.46 -21.40 28.10
N LEU C 236 27.92 -22.49 28.66
CA LEU C 236 26.60 -22.49 29.26
C LEU C 236 26.76 -22.45 30.78
N ASN C 237 26.17 -21.41 31.40
CA ASN C 237 26.21 -21.23 32.86
C ASN C 237 24.78 -21.16 33.37
N PRO C 238 24.18 -22.29 33.75
CA PRO C 238 22.79 -22.28 34.22
C PRO C 238 22.61 -21.79 35.65
N ASP C 239 23.67 -21.66 36.44
CA ASP C 239 23.55 -21.27 37.85
C ASP C 239 24.59 -20.20 38.17
N PRO C 240 24.38 -18.96 37.69
CA PRO C 240 25.35 -17.89 37.97
C PRO C 240 25.42 -17.47 39.44
N LYS C 241 24.46 -17.87 40.28
CA LYS C 241 24.55 -17.56 41.71
C LYS C 241 25.60 -18.39 42.42
N SER C 242 25.86 -19.61 41.94
CA SER C 242 26.82 -20.50 42.57
C SER C 242 28.20 -20.45 41.92
N HIS C 243 28.26 -20.31 40.60
CA HIS C 243 29.52 -20.40 39.87
C HIS C 243 29.78 -19.10 39.13
N ASP C 244 31.02 -18.62 39.24
CA ASP C 244 31.52 -17.48 38.47
C ASP C 244 32.54 -18.03 37.48
N VAL C 245 32.11 -18.27 36.24
CA VAL C 245 32.92 -18.98 35.25
C VAL C 245 33.63 -17.96 34.37
N TYR C 246 34.95 -18.04 34.34
CA TYR C 246 35.79 -17.28 33.42
C TYR C 246 36.65 -18.26 32.63
N TRP C 247 36.70 -18.02 31.32
CA TRP C 247 37.52 -18.82 30.39
C TRP C 247 38.45 -17.95 29.52
N ASP C 248 39.52 -18.49 29.03
CA ASP C 248 40.45 -17.76 28.16
C ASP C 248 40.35 -18.31 26.74
N ILE C 249 39.52 -17.67 25.93
CA ILE C 249 39.39 -18.10 24.53
C ILE C 249 40.47 -17.54 23.61
N GLU C 250 40.82 -16.28 23.75
CA GLU C 250 41.62 -15.67 22.70
C GLU C 250 42.99 -16.35 22.61
N GLY C 251 43.61 -16.58 23.76
CA GLY C 251 44.83 -17.35 23.80
C GLY C 251 44.66 -18.79 23.35
N ALA C 252 43.55 -19.42 23.73
CA ALA C 252 43.35 -20.82 23.33
C ALA C 252 43.18 -20.94 21.82
N VAL C 253 42.37 -20.07 21.22
CA VAL C 253 42.21 -20.07 19.77
C VAL C 253 43.55 -19.84 19.10
N ARG C 254 44.27 -18.78 19.51
CA ARG C 254 45.52 -18.43 18.88
C ARG C 254 46.55 -19.57 18.98
N ARG C 255 46.65 -20.19 20.16
CA ARG C 255 47.69 -21.20 20.36
C ARG C 255 47.33 -22.53 19.71
N TYR C 256 46.09 -23.00 19.88
CA TYR C 256 45.73 -24.35 19.48
C TYR C 256 44.79 -24.43 18.28
N VAL C 257 43.76 -23.58 18.21
CA VAL C 257 42.73 -23.77 17.20
C VAL C 257 43.16 -23.22 15.86
N GLN C 258 43.96 -22.16 15.84
CA GLN C 258 44.30 -21.47 14.60
C GLN C 258 45.27 -22.28 13.73
N PRO C 259 46.33 -22.91 14.27
CA PRO C 259 47.14 -23.78 13.41
C PRO C 259 46.35 -24.93 12.80
N PHE C 260 45.43 -25.52 13.55
CA PHE C 260 44.59 -26.60 13.03
C PHE C 260 43.77 -26.13 11.84
N LEU C 261 43.11 -24.98 11.97
CA LEU C 261 42.31 -24.46 10.88
C LEU C 261 43.17 -23.96 9.73
N ASN C 262 44.39 -23.49 10.02
CA ASN C 262 45.30 -23.13 8.94
C ASN C 262 45.67 -24.35 8.10
N ALA C 263 45.90 -25.49 8.76
CA ALA C 263 46.15 -26.72 8.03
C ALA C 263 44.90 -27.14 7.23
N LEU C 264 43.73 -27.04 7.85
CA LEU C 264 42.48 -27.48 7.23
C LEU C 264 41.94 -26.51 6.19
N GLY C 265 42.52 -25.31 6.07
CA GLY C 265 41.99 -24.30 5.17
C GLY C 265 42.16 -24.57 3.70
N ALA C 266 42.82 -25.66 3.32
CA ALA C 266 42.89 -26.02 1.91
C ALA C 266 41.51 -26.28 1.33
N ALA C 267 40.57 -26.75 2.15
CA ALA C 267 39.25 -27.10 1.65
C ALA C 267 38.34 -25.88 1.53
N GLY C 268 38.44 -24.94 2.46
CA GLY C 268 37.58 -23.77 2.42
C GLY C 268 37.98 -22.75 3.46
N ASN C 269 37.20 -21.68 3.52
CA ASN C 269 37.44 -20.60 4.47
C ASN C 269 36.69 -20.85 5.77
N PHE C 270 37.27 -20.40 6.88
CA PHE C 270 36.77 -20.70 8.21
C PHE C 270 36.63 -19.43 9.04
N SER C 271 35.59 -19.38 9.87
CA SER C 271 35.35 -18.29 10.81
C SER C 271 35.18 -18.86 12.22
N VAL C 272 35.62 -18.10 13.21
CA VAL C 272 35.59 -18.53 14.61
C VAL C 272 34.96 -17.44 15.46
N ASP C 273 34.03 -17.84 16.34
CA ASP C 273 33.35 -16.92 17.24
C ASP C 273 33.26 -17.55 18.62
N SER C 274 32.71 -16.76 19.55
CA SER C 274 32.54 -17.22 20.91
C SER C 274 31.53 -16.38 21.66
N GLN C 275 30.94 -16.93 22.71
CA GLN C 275 29.95 -16.25 23.52
C GLN C 275 29.72 -17.03 24.81
N ILE C 276 29.00 -16.39 25.73
CA ILE C 276 28.59 -16.99 27.00
C ILE C 276 27.08 -16.82 27.14
N LEU C 277 26.39 -17.90 27.52
CA LEU C 277 24.95 -17.88 27.70
C LEU C 277 24.62 -18.20 29.15
N TYR C 278 23.83 -17.33 29.78
CA TYR C 278 23.42 -17.48 31.16
C TYR C 278 22.01 -18.07 31.25
N TYR C 279 21.77 -18.79 32.32
CA TYR C 279 20.46 -19.42 32.56
C TYR C 279 20.05 -20.27 31.38
N ALA C 280 20.99 -20.99 30.78
CA ALA C 280 20.66 -21.88 29.65
C ALA C 280 20.62 -23.30 30.19
N MET C 281 19.53 -23.99 29.91
CA MET C 281 19.33 -25.31 30.52
C MET C 281 19.27 -26.47 29.53
N LEU C 282 19.36 -27.69 30.01
CA LEU C 282 19.26 -28.94 29.20
C LEU C 282 17.81 -29.40 29.15
N GLY C 283 17.44 -30.30 28.22
CA GLY C 283 16.05 -30.79 28.03
C GLY C 283 15.69 -32.10 28.69
N VAL C 284 16.51 -32.60 29.60
CA VAL C 284 16.25 -33.83 30.39
C VAL C 284 16.68 -33.50 31.82
N ASN C 285 16.13 -34.18 32.81
CA ASN C 285 16.50 -34.01 34.24
C ASN C 285 17.31 -35.22 34.70
N PRO C 286 18.59 -35.07 35.09
CA PRO C 286 19.42 -36.20 35.53
C PRO C 286 18.92 -37.13 36.64
N ARG C 287 19.25 -38.43 36.60
CA ARG C 287 18.89 -39.37 37.64
C ARG C 287 19.96 -39.40 38.72
N PHE C 288 19.52 -39.55 39.97
CA PHE C 288 20.41 -39.51 41.13
C PHE C 288 20.70 -40.91 41.64
N ASP C 289 21.93 -41.13 42.09
CA ASP C 289 22.35 -42.39 42.69
C ASP C 289 22.80 -42.12 44.12
N SER C 290 22.08 -42.70 45.09
CA SER C 290 22.44 -42.51 46.49
C SER C 290 23.77 -43.17 46.82
N ALA C 291 24.06 -44.32 46.21
CA ALA C 291 25.32 -45.02 46.49
C ALA C 291 26.52 -44.22 46.01
N SER C 292 26.49 -43.75 44.77
CA SER C 292 27.59 -42.96 44.23
C SER C 292 27.56 -41.52 44.68
N SER C 293 26.41 -41.04 45.15
CA SER C 293 26.19 -39.63 45.45
C SER C 293 26.51 -38.76 44.23
N SER C 294 26.10 -39.25 43.05
CA SER C 294 26.36 -38.57 41.79
C SER C 294 25.11 -38.63 40.93
N TYR C 295 25.17 -38.00 39.75
CA TYR C 295 24.04 -37.92 38.83
C TYR C 295 24.48 -38.41 37.46
N TYR C 296 23.52 -38.98 36.72
CA TYR C 296 23.83 -39.63 35.45
C TYR C 296 22.86 -39.19 34.36
N LEU C 297 23.38 -39.09 33.15
CA LEU C 297 22.59 -38.99 31.93
C LEU C 297 22.77 -40.30 31.16
N ASP C 298 21.68 -40.99 30.92
CA ASP C 298 21.74 -42.31 30.30
C ASP C 298 21.74 -42.19 28.78
N MET C 299 22.10 -43.30 28.13
CA MET C 299 22.24 -43.31 26.68
C MET C 299 20.91 -43.07 25.98
N HIS C 300 19.79 -43.47 26.59
CA HIS C 300 18.50 -43.31 25.92
C HIS C 300 18.04 -41.86 25.94
N SER C 301 18.48 -41.08 26.92
CA SER C 301 18.06 -39.69 27.03
C SER C 301 18.90 -38.73 26.19
N LEU C 302 20.06 -39.16 25.71
CA LEU C 302 20.94 -38.25 24.97
C LEU C 302 20.32 -37.65 23.71
N PRO C 303 19.54 -38.37 22.90
CA PRO C 303 18.96 -37.74 21.70
C PRO C 303 18.01 -36.58 21.98
N HIS C 304 17.64 -36.32 23.22
CA HIS C 304 16.72 -35.24 23.56
C HIS C 304 17.35 -34.15 24.42
N VAL C 305 18.67 -34.11 24.52
CA VAL C 305 19.32 -33.24 25.50
C VAL C 305 19.42 -31.80 24.99
N ILE C 306 19.80 -31.60 23.74
CA ILE C 306 20.19 -30.27 23.28
C ILE C 306 19.03 -29.45 22.73
N ASN C 307 17.80 -29.93 22.96
CA ASN C 307 16.65 -29.25 22.35
C ASN C 307 16.44 -27.82 22.84
N PRO C 308 16.41 -27.52 24.15
CA PRO C 308 16.14 -26.13 24.56
C PRO C 308 17.20 -25.11 24.15
N VAL C 309 18.48 -25.51 24.11
CA VAL C 309 19.56 -24.56 23.88
C VAL C 309 19.51 -24.00 22.46
N GLU C 310 18.97 -24.77 21.51
CA GLU C 310 18.89 -24.33 20.13
C GLU C 310 17.95 -23.15 19.95
N SER C 311 17.10 -22.85 20.93
CA SER C 311 16.30 -21.63 20.87
C SER C 311 17.15 -20.39 21.05
N ARG C 312 18.28 -20.49 21.75
CA ARG C 312 19.18 -19.36 21.94
C ARG C 312 20.39 -19.40 21.02
N LEU C 313 20.72 -20.55 20.43
CA LEU C 313 21.83 -20.58 19.49
C LEU C 313 21.47 -19.90 18.18
N GLY C 314 20.27 -20.15 17.66
CA GLY C 314 19.91 -19.65 16.35
C GLY C 314 19.66 -18.16 16.34
N SER C 315 19.61 -17.62 15.11
CA SER C 315 19.32 -16.22 14.80
C SER C 315 20.45 -15.26 15.17
N SER C 316 21.66 -15.76 15.34
CA SER C 316 22.84 -14.90 15.45
C SER C 316 23.85 -15.16 14.34
N ALA C 317 23.56 -16.08 13.42
CA ALA C 317 24.50 -16.38 12.34
C ALA C 317 24.65 -15.19 11.40
N ALA C 318 25.88 -14.96 10.96
CA ALA C 318 26.21 -13.78 10.16
C ALA C 318 26.29 -14.05 8.66
N SER C 319 25.97 -15.25 8.20
CA SER C 319 26.14 -15.58 6.79
C SER C 319 25.10 -16.63 6.40
N LEU C 320 25.28 -17.23 5.22
CA LEU C 320 24.44 -18.30 4.73
C LEU C 320 25.18 -19.63 4.65
N TYR C 321 26.36 -19.73 5.27
CA TYR C 321 27.20 -20.91 5.26
C TYR C 321 26.77 -21.88 6.36
N PRO C 322 27.12 -23.16 6.24
CA PRO C 322 26.85 -24.11 7.32
C PRO C 322 27.56 -23.71 8.60
N VAL C 323 26.89 -23.91 9.73
CA VAL C 323 27.36 -23.48 11.04
C VAL C 323 27.56 -24.70 11.92
N LEU C 324 28.64 -24.69 12.70
CA LEU C 324 28.97 -25.76 13.63
C LEU C 324 29.03 -25.19 15.05
N ASN C 325 28.49 -25.95 15.99
CA ASN C 325 28.32 -25.49 17.37
C ASN C 325 29.02 -26.44 18.33
N PHE C 326 29.82 -25.89 19.24
CA PHE C 326 30.49 -26.65 20.29
C PHE C 326 30.11 -26.05 21.63
N LEU C 327 29.54 -26.86 22.51
CA LEU C 327 28.99 -26.38 23.78
C LEU C 327 29.77 -26.96 24.95
N LEU C 328 30.10 -26.10 25.91
CA LEU C 328 30.69 -26.51 27.17
C LEU C 328 29.67 -26.22 28.28
N TYR C 329 29.34 -27.24 29.05
CA TYR C 329 28.27 -27.16 30.03
C TYR C 329 28.84 -27.33 31.43
N VAL C 330 28.61 -26.35 32.29
CA VAL C 330 29.00 -26.43 33.70
C VAL C 330 27.72 -26.72 34.50
N PRO C 331 27.60 -27.89 35.11
CA PRO C 331 26.33 -28.26 35.74
C PRO C 331 25.99 -27.40 36.94
N GLU C 332 24.70 -27.29 37.22
CA GLU C 332 24.22 -26.62 38.42
C GLU C 332 24.68 -27.37 39.67
N LEU C 333 24.70 -26.65 40.79
CA LEU C 333 25.10 -27.26 42.05
C LEU C 333 24.12 -28.35 42.48
N ALA C 334 22.86 -28.26 42.06
CA ALA C 334 21.85 -29.22 42.49
C ALA C 334 22.15 -30.63 41.99
N HIS C 335 22.79 -30.75 40.82
CA HIS C 335 23.19 -32.05 40.28
C HIS C 335 24.67 -31.98 39.88
N SER C 336 25.50 -31.48 40.80
CA SER C 336 26.85 -31.06 40.44
C SER C 336 27.69 -32.17 39.84
N PRO C 337 27.83 -33.36 40.45
CA PRO C 337 28.57 -34.43 39.76
C PRO C 337 27.72 -35.08 38.68
N LEU C 338 28.00 -34.76 37.43
CA LEU C 338 27.22 -35.24 36.29
C LEU C 338 28.11 -36.08 35.38
N TYR C 339 27.58 -37.24 34.96
CA TYR C 339 28.33 -38.15 34.12
C TYR C 339 27.43 -38.66 33.00
N ILE C 340 28.01 -38.82 31.82
CA ILE C 340 27.35 -39.43 30.68
C ILE C 340 27.74 -40.90 30.64
N GLN C 341 26.77 -41.77 30.33
CA GLN C 341 26.98 -43.20 30.36
C GLN C 341 26.82 -43.79 28.96
N ASP C 342 27.54 -44.88 28.72
CA ASP C 342 27.52 -45.55 27.43
C ASP C 342 26.34 -46.52 27.36
N LYS C 343 26.28 -47.30 26.28
CA LYS C 343 25.20 -48.28 26.12
C LYS C 343 25.25 -49.33 27.23
N ASP C 344 26.45 -49.77 27.61
CA ASP C 344 26.57 -50.72 28.72
C ASP C 344 26.17 -50.06 30.04
N GLY C 345 26.49 -48.79 30.21
CA GLY C 345 26.21 -48.07 31.43
C GLY C 345 27.42 -47.61 32.22
N ALA C 346 28.63 -47.77 31.69
CA ALA C 346 29.84 -47.32 32.36
C ALA C 346 30.18 -45.89 31.93
N PRO C 347 30.65 -45.05 32.86
CA PRO C 347 30.94 -43.66 32.49
C PRO C 347 32.03 -43.56 31.44
N VAL C 348 31.90 -42.57 30.56
CA VAL C 348 32.83 -42.35 29.47
C VAL C 348 33.95 -41.43 29.94
N ALA C 349 35.13 -41.61 29.33
CA ALA C 349 36.32 -40.88 29.78
C ALA C 349 36.27 -39.41 29.35
N THR C 350 35.87 -39.14 28.11
CA THR C 350 35.84 -37.75 27.64
C THR C 350 34.66 -36.98 28.22
N ASN C 351 33.57 -37.68 28.54
CA ASN C 351 32.35 -37.07 29.07
C ASN C 351 31.71 -36.14 28.04
N ALA C 352 31.69 -36.56 26.78
CA ALA C 352 31.22 -35.73 25.68
C ALA C 352 30.63 -36.61 24.59
N PHE C 353 29.84 -35.99 23.71
CA PHE C 353 29.31 -36.66 22.54
C PHE C 353 29.03 -35.63 21.45
N HIS C 354 28.96 -36.12 20.21
CA HIS C 354 28.72 -35.26 19.05
C HIS C 354 27.58 -35.82 18.22
N SER C 355 27.04 -34.98 17.34
CA SER C 355 25.91 -35.31 16.49
C SER C 355 26.25 -34.98 15.05
N PRO C 356 25.92 -35.85 14.09
CA PRO C 356 26.33 -35.64 12.69
C PRO C 356 25.80 -34.33 12.11
N ARG C 357 26.71 -33.56 11.51
CA ARG C 357 26.45 -32.30 10.82
C ARG C 357 25.97 -31.18 11.72
N TRP C 358 26.06 -31.33 13.04
CA TRP C 358 25.62 -30.29 13.95
C TRP C 358 26.74 -29.77 14.83
N GLY C 359 27.48 -30.64 15.50
CA GLY C 359 28.50 -30.22 16.45
C GLY C 359 28.66 -31.19 17.61
N GLY C 360 29.06 -30.68 18.78
CA GLY C 360 29.29 -31.53 19.93
C GLY C 360 29.09 -30.76 21.22
N ILE C 361 29.03 -31.52 22.32
CA ILE C 361 28.80 -30.96 23.65
C ILE C 361 29.67 -31.70 24.65
N MET C 362 30.16 -30.98 25.66
CA MET C 362 31.00 -31.53 26.71
C MET C 362 30.56 -30.95 28.04
N VAL C 363 30.50 -31.79 29.07
CA VAL C 363 30.10 -31.37 30.42
C VAL C 363 31.36 -31.29 31.28
N TYR C 364 31.47 -30.23 32.06
CA TYR C 364 32.69 -29.86 32.78
C TYR C 364 32.38 -29.78 34.27
N ASN C 365 32.92 -30.72 35.04
CA ASN C 365 32.63 -30.79 36.47
C ASN C 365 33.61 -29.93 37.27
N VAL C 366 33.08 -29.22 38.25
CA VAL C 366 33.89 -28.35 39.09
C VAL C 366 34.50 -29.17 40.23
N ASP C 367 35.76 -28.86 40.55
CA ASP C 367 36.45 -29.58 41.62
C ASP C 367 35.77 -29.33 42.96
N SER C 368 35.67 -30.39 43.77
CA SER C 368 35.04 -30.27 45.09
C SER C 368 35.84 -29.36 46.00
N LYS C 369 37.17 -29.38 45.88
CA LYS C 369 38.01 -28.54 46.72
C LYS C 369 37.75 -27.05 46.45
N THR C 370 37.52 -26.68 45.19
CA THR C 370 37.23 -25.30 44.86
C THR C 370 35.90 -24.81 45.44
N TYR C 371 35.04 -25.72 45.90
CA TYR C 371 33.79 -25.34 46.53
C TYR C 371 33.96 -24.88 47.98
N ASN C 372 35.17 -24.96 48.51
CA ASN C 372 35.38 -24.77 49.96
C ASN C 372 35.08 -23.34 50.39
N ALA C 373 35.29 -22.35 49.53
CA ALA C 373 35.16 -20.96 49.93
C ALA C 373 33.73 -20.65 50.36
N SER C 374 33.60 -19.96 51.49
CA SER C 374 32.28 -19.58 51.99
C SER C 374 31.59 -18.61 51.04
N VAL C 375 32.35 -17.68 50.46
CA VAL C 375 31.76 -16.69 49.56
C VAL C 375 31.16 -17.38 48.35
N LEU C 376 29.90 -17.08 48.08
CA LEU C 376 29.21 -17.54 46.88
C LEU C 376 28.81 -16.31 46.08
N PRO C 377 29.16 -16.20 44.79
CA PRO C 377 29.71 -17.22 43.89
C PRO C 377 31.15 -17.64 44.15
N VAL C 378 31.54 -18.76 43.55
CA VAL C 378 32.89 -19.28 43.61
C VAL C 378 33.54 -19.10 42.25
N ARG C 379 34.73 -18.50 42.23
CA ARG C 379 35.45 -18.31 40.98
C ARG C 379 35.97 -19.65 40.47
N VAL C 380 35.59 -20.01 39.25
CA VAL C 380 35.99 -21.27 38.64
C VAL C 380 36.64 -20.97 37.29
N GLU C 381 37.78 -21.62 37.02
CA GLU C 381 38.53 -21.46 35.80
C GLU C 381 38.63 -22.80 35.08
N VAL C 382 38.46 -22.79 33.77
CA VAL C 382 38.44 -24.01 32.98
C VAL C 382 39.82 -24.23 32.38
N ASP C 383 40.23 -25.50 32.31
CA ASP C 383 41.48 -25.89 31.68
C ASP C 383 41.24 -26.03 30.19
N MET C 384 41.82 -25.12 29.41
CA MET C 384 41.47 -25.05 27.99
C MET C 384 42.07 -26.19 27.17
N VAL C 385 43.17 -26.77 27.64
CA VAL C 385 43.89 -27.76 26.83
C VAL C 385 43.04 -29.00 26.60
N ARG C 386 42.44 -29.55 27.67
CA ARG C 386 41.61 -30.74 27.53
C ARG C 386 40.35 -30.45 26.72
N VAL C 387 39.74 -29.28 26.94
CA VAL C 387 38.54 -28.91 26.20
C VAL C 387 38.84 -28.86 24.71
N MET C 388 39.95 -28.23 24.34
CA MET C 388 40.29 -28.15 22.93
C MET C 388 40.73 -29.49 22.37
N GLU C 389 41.32 -30.36 23.20
CA GLU C 389 41.62 -31.72 22.76
C GLU C 389 40.35 -32.41 22.29
N VAL C 390 39.33 -32.41 23.15
CA VAL C 390 38.07 -33.09 22.82
C VAL C 390 37.41 -32.43 21.61
N PHE C 391 37.36 -31.08 21.59
CA PHE C 391 36.64 -30.39 20.53
C PHE C 391 37.33 -30.55 19.19
N LEU C 392 38.66 -30.54 19.14
CA LEU C 392 39.36 -30.75 17.89
C LEU C 392 39.26 -32.17 17.40
N ALA C 393 39.26 -33.15 18.31
CA ALA C 393 38.96 -34.52 17.89
C ALA C 393 37.58 -34.61 17.24
N GLN C 394 36.58 -33.97 17.87
CA GLN C 394 35.23 -33.99 17.33
C GLN C 394 35.16 -33.31 15.97
N LEU C 395 35.84 -32.17 15.81
CA LEU C 395 35.81 -31.46 14.54
C LEU C 395 36.48 -32.26 13.43
N ARG C 396 37.61 -32.89 13.75
CA ARG C 396 38.27 -33.74 12.76
C ARG C 396 37.39 -34.92 12.37
N LEU C 397 36.64 -35.46 13.33
CA LEU C 397 35.75 -36.57 13.05
C LEU C 397 34.48 -36.15 12.32
N LEU C 398 34.08 -34.87 12.39
CA LEU C 398 32.87 -34.40 11.74
C LEU C 398 33.04 -34.24 10.23
N PHE C 399 34.25 -33.89 9.77
CA PHE C 399 34.50 -33.79 8.34
C PHE C 399 34.68 -35.16 7.68
N GLY C 400 34.76 -36.23 8.46
CA GLY C 400 34.87 -37.57 7.92
C GLY C 400 36.27 -38.15 7.88
N ILE C 401 37.23 -37.54 8.56
CA ILE C 401 38.61 -38.02 8.56
C ILE C 401 38.74 -39.02 9.72
N ALA C 402 38.71 -40.30 9.41
CA ALA C 402 38.81 -41.35 10.42
C ALA C 402 40.27 -41.72 10.66
N GLN C 403 40.49 -42.57 11.65
CA GLN C 403 41.83 -43.02 11.97
C GLN C 403 42.37 -43.87 10.83
N PRO C 404 43.67 -43.74 10.50
CA PRO C 404 44.22 -44.50 9.37
C PRO C 404 44.11 -46.00 9.61
N GLN C 405 43.83 -46.73 8.54
CA GLN C 405 43.69 -48.18 8.57
C GLN C 405 45.00 -48.79 8.08
N LEU C 406 45.61 -49.62 8.92
CA LEU C 406 46.95 -49.96 8.48
C LEU C 406 46.99 -51.34 7.83
N PRO C 407 47.84 -51.49 6.82
CA PRO C 407 48.12 -52.81 6.26
C PRO C 407 48.82 -53.70 7.28
N PRO C 408 48.70 -55.02 7.17
CA PRO C 408 49.38 -55.90 8.13
C PRO C 408 50.88 -55.70 8.11
N LYS C 409 51.48 -55.73 9.30
CA LYS C 409 52.91 -55.56 9.49
C LYS C 409 53.38 -54.20 8.98
N CYS C 410 52.65 -53.15 9.36
CA CYS C 410 52.99 -51.78 9.02
C CYS C 410 53.19 -50.96 10.29
N LEU C 411 53.81 -49.80 10.13
CA LEU C 411 54.10 -48.92 11.25
C LEU C 411 53.75 -47.49 10.87
N LEU C 412 52.98 -46.81 11.72
CA LEU C 412 52.56 -45.44 11.48
C LEU C 412 53.44 -44.48 12.25
N SER C 413 53.66 -43.31 11.68
CA SER C 413 54.47 -42.28 12.31
C SER C 413 53.76 -41.71 13.54
N GLY C 414 54.55 -41.04 14.39
CA GLY C 414 54.01 -40.38 15.56
C GLY C 414 53.14 -39.20 15.20
N PRO C 415 52.20 -38.85 16.07
CA PRO C 415 51.30 -37.73 15.79
C PRO C 415 52.07 -36.42 15.60
N THR C 416 51.57 -35.60 14.68
CA THR C 416 52.21 -34.36 14.31
C THR C 416 51.61 -33.20 15.11
N SER C 417 52.15 -32.01 14.87
CA SER C 417 51.56 -30.79 15.40
C SER C 417 50.39 -30.38 14.51
N GLU C 418 49.35 -29.81 15.13
CA GLU C 418 48.09 -29.39 14.53
C GLU C 418 47.21 -30.58 14.15
N GLY C 419 47.65 -31.81 14.40
CA GLY C 419 46.78 -32.97 14.39
C GLY C 419 46.36 -33.51 13.04
N LEU C 420 46.93 -33.03 11.93
CA LEU C 420 46.53 -33.51 10.61
C LEU C 420 47.74 -33.81 9.76
N MET C 421 47.71 -34.96 9.09
CA MET C 421 48.73 -35.31 8.10
C MET C 421 48.30 -34.84 6.70
N THR C 422 49.29 -34.75 5.80
CA THR C 422 49.05 -34.13 4.51
C THR C 422 48.23 -35.02 3.57
N TRP C 423 48.49 -36.32 3.57
CA TRP C 423 47.78 -37.20 2.64
C TRP C 423 46.29 -37.25 2.95
N GLU C 424 45.92 -37.07 4.23
CA GLU C 424 44.50 -36.97 4.59
C GLU C 424 43.86 -35.74 3.94
N LEU C 425 44.56 -34.60 3.97
CA LEU C 425 44.05 -33.40 3.32
C LEU C 425 43.90 -33.60 1.81
N ASP C 426 44.87 -34.26 1.19
CA ASP C 426 44.77 -34.50 -0.25
C ASP C 426 43.58 -35.42 -0.58
N ARG C 427 43.35 -36.42 0.27
CA ARG C 427 42.17 -37.26 0.15
C ARG C 427 40.89 -36.44 0.17
N LEU C 428 40.80 -35.52 1.13
CA LEU C 428 39.64 -34.63 1.21
C LEU C 428 39.48 -33.82 -0.09
N LEU C 429 40.60 -33.33 -0.63
CA LEU C 429 40.51 -32.54 -1.87
C LEU C 429 39.98 -33.36 -3.03
N TRP C 430 40.44 -34.61 -3.18
CA TRP C 430 39.92 -35.48 -4.23
C TRP C 430 38.41 -35.62 -4.12
N ALA C 431 37.93 -35.94 -2.91
CA ALA C 431 36.49 -36.12 -2.72
C ALA C 431 35.72 -34.85 -3.05
N ARG C 432 36.24 -33.70 -2.63
CA ARG C 432 35.56 -32.43 -2.89
C ARG C 432 35.43 -32.16 -4.38
N SER C 433 36.49 -32.42 -5.14
CA SER C 433 36.44 -32.19 -6.58
C SER C 433 35.36 -33.05 -7.23
N VAL C 434 35.33 -34.34 -6.88
CA VAL C 434 34.35 -35.23 -7.49
C VAL C 434 32.92 -34.75 -7.20
N GLU C 435 32.65 -34.42 -5.93
CA GLU C 435 31.32 -33.98 -5.55
C GLU C 435 30.91 -32.71 -6.28
N ASN C 436 31.82 -31.74 -6.39
CA ASN C 436 31.50 -30.49 -7.07
C ASN C 436 31.13 -30.73 -8.53
N LEU C 437 31.90 -31.58 -9.23
CA LEU C 437 31.59 -31.84 -10.62
C LEU C 437 30.21 -32.47 -10.79
N ALA C 438 29.89 -33.46 -9.94
CA ALA C 438 28.58 -34.10 -10.06
C ALA C 438 27.45 -33.09 -9.86
N THR C 439 27.56 -32.25 -8.82
CA THR C 439 26.51 -31.28 -8.55
C THR C 439 26.32 -30.30 -9.71
N ALA C 440 27.44 -29.82 -10.29
CA ALA C 440 27.33 -28.86 -11.38
C ALA C 440 26.64 -29.47 -12.59
N THR C 441 27.01 -30.71 -12.94
CA THR C 441 26.38 -31.36 -14.09
C THR C 441 24.88 -31.51 -13.89
N THR C 442 24.46 -31.96 -12.70
CA THR C 442 23.04 -32.14 -12.44
C THR C 442 22.29 -30.82 -12.53
N THR C 443 22.87 -29.76 -11.97
CA THR C 443 22.20 -28.45 -11.99
C THR C 443 22.02 -27.95 -13.42
N LEU C 444 23.05 -28.09 -14.26
CA LEU C 444 22.93 -27.63 -15.63
C LEU C 444 21.85 -28.39 -16.40
N THR C 445 21.80 -29.72 -16.21
CA THR C 445 20.76 -30.49 -16.89
C THR C 445 19.36 -30.04 -16.45
N SER C 446 19.16 -29.82 -15.15
CA SER C 446 17.85 -29.40 -14.67
C SER C 446 17.47 -28.04 -15.24
N LEU C 447 18.42 -27.11 -15.29
CA LEU C 447 18.13 -25.78 -15.84
C LEU C 447 17.71 -25.87 -17.31
N ALA C 448 18.43 -26.68 -18.09
CA ALA C 448 18.07 -26.83 -19.50
C ALA C 448 16.66 -27.39 -19.65
N GLN C 449 16.32 -28.41 -18.85
CA GLN C 449 14.98 -28.98 -18.93
C GLN C 449 13.91 -27.94 -18.59
N LEU C 450 14.13 -27.17 -17.51
CA LEU C 450 13.15 -26.18 -17.09
C LEU C 450 12.94 -25.12 -18.17
N LEU C 451 14.02 -24.66 -18.80
CA LEU C 451 13.86 -23.66 -19.85
C LEU C 451 13.22 -24.26 -21.10
N GLY C 452 13.45 -25.55 -21.36
CA GLY C 452 12.79 -26.18 -22.49
C GLY C 452 11.28 -26.30 -22.29
N LYS C 453 10.85 -26.56 -21.06
CA LYS C 453 9.44 -26.85 -20.82
C LYS C 453 8.56 -25.61 -20.98
N ILE C 454 8.95 -24.49 -20.37
CA ILE C 454 8.13 -23.28 -20.31
C ILE C 454 8.73 -22.24 -21.24
N SER C 455 7.89 -21.58 -22.03
CA SER C 455 8.33 -20.77 -23.15
C SER C 455 8.28 -19.27 -22.93
N ASN C 456 7.52 -18.79 -21.95
CA ASN C 456 7.38 -17.35 -21.73
C ASN C 456 8.31 -16.82 -20.65
N ILE C 457 9.29 -17.61 -20.22
CA ILE C 457 10.28 -17.14 -19.25
C ILE C 457 11.42 -16.45 -19.98
N VAL C 458 11.84 -15.31 -19.46
CA VAL C 458 12.88 -14.50 -20.08
C VAL C 458 14.25 -15.01 -19.66
N ILE C 459 15.18 -15.08 -20.62
CA ILE C 459 16.57 -15.41 -20.36
C ILE C 459 17.39 -14.14 -20.52
N LYS C 460 17.94 -13.63 -19.42
CA LYS C 460 18.73 -12.42 -19.44
C LYS C 460 20.19 -12.74 -19.80
N ASP C 461 20.99 -11.70 -19.98
CA ASP C 461 22.36 -11.87 -20.42
C ASP C 461 23.28 -12.39 -19.31
N ASP C 462 23.03 -11.97 -18.07
CA ASP C 462 23.83 -12.45 -16.94
C ASP C 462 23.70 -13.97 -16.78
N VAL C 463 22.48 -14.49 -16.94
CA VAL C 463 22.25 -15.92 -16.81
C VAL C 463 23.04 -16.69 -17.84
N ALA C 464 23.02 -16.24 -19.10
CA ALA C 464 23.74 -16.92 -20.16
C ALA C 464 25.25 -16.85 -19.93
N SER C 465 25.74 -15.69 -19.46
CA SER C 465 27.15 -15.58 -19.10
C SER C 465 27.55 -16.61 -18.06
N GLU C 466 26.72 -16.75 -17.01
CA GLU C 466 27.02 -17.72 -15.96
C GLU C 466 27.00 -19.15 -16.49
N VAL C 467 26.06 -19.47 -17.39
CA VAL C 467 25.98 -20.81 -17.94
C VAL C 467 27.25 -21.14 -18.74
N TYR C 468 27.69 -20.20 -19.58
CA TYR C 468 28.91 -20.43 -20.36
C TYR C 468 30.11 -20.62 -19.45
N LYS C 469 30.21 -19.78 -18.41
CA LYS C 469 31.29 -19.91 -17.43
C LYS C 469 31.29 -21.29 -16.79
N ALA C 470 30.11 -21.78 -16.41
CA ALA C 470 30.01 -23.07 -15.74
C ALA C 470 30.46 -24.22 -16.65
N VAL C 471 30.01 -24.20 -17.91
CA VAL C 471 30.38 -25.29 -18.82
C VAL C 471 31.88 -25.31 -19.06
N ALA C 472 32.48 -24.13 -19.29
CA ALA C 472 33.92 -24.07 -19.50
C ALA C 472 34.69 -24.57 -18.28
N ALA C 473 34.24 -24.18 -17.08
CA ALA C 473 34.92 -24.62 -15.86
C ALA C 473 34.84 -26.13 -15.69
N VAL C 474 33.68 -26.72 -16.00
CA VAL C 474 33.53 -28.18 -15.88
C VAL C 474 34.52 -28.89 -16.80
N GLN C 475 34.60 -28.44 -18.06
CA GLN C 475 35.51 -29.11 -18.99
C GLN C 475 36.96 -28.99 -18.55
N LYS C 476 37.36 -27.78 -18.12
CA LYS C 476 38.75 -27.59 -17.68
C LYS C 476 39.06 -28.46 -16.47
N SER C 477 38.14 -28.54 -15.51
CA SER C 477 38.38 -29.34 -14.32
C SER C 477 38.53 -30.82 -14.66
N ALA C 478 37.68 -31.33 -15.57
CA ALA C 478 37.81 -32.72 -15.96
C ALA C 478 39.16 -32.99 -16.63
N GLU C 479 39.59 -32.09 -17.51
CA GLU C 479 40.89 -32.26 -18.16
C GLU C 479 42.02 -32.31 -17.14
N GLU C 480 42.00 -31.38 -16.18
CA GLU C 480 43.09 -31.32 -15.22
C GLU C 480 43.05 -32.45 -14.21
N LEU C 481 41.87 -33.00 -13.93
CA LEU C 481 41.79 -34.23 -13.14
C LEU C 481 42.42 -35.39 -13.89
N ALA C 482 42.18 -35.47 -15.20
CA ALA C 482 42.83 -36.51 -16.00
C ALA C 482 44.34 -36.34 -16.03
N SER C 483 44.83 -35.09 -16.02
CA SER C 483 46.27 -34.86 -16.11
C SER C 483 46.96 -35.07 -14.77
N GLY C 484 46.23 -35.07 -13.66
CA GLY C 484 46.81 -35.29 -12.36
C GLY C 484 47.17 -34.04 -11.57
N HIS C 485 46.65 -32.87 -11.94
CA HIS C 485 46.90 -31.64 -11.21
C HIS C 485 45.70 -31.36 -10.31
N LEU C 486 45.83 -31.69 -9.03
CA LEU C 486 44.68 -31.71 -8.13
C LEU C 486 44.24 -30.31 -7.72
N ALA C 487 45.18 -29.40 -7.46
CA ALA C 487 44.82 -28.09 -6.93
C ALA C 487 44.05 -27.25 -7.95
N SER C 488 44.55 -27.21 -9.18
CA SER C 488 43.87 -26.45 -10.22
C SER C 488 42.50 -27.03 -10.53
N ALA C 489 42.39 -28.36 -10.52
CA ALA C 489 41.10 -29.01 -10.72
C ALA C 489 40.13 -28.64 -9.60
N PHE C 490 40.60 -28.61 -8.36
CA PHE C 490 39.74 -28.24 -7.24
C PHE C 490 39.22 -26.81 -7.40
N VAL C 491 40.11 -25.88 -7.75
CA VAL C 491 39.69 -24.49 -7.92
C VAL C 491 38.67 -24.37 -9.06
N ALA C 492 38.93 -25.05 -10.17
CA ALA C 492 38.03 -24.98 -11.32
C ALA C 492 36.66 -25.56 -11.00
N SER C 493 36.62 -26.67 -10.24
CA SER C 493 35.34 -27.25 -9.85
C SER C 493 34.57 -26.32 -8.91
N GLN C 494 35.28 -25.64 -8.01
CA GLN C 494 34.63 -24.62 -7.18
C GLN C 494 33.96 -23.55 -8.03
N GLU C 495 34.68 -23.04 -9.03
CA GLU C 495 34.11 -22.03 -9.90
C GLU C 495 32.90 -22.57 -10.67
N ALA C 496 32.99 -23.83 -11.12
CA ALA C 496 31.90 -24.45 -11.86
C ALA C 496 30.62 -24.50 -11.02
N VAL C 497 30.73 -25.01 -9.79
CA VAL C 497 29.53 -25.14 -8.97
C VAL C 497 28.97 -23.76 -8.62
N THR C 498 29.84 -22.80 -8.33
CA THR C 498 29.37 -21.45 -8.02
C THR C 498 28.57 -20.86 -9.18
N SER C 499 29.11 -20.95 -10.40
CA SER C 499 28.43 -20.35 -11.54
C SER C 499 27.12 -21.06 -11.85
N SER C 500 27.11 -22.40 -11.81
CA SER C 500 25.89 -23.12 -12.14
C SER C 500 24.78 -22.80 -11.15
N GLU C 501 25.09 -22.79 -9.84
CA GLU C 501 24.04 -22.50 -8.87
C GLU C 501 23.65 -21.03 -8.88
N LEU C 502 24.55 -20.14 -9.27
CA LEU C 502 24.18 -18.74 -9.45
C LEU C 502 23.17 -18.58 -10.58
N ALA C 503 23.34 -19.35 -11.66
CA ALA C 503 22.40 -19.27 -12.76
C ALA C 503 21.06 -19.92 -12.42
N PHE C 504 21.08 -21.05 -11.69
CA PHE C 504 19.85 -21.81 -11.48
C PHE C 504 18.85 -21.08 -10.59
N PHE C 505 19.33 -20.38 -9.56
CA PHE C 505 18.45 -19.80 -8.55
C PHE C 505 18.16 -18.33 -8.78
N ASP C 506 18.24 -17.87 -10.03
CA ASP C 506 18.00 -16.45 -10.32
C ASP C 506 16.54 -16.09 -10.05
N PRO C 507 16.29 -14.94 -9.41
CA PRO C 507 14.91 -14.57 -9.08
C PRO C 507 14.01 -14.37 -10.30
N SER C 508 14.57 -14.16 -11.48
CA SER C 508 13.78 -13.89 -12.68
C SER C 508 13.29 -15.15 -13.38
N LEU C 509 13.66 -16.33 -12.89
CA LEU C 509 13.23 -17.60 -13.49
C LEU C 509 11.90 -18.09 -12.91
N LEU C 510 11.15 -17.22 -12.24
CA LEU C 510 9.85 -17.58 -11.70
C LEU C 510 8.80 -17.45 -12.80
N HIS C 511 8.06 -18.53 -13.04
CA HIS C 511 7.09 -18.55 -14.13
C HIS C 511 5.94 -17.57 -13.93
N LEU C 512 5.73 -17.11 -12.69
CA LEU C 512 4.54 -16.34 -12.35
C LEU C 512 4.63 -14.87 -12.76
N LEU C 513 5.77 -14.43 -13.25
CA LEU C 513 6.00 -13.01 -13.55
C LEU C 513 5.57 -12.59 -14.94
N TYR C 514 5.12 -13.53 -15.78
CA TYR C 514 4.92 -13.27 -17.20
C TYR C 514 3.48 -13.57 -17.61
N PHE C 515 3.00 -12.78 -18.58
CA PHE C 515 1.62 -12.90 -19.02
C PHE C 515 1.40 -14.22 -19.74
N PRO C 516 0.32 -14.95 -19.44
CA PRO C 516 0.10 -16.25 -20.10
C PRO C 516 -0.05 -16.11 -21.61
N ASP C 517 0.62 -17.00 -22.34
CA ASP C 517 0.54 -16.98 -23.79
C ASP C 517 -0.80 -17.46 -24.32
N ASP C 518 -1.61 -18.10 -23.46
CA ASP C 518 -2.91 -18.61 -23.91
C ASP C 518 -3.89 -17.47 -24.16
N GLN C 519 -3.85 -16.41 -23.36
CA GLN C 519 -4.87 -15.37 -23.38
C GLN C 519 -4.53 -14.19 -24.29
N LYS C 520 -3.48 -14.29 -25.11
CA LYS C 520 -3.09 -13.15 -25.93
C LYS C 520 -4.10 -12.86 -27.04
N PHE C 521 -4.81 -13.89 -27.54
CA PHE C 521 -5.77 -13.66 -28.61
C PHE C 521 -6.91 -12.76 -28.14
N ALA C 522 -7.31 -12.92 -26.88
CA ALA C 522 -8.29 -12.01 -26.28
C ALA C 522 -7.85 -10.57 -26.44
N ILE C 523 -6.55 -10.30 -26.30
CA ILE C 523 -6.07 -8.93 -26.39
C ILE C 523 -5.96 -8.47 -27.84
N TYR C 524 -5.51 -9.33 -28.77
CA TYR C 524 -5.28 -8.75 -30.09
C TYR C 524 -6.52 -8.71 -30.97
N ILE C 525 -7.56 -9.52 -30.71
CA ILE C 525 -8.75 -9.51 -31.58
C ILE C 525 -9.43 -8.14 -31.68
N PRO C 526 -9.70 -7.41 -30.59
CA PRO C 526 -10.59 -6.24 -30.70
C PRO C 526 -10.16 -5.16 -31.68
N LEU C 527 -8.85 -4.95 -31.89
CA LEU C 527 -8.37 -3.92 -32.80
C LEU C 527 -7.73 -4.52 -34.06
N PHE C 528 -7.98 -5.79 -34.34
CA PHE C 528 -7.35 -6.48 -35.46
C PHE C 528 -8.35 -6.89 -36.52
N LEU C 529 -9.40 -7.62 -36.14
CA LEU C 529 -10.43 -7.97 -37.12
C LEU C 529 -11.08 -6.74 -37.75
N PRO C 530 -11.45 -5.68 -37.03
CA PRO C 530 -11.99 -4.50 -37.72
C PRO C 530 -11.01 -3.87 -38.70
N MET C 531 -9.71 -3.90 -38.40
CA MET C 531 -8.75 -3.18 -39.23
C MET C 531 -8.43 -3.93 -40.52
N ALA C 532 -8.19 -5.24 -40.42
CA ALA C 532 -7.63 -6.00 -41.53
C ALA C 532 -8.67 -6.63 -42.44
N VAL C 533 -9.95 -6.64 -42.06
CA VAL C 533 -10.99 -7.08 -42.99
C VAL C 533 -11.10 -6.13 -44.18
N PRO C 534 -11.10 -4.80 -43.99
CA PRO C 534 -11.13 -3.93 -45.17
C PRO C 534 -9.86 -3.97 -45.99
N ILE C 535 -8.69 -3.99 -45.36
CA ILE C 535 -7.41 -3.90 -46.06
C ILE C 535 -6.79 -5.29 -46.13
N LEU C 536 -6.52 -5.75 -47.34
CA LEU C 536 -5.96 -7.08 -47.60
C LEU C 536 -6.80 -8.18 -46.95
N PRO D 27 38.83 -7.19 36.58
CA PRO D 27 37.80 -6.36 35.94
C PRO D 27 37.21 -7.00 34.68
N PRO D 28 35.89 -7.05 34.60
CA PRO D 28 35.25 -7.66 33.43
C PRO D 28 35.30 -6.82 32.17
N ARG D 29 35.52 -5.51 32.29
CA ARG D 29 35.58 -4.52 31.21
C ARG D 29 34.21 -4.22 30.61
N ASP D 30 33.14 -4.81 31.11
CA ASP D 30 31.79 -4.45 30.70
C ASP D 30 30.85 -4.56 31.90
N SER D 31 29.82 -3.72 31.92
CA SER D 31 28.97 -3.58 33.09
C SER D 31 27.51 -3.43 32.67
N LEU D 32 26.61 -3.74 33.60
CA LEU D 32 25.17 -3.69 33.37
C LEU D 32 24.47 -2.99 34.52
N ARG D 33 23.50 -2.14 34.19
CA ARG D 33 22.64 -1.47 35.17
C ARG D 33 21.19 -1.57 34.73
N GLU D 34 20.29 -1.66 35.71
CA GLU D 34 18.86 -1.78 35.44
C GLU D 34 18.07 -0.98 36.46
N GLU D 35 17.01 -0.31 35.99
CA GLU D 35 16.19 0.54 36.90
C GLU D 35 14.76 0.65 36.38
N LEU D 36 13.80 0.61 37.30
CA LEU D 36 12.36 0.74 37.03
C LEU D 36 11.86 1.98 37.74
N VAL D 37 11.11 2.83 37.03
CA VAL D 37 10.57 4.06 37.58
C VAL D 37 9.05 4.05 37.42
N ILE D 38 8.35 4.43 38.48
CA ILE D 38 6.89 4.41 38.53
C ILE D 38 6.43 5.82 38.86
N THR D 39 5.58 6.38 38.01
CA THR D 39 5.15 7.78 38.12
C THR D 39 3.64 7.90 37.98
N PRO D 40 2.92 8.37 39.00
CA PRO D 40 1.50 8.65 38.83
C PRO D 40 1.27 9.89 37.97
N LEU D 41 0.22 9.84 37.17
CA LEU D 41 -0.07 10.86 36.19
C LEU D 41 -1.21 11.77 36.65
N PRO D 42 -1.28 13.01 36.11
CA PRO D 42 -2.30 13.95 36.60
C PRO D 42 -3.73 13.51 36.35
N SER D 43 -3.96 12.57 35.44
CA SER D 43 -5.31 12.13 35.10
C SER D 43 -5.81 10.97 35.96
N GLY D 44 -4.99 10.45 36.86
CA GLY D 44 -5.34 9.29 37.65
C GLY D 44 -4.72 8.00 37.17
N ASP D 45 -4.02 8.02 36.05
CA ASP D 45 -3.33 6.86 35.51
C ASP D 45 -1.95 6.73 36.12
N VAL D 46 -1.29 5.61 35.84
CA VAL D 46 0.05 5.32 36.34
C VAL D 46 0.91 4.85 35.18
N ALA D 47 2.13 5.38 35.09
CA ALA D 47 3.08 5.03 34.05
C ALA D 47 4.28 4.30 34.65
N ALA D 48 4.84 3.38 33.88
CA ALA D 48 6.01 2.62 34.29
C ALA D 48 6.99 2.51 33.13
N THR D 49 8.28 2.54 33.45
CA THR D 49 9.34 2.46 32.45
C THR D 49 10.46 1.55 32.93
N PHE D 50 10.83 0.59 32.09
CA PHE D 50 11.96 -0.29 32.34
C PHE D 50 13.15 0.13 31.51
N GLN D 51 14.35 -0.01 32.08
CA GLN D 51 15.56 0.44 31.34
C GLN D 51 16.77 -0.43 31.70
N PHE D 52 17.39 -1.02 30.69
CA PHE D 52 18.58 -1.84 30.84
C PHE D 52 19.72 -1.24 30.02
N ARG D 53 20.89 -1.09 30.63
CA ARG D 53 22.01 -0.41 29.99
C ARG D 53 23.30 -1.17 30.23
N THR D 54 24.07 -1.37 29.15
CA THR D 54 25.37 -2.01 29.20
C THR D 54 26.44 -1.13 28.57
N ARG D 55 27.61 -1.07 29.19
CA ARG D 55 28.76 -0.34 28.69
C ARG D 55 29.91 -1.30 28.43
N TRP D 56 30.63 -1.09 27.33
CA TRP D 56 31.74 -1.96 26.96
C TRP D 56 32.91 -1.13 26.45
N ASP D 57 34.09 -1.32 26.96
CA ASP D 57 35.33 -0.65 26.55
C ASP D 57 36.02 -1.44 25.47
N SER D 58 35.51 -1.41 24.28
CA SER D 58 36.00 -2.25 23.19
C SER D 58 35.99 -1.44 21.90
N GLU D 59 36.75 -1.92 20.91
CA GLU D 59 36.83 -1.24 19.60
C GLU D 59 35.88 -1.90 18.64
N LEU D 60 34.59 -1.69 18.84
CA LEU D 60 33.56 -2.32 18.01
C LEU D 60 33.52 -1.74 16.60
N GLN D 61 34.03 -0.54 16.39
CA GLN D 61 33.91 0.10 15.08
C GLN D 61 34.80 -0.54 14.03
N ARG D 62 35.86 -1.23 14.43
CA ARG D 62 36.76 -1.89 13.51
C ARG D 62 36.60 -3.40 13.62
N GLU D 63 36.85 -4.09 12.50
CA GLU D 63 36.77 -5.55 12.49
C GLU D 63 37.84 -6.14 13.40
N GLY D 64 37.48 -7.24 14.07
CA GLY D 64 38.44 -7.93 14.92
C GLY D 64 37.88 -8.52 16.19
N VAL D 65 36.78 -7.97 16.70
CA VAL D 65 36.17 -8.51 17.91
C VAL D 65 35.40 -9.77 17.57
N SER D 66 35.68 -10.84 18.31
CA SER D 66 35.04 -12.13 18.07
C SER D 66 34.44 -12.78 19.30
N HIS D 67 34.63 -12.21 20.49
CA HIS D 67 34.21 -12.84 21.75
C HIS D 67 33.31 -11.88 22.52
N TYR D 68 32.14 -12.35 22.93
CA TYR D 68 31.09 -11.54 23.52
C TYR D 68 30.65 -12.13 24.85
N ARG D 69 30.42 -11.27 25.84
CA ARG D 69 29.87 -11.76 27.11
C ARG D 69 28.50 -11.19 27.50
N LEU D 70 28.44 -9.88 27.75
CA LEU D 70 27.19 -9.26 28.20
C LEU D 70 26.52 -8.52 27.06
N PHE D 71 27.31 -7.95 26.19
CA PHE D 71 26.83 -7.30 24.97
C PHE D 71 26.42 -8.37 23.97
N PRO D 72 25.20 -8.29 23.41
CA PRO D 72 24.72 -9.36 22.55
C PRO D 72 25.51 -9.48 21.26
N LYS D 73 25.74 -10.72 20.84
CA LYS D 73 26.49 -10.99 19.61
C LYS D 73 25.71 -10.60 18.37
N ALA D 74 24.38 -10.74 18.40
CA ALA D 74 23.57 -10.44 17.21
C ALA D 74 23.69 -8.97 16.82
N LEU D 75 23.70 -8.07 17.81
CA LEU D 75 23.80 -6.64 17.54
C LEU D 75 25.24 -6.15 17.48
N GLY D 76 26.18 -6.87 18.09
CA GLY D 76 27.54 -6.40 18.19
C GLY D 76 28.32 -6.46 16.88
N GLN D 77 27.97 -7.37 15.99
CA GLN D 77 28.70 -7.51 14.73
C GLN D 77 28.11 -6.69 13.61
N LEU D 78 27.03 -5.95 13.86
CA LEU D 78 26.46 -5.05 12.86
C LEU D 78 27.21 -3.73 12.78
N ILE D 79 27.86 -3.30 13.87
CA ILE D 79 28.51 -1.99 13.90
C ILE D 79 29.67 -1.95 12.91
N SER D 80 30.40 -3.05 12.76
CA SER D 80 31.57 -3.05 11.89
C SER D 80 31.21 -3.44 10.46
N LYS D 81 30.31 -4.41 10.29
CA LYS D 81 29.96 -4.87 8.94
C LYS D 81 29.35 -3.75 8.12
N TYR D 82 28.34 -3.09 8.66
CA TYR D 82 27.84 -1.83 8.13
C TYR D 82 28.36 -0.75 9.06
N SER D 83 29.16 0.17 8.54
CA SER D 83 29.77 1.18 9.39
C SER D 83 28.70 2.05 10.04
N LEU D 84 28.52 1.87 11.34
CA LEU D 84 27.45 2.53 12.08
C LEU D 84 28.06 3.36 13.20
N ARG D 85 27.61 4.60 13.32
CA ARG D 85 27.93 5.39 14.51
C ARG D 85 26.81 5.32 15.53
N GLU D 86 25.56 5.35 15.09
CA GLU D 86 24.41 5.35 15.98
C GLU D 86 23.21 4.69 15.30
N LEU D 87 22.42 3.96 16.08
CA LEU D 87 21.21 3.31 15.59
C LEU D 87 20.10 3.45 16.61
N HIS D 88 18.90 3.75 16.14
CA HIS D 88 17.73 3.95 17.00
C HIS D 88 16.51 3.31 16.34
N LEU D 89 15.86 2.39 17.06
CA LEU D 89 14.73 1.63 16.54
C LEU D 89 13.65 1.52 17.61
N SER D 90 12.38 1.65 17.20
CA SER D 90 11.26 1.67 18.14
C SER D 90 10.02 1.04 17.53
N PHE D 91 9.23 0.39 18.38
CA PHE D 91 7.91 -0.16 18.04
C PHE D 91 6.90 0.32 19.07
N THR D 92 5.79 0.90 18.61
CA THR D 92 4.87 1.60 19.50
C THR D 92 3.42 1.36 19.09
N GLN D 93 2.55 1.23 20.09
CA GLN D 93 1.11 1.33 19.90
C GLN D 93 0.55 2.40 20.82
N GLY D 94 -0.35 3.20 20.30
CA GLY D 94 -0.98 4.27 21.07
C GLY D 94 -0.44 5.63 20.71
N PHE D 95 -0.83 6.61 21.53
CA PHE D 95 -0.47 8.00 21.32
C PHE D 95 -0.35 8.68 22.68
N TRP D 96 0.71 9.46 22.86
CA TRP D 96 0.96 10.10 24.15
C TRP D 96 0.16 11.40 24.23
N ARG D 97 -0.72 11.49 25.22
CA ARG D 97 -1.59 12.65 25.41
C ARG D 97 -0.88 13.65 26.33
N THR D 98 -0.08 14.52 25.71
CA THR D 98 0.74 15.47 26.47
C THR D 98 -0.14 16.42 27.28
N ARG D 99 -1.28 16.84 26.71
CA ARG D 99 -2.13 17.83 27.34
C ARG D 99 -2.73 17.32 28.65
N TYR D 100 -2.92 16.01 28.78
CA TYR D 100 -3.56 15.44 29.95
C TYR D 100 -2.64 14.55 30.78
N TRP D 101 -1.54 14.06 30.22
CA TRP D 101 -0.62 13.19 30.95
C TRP D 101 0.66 13.89 31.40
N GLY D 102 1.03 14.99 30.77
CA GLY D 102 2.29 15.65 31.05
C GLY D 102 3.37 15.25 30.06
N PRO D 103 4.57 15.78 30.22
CA PRO D 103 5.66 15.43 29.33
C PRO D 103 6.30 14.11 29.73
N PRO D 104 6.69 13.28 28.75
CA PRO D 104 7.30 11.99 29.07
C PRO D 104 8.83 12.07 29.09
N PHE D 105 9.44 11.00 29.61
CA PHE D 105 10.88 10.85 29.49
C PHE D 105 11.28 10.61 28.04
N LEU D 106 10.57 9.74 27.35
CA LEU D 106 10.87 9.38 25.98
C LEU D 106 9.57 9.11 25.24
N GLN D 107 9.54 9.45 23.95
CA GLN D 107 8.33 9.36 23.16
C GLN D 107 8.67 8.81 21.78
N ALA D 108 7.71 8.13 21.17
CA ALA D 108 7.88 7.50 19.87
C ALA D 108 6.58 7.57 19.09
N PRO D 109 6.64 7.55 17.76
CA PRO D 109 5.43 7.57 16.95
C PRO D 109 4.83 6.17 16.79
N SER D 110 3.57 6.16 16.35
CA SER D 110 2.87 4.90 16.12
C SER D 110 3.49 4.15 14.94
N GLY D 111 3.58 2.83 15.07
CA GLY D 111 4.22 2.00 14.07
C GLY D 111 5.68 1.76 14.40
N ALA D 112 6.54 1.92 13.41
CA ALA D 112 7.97 1.69 13.56
C ALA D 112 8.74 2.84 12.94
N GLU D 113 9.80 3.29 13.62
CA GLU D 113 10.71 4.28 13.07
C GLU D 113 12.14 3.79 13.20
N LEU D 114 13.00 4.27 12.30
CA LEU D 114 14.40 3.90 12.28
C LEU D 114 15.21 5.06 11.72
N TRP D 115 16.18 5.56 12.48
CA TRP D 115 17.12 6.52 11.96
C TRP D 115 18.55 6.12 12.35
N VAL D 116 19.47 6.31 11.42
CA VAL D 116 20.84 5.80 11.52
C VAL D 116 21.81 6.91 11.11
N TRP D 117 22.91 7.02 11.86
CA TRP D 117 24.06 7.82 11.46
C TRP D 117 25.19 6.90 11.01
N PHE D 118 25.69 7.11 9.81
CA PHE D 118 26.76 6.31 9.25
C PHE D 118 28.11 6.98 9.48
N GLN D 119 29.18 6.21 9.30
CA GLN D 119 30.53 6.73 9.40
C GLN D 119 30.96 7.38 8.09
N ASP D 120 31.85 8.36 8.19
CA ASP D 120 32.24 9.15 7.03
C ASP D 120 33.04 8.36 6.00
N THR D 121 33.54 7.17 6.36
CA THR D 121 34.23 6.33 5.40
C THR D 121 33.27 5.57 4.49
N VAL D 122 31.96 5.58 4.79
CA VAL D 122 30.99 4.89 3.95
C VAL D 122 30.89 5.59 2.60
N THR D 123 31.02 4.82 1.53
CA THR D 123 30.94 5.39 0.19
C THR D 123 29.49 5.52 -0.28
N ASP D 124 28.79 4.40 -0.37
CA ASP D 124 27.41 4.35 -0.86
C ASP D 124 26.48 4.14 0.33
N VAL D 125 25.71 5.16 0.67
CA VAL D 125 24.86 5.10 1.86
C VAL D 125 23.56 4.34 1.59
N ASP D 126 23.00 4.46 0.38
CA ASP D 126 21.72 3.83 0.10
C ASP D 126 21.82 2.30 0.09
N LYS D 127 22.88 1.77 -0.52
CA LYS D 127 23.06 0.31 -0.55
C LYS D 127 23.19 -0.24 0.85
N SER D 128 24.03 0.39 1.67
CA SER D 128 24.23 -0.06 3.05
C SER D 128 22.94 0.08 3.86
N TRP D 129 22.18 1.14 3.62
CA TRP D 129 20.91 1.35 4.32
C TRP D 129 19.92 0.24 4.00
N LYS D 130 19.81 -0.14 2.72
CA LYS D 130 18.93 -1.24 2.33
C LYS D 130 19.37 -2.56 2.96
N GLU D 131 20.67 -2.85 2.91
CA GLU D 131 21.16 -4.10 3.50
C GLU D 131 20.90 -4.15 5.00
N LEU D 132 21.12 -3.02 5.69
CA LEU D 132 20.90 -3.00 7.13
C LEU D 132 19.43 -3.19 7.49
N SER D 133 18.52 -2.57 6.73
CA SER D 133 17.10 -2.79 7.01
C SER D 133 16.72 -4.25 6.81
N ASN D 134 17.21 -4.87 5.75
CA ASN D 134 16.90 -6.28 5.52
C ASN D 134 17.47 -7.16 6.64
N VAL D 135 18.66 -6.84 7.14
CA VAL D 135 19.24 -7.63 8.22
C VAL D 135 18.42 -7.48 9.50
N LEU D 136 18.02 -6.25 9.83
CA LEU D 136 17.27 -6.02 11.07
C LEU D 136 15.90 -6.69 11.04
N SER D 137 15.29 -6.78 9.85
CA SER D 137 13.98 -7.43 9.74
C SER D 137 14.01 -8.89 10.20
N GLY D 138 15.14 -9.58 9.99
CA GLY D 138 15.24 -10.95 10.47
C GLY D 138 15.36 -11.06 11.98
N ILE D 139 16.12 -10.15 12.58
CA ILE D 139 16.33 -10.21 14.03
C ILE D 139 15.06 -9.87 14.79
N PHE D 140 14.35 -8.81 14.38
CA PHE D 140 13.26 -8.30 15.20
C PHE D 140 11.87 -8.74 14.75
N CYS D 141 11.77 -9.64 13.77
CA CYS D 141 10.49 -10.20 13.32
C CYS D 141 9.51 -9.10 12.91
N ALA D 142 10.01 -8.10 12.18
CA ALA D 142 9.19 -7.02 11.67
C ALA D 142 9.38 -6.91 10.15
N SER D 143 8.45 -6.22 9.51
CA SER D 143 8.46 -6.06 8.05
C SER D 143 9.21 -4.79 7.65
N LEU D 144 10.48 -4.71 8.06
CA LEU D 144 11.30 -3.56 7.73
C LEU D 144 11.83 -3.59 6.31
N ASN D 145 11.59 -4.66 5.57
CA ASN D 145 11.93 -4.73 4.15
C ASN D 145 11.04 -3.83 3.30
N PHE D 146 9.98 -3.28 3.86
CA PHE D 146 9.11 -2.34 3.15
C PHE D 146 9.65 -0.91 3.17
N ILE D 147 10.80 -0.69 3.80
CA ILE D 147 11.48 0.61 3.73
C ILE D 147 12.13 0.73 2.36
N ASP D 148 11.74 1.75 1.60
CA ASP D 148 12.29 1.98 0.28
C ASP D 148 12.46 3.49 0.09
N SER D 149 12.69 3.91 -1.15
CA SER D 149 12.96 5.31 -1.44
C SER D 149 11.72 6.19 -1.33
N THR D 150 10.52 5.61 -1.38
CA THR D 150 9.29 6.38 -1.31
C THR D 150 8.89 6.76 0.11
N ASN D 151 9.58 6.25 1.13
CA ASN D 151 9.28 6.63 2.50
C ASN D 151 10.52 6.95 3.31
N THR D 152 11.63 7.31 2.66
CA THR D 152 12.88 7.64 3.32
C THR D 152 13.24 9.08 3.01
N VAL D 153 13.68 9.82 4.04
CA VAL D 153 14.06 11.21 3.89
C VAL D 153 15.45 11.41 4.49
N THR D 154 16.04 12.57 4.19
CA THR D 154 17.31 13.00 4.76
C THR D 154 17.09 14.36 5.41
N PRO D 155 16.77 14.39 6.70
CA PRO D 155 16.55 15.68 7.37
C PRO D 155 17.80 16.54 7.39
N THR D 156 17.59 17.86 7.35
CA THR D 156 18.68 18.82 7.24
C THR D 156 19.00 19.54 8.54
N ALA D 157 18.06 19.62 9.47
CA ALA D 157 18.30 20.27 10.75
C ALA D 157 17.82 19.48 11.96
N SER D 158 17.14 18.36 11.76
CA SER D 158 16.58 17.56 12.84
C SER D 158 17.34 16.27 13.03
N PHE D 159 17.10 15.62 14.18
CA PHE D 159 17.66 14.31 14.50
C PHE D 159 19.19 14.33 14.52
N LYS D 160 19.73 15.22 15.34
CA LYS D 160 21.16 15.33 15.54
C LYS D 160 21.67 14.19 16.42
N PRO D 161 22.97 13.89 16.38
CA PRO D 161 23.50 12.75 17.14
C PRO D 161 23.25 12.87 18.64
N LEU D 162 23.06 11.72 19.28
CA LEU D 162 22.84 11.64 20.72
C LEU D 162 24.08 11.19 21.49
N GLY D 163 25.16 10.85 20.80
CA GLY D 163 26.39 10.47 21.47
C GLY D 163 27.54 11.39 21.14
N LEU D 164 28.76 10.99 21.48
CA LEU D 164 29.94 11.81 21.18
C LEU D 164 30.08 11.99 19.69
N ALA D 165 30.17 13.25 19.25
CA ALA D 165 30.24 13.59 17.84
C ALA D 165 31.31 14.66 17.62
N ASN D 166 31.95 14.58 16.46
CA ASN D 166 32.95 15.56 16.05
C ASN D 166 32.42 16.51 14.98
N ASP D 167 31.87 15.98 13.89
CA ASP D 167 31.25 16.79 12.86
C ASP D 167 29.90 16.18 12.50
N THR D 168 28.98 17.05 12.06
CA THR D 168 27.60 16.65 11.78
C THR D 168 27.26 17.02 10.34
N ASP D 169 27.56 16.12 9.41
CA ASP D 169 27.19 16.27 8.02
C ASP D 169 25.99 15.36 7.74
N HIS D 170 24.84 15.96 7.45
CA HIS D 170 23.60 15.21 7.29
C HIS D 170 23.57 14.37 6.03
N TYR D 171 24.65 14.39 5.24
CA TYR D 171 24.79 13.46 4.13
C TYR D 171 24.79 12.01 4.60
N PHE D 172 25.15 11.77 5.85
CA PHE D 172 25.31 10.43 6.40
C PHE D 172 24.16 10.00 7.31
N LEU D 173 22.99 10.63 7.21
CA LEU D 173 21.85 10.33 8.06
C LEU D 173 20.66 9.88 7.21
N ARG D 174 19.94 8.87 7.69
CA ARG D 174 18.73 8.38 7.04
C ARG D 174 17.65 8.16 8.10
N TYR D 175 16.39 8.27 7.67
CA TYR D 175 15.25 8.21 8.58
C TYR D 175 14.04 7.66 7.84
N ALA D 176 13.23 6.86 8.52
CA ALA D 176 12.05 6.26 7.92
C ALA D 176 11.04 5.89 9.00
N VAL D 177 9.76 5.87 8.62
CA VAL D 177 8.66 5.53 9.52
C VAL D 177 7.65 4.67 8.77
N LEU D 178 7.19 3.59 9.40
CA LEU D 178 6.10 2.75 8.88
C LEU D 178 4.93 2.81 9.87
N PRO D 179 3.88 3.57 9.59
CA PRO D 179 2.88 3.87 10.61
C PRO D 179 1.84 2.77 10.85
N ARG D 180 1.82 1.70 10.06
CA ARG D 180 0.82 0.65 10.23
C ARG D 180 1.43 -0.65 10.74
N GLU D 181 2.69 -0.64 11.18
CA GLU D 181 3.30 -1.82 11.77
C GLU D 181 2.67 -2.13 13.12
N VAL D 182 2.49 -3.42 13.40
CA VAL D 182 1.81 -3.89 14.60
C VAL D 182 2.85 -4.41 15.58
N VAL D 183 2.67 -4.11 16.85
CA VAL D 183 3.55 -4.60 17.91
C VAL D 183 2.76 -5.59 18.75
N CYS D 184 3.18 -6.85 18.72
CA CYS D 184 2.57 -7.93 19.47
C CYS D 184 3.68 -8.81 20.05
N THR D 185 3.27 -9.85 20.79
CA THR D 185 4.18 -10.73 21.51
C THR D 185 5.32 -11.26 20.64
N GLU D 186 5.05 -11.45 19.35
CA GLU D 186 6.08 -11.90 18.42
C GLU D 186 7.24 -10.92 18.34
N ASN D 187 6.99 -9.64 18.62
CA ASN D 187 8.07 -8.65 18.67
C ASN D 187 8.78 -8.69 20.01
N LEU D 188 8.06 -8.99 21.09
CA LEU D 188 8.63 -9.00 22.43
C LEU D 188 9.50 -10.22 22.69
N THR D 189 9.24 -11.34 22.02
CA THR D 189 10.08 -12.51 22.22
C THR D 189 11.54 -12.29 21.80
N PRO D 190 11.84 -11.78 20.59
CA PRO D 190 13.25 -11.47 20.27
C PRO D 190 13.85 -10.40 21.18
N TRP D 191 13.04 -9.42 21.58
CA TRP D 191 13.53 -8.35 22.45
C TRP D 191 14.02 -8.89 23.78
N LYS D 192 13.24 -9.78 24.39
CA LYS D 192 13.64 -10.38 25.67
C LYS D 192 14.78 -11.37 25.50
N LYS D 193 15.00 -11.87 24.29
CA LYS D 193 16.08 -12.82 24.05
C LYS D 193 17.45 -12.16 24.10
N LEU D 194 17.54 -10.85 23.90
CA LEU D 194 18.81 -10.14 23.90
C LEU D 194 19.25 -9.68 25.29
N LEU D 195 18.37 -9.75 26.28
CA LEU D 195 18.77 -9.37 27.63
C LEU D 195 19.63 -10.47 28.25
N PRO D 196 20.61 -10.11 29.09
CA PRO D 196 21.47 -11.13 29.70
C PRO D 196 20.76 -12.06 30.66
N CYS D 197 20.03 -11.57 31.66
CA CYS D 197 19.34 -12.53 32.52
C CYS D 197 18.17 -13.23 31.82
N SER D 198 17.63 -12.65 30.76
CA SER D 198 16.72 -13.38 29.86
C SER D 198 15.46 -13.86 30.58
N SER D 199 14.78 -12.92 31.24
CA SER D 199 13.47 -13.11 31.86
C SER D 199 13.46 -14.11 33.01
N LYS D 200 14.62 -14.54 33.50
CA LYS D 200 14.67 -15.52 34.57
C LYS D 200 15.23 -14.97 35.87
N ALA D 201 15.51 -13.66 35.94
CA ALA D 201 16.07 -13.07 37.15
C ALA D 201 15.90 -11.55 37.09
N GLY D 202 15.81 -10.95 38.27
CA GLY D 202 15.80 -9.50 38.36
C GLY D 202 14.46 -8.88 38.02
N LEU D 203 14.51 -7.68 37.43
CA LEU D 203 13.30 -6.98 37.02
C LEU D 203 12.63 -7.63 35.83
N SER D 204 13.33 -8.48 35.09
CA SER D 204 12.79 -9.08 33.88
C SER D 204 11.63 -10.03 34.17
N VAL D 205 11.48 -10.49 35.40
CA VAL D 205 10.39 -11.41 35.74
C VAL D 205 9.02 -10.74 35.71
N LEU D 206 8.96 -9.41 35.63
CA LEU D 206 7.70 -8.69 35.64
C LEU D 206 7.11 -8.49 34.24
N LEU D 207 7.82 -8.88 33.19
CA LEU D 207 7.38 -8.60 31.81
C LEU D 207 6.52 -9.75 31.32
N LYS D 208 5.20 -9.62 31.49
CA LYS D 208 4.23 -10.60 31.07
C LYS D 208 3.31 -10.00 30.01
N ALA D 209 3.15 -10.70 28.88
CA ALA D 209 2.63 -10.08 27.67
C ALA D 209 1.18 -9.60 27.84
N ASP D 210 0.32 -10.43 28.42
CA ASP D 210 -1.10 -10.08 28.49
C ASP D 210 -1.30 -8.85 29.37
N ARG D 211 -0.56 -8.74 30.46
CA ARG D 211 -0.60 -7.53 31.27
C ARG D 211 -0.01 -6.35 30.53
N LEU D 212 1.07 -6.57 29.80
CA LEU D 212 1.76 -5.47 29.12
C LEU D 212 0.94 -4.87 28.00
N PHE D 213 0.04 -5.65 27.40
CA PHE D 213 -0.78 -5.13 26.31
C PHE D 213 -2.20 -4.76 26.74
N HIS D 214 -2.53 -4.91 28.03
CA HIS D 214 -3.81 -4.42 28.56
C HIS D 214 -3.63 -2.97 29.01
N THR D 215 -3.15 -2.11 28.11
CA THR D 215 -2.71 -0.77 28.44
C THR D 215 -3.18 0.23 27.41
N SER D 216 -2.94 1.50 27.69
CA SER D 216 -3.25 2.60 26.77
C SER D 216 -2.06 3.06 25.95
N TYR D 217 -0.84 2.71 26.35
CA TYR D 217 0.37 3.07 25.62
C TYR D 217 1.40 1.97 25.85
N HIS D 218 2.14 1.63 24.80
CA HIS D 218 3.14 0.58 24.85
C HIS D 218 4.22 0.87 23.83
N SER D 219 5.48 0.88 24.26
CA SER D 219 6.60 1.17 23.37
C SER D 219 7.82 0.35 23.75
N GLN D 220 8.50 -0.20 22.74
CA GLN D 220 9.77 -0.91 22.87
C GLN D 220 10.83 -0.22 22.03
N ALA D 221 12.04 -0.09 22.56
CA ALA D 221 13.07 0.67 21.86
C ALA D 221 14.45 0.07 22.12
N VAL D 222 15.37 0.36 21.19
CA VAL D 222 16.78 -0.03 21.26
C VAL D 222 17.62 1.14 20.78
N HIS D 223 18.66 1.48 21.53
CA HIS D 223 19.54 2.60 21.20
C HIS D 223 20.99 2.18 21.38
N ILE D 224 21.83 2.54 20.40
CA ILE D 224 23.26 2.27 20.45
C ILE D 224 24.00 3.57 20.14
N ARG D 225 24.99 3.92 20.97
CA ARG D 225 25.73 5.15 20.79
C ARG D 225 27.06 5.04 21.54
N PRO D 226 28.05 5.86 21.19
CA PRO D 226 29.29 5.93 21.96
C PRO D 226 29.28 7.03 23.01
N VAL D 227 29.99 6.78 24.11
CA VAL D 227 30.01 7.66 25.27
C VAL D 227 31.43 7.77 25.81
N CYS D 228 31.59 8.67 26.78
CA CYS D 228 32.89 8.90 27.41
C CYS D 228 33.30 7.69 28.25
N ARG D 229 34.58 7.34 28.20
CA ARG D 229 35.07 6.23 29.02
C ARG D 229 35.25 6.61 30.48
N ASN D 230 35.68 7.84 30.77
CA ASN D 230 35.89 8.27 32.16
C ASN D 230 35.67 9.77 32.25
N ALA D 231 35.99 10.34 33.42
CA ALA D 231 35.65 11.73 33.71
C ALA D 231 36.37 12.70 32.77
N ARG D 232 37.64 12.43 32.46
CA ARG D 232 38.37 13.30 31.53
C ARG D 232 37.75 13.25 30.14
N CYS D 233 37.19 12.09 29.75
CA CYS D 233 36.51 11.89 28.48
C CYS D 233 37.45 12.20 27.30
N THR D 234 38.48 11.37 27.18
CA THR D 234 39.35 11.37 26.02
C THR D 234 39.27 10.10 25.19
N SER D 235 38.48 9.12 25.63
CA SER D 235 38.35 7.84 24.95
C SER D 235 36.89 7.48 24.75
N ILE D 236 36.65 6.36 24.07
CA ILE D 236 35.31 5.96 23.65
C ILE D 236 34.93 4.65 24.33
N SER D 237 33.65 4.53 24.70
CA SER D 237 33.04 3.28 25.09
C SER D 237 31.68 3.18 24.41
N TRP D 238 31.24 1.95 24.17
CA TRP D 238 30.01 1.70 23.43
C TRP D 238 28.90 1.27 24.38
N GLU D 239 27.73 1.89 24.25
CA GLU D 239 26.61 1.73 25.16
C GLU D 239 25.40 1.20 24.42
N LEU D 240 24.77 0.16 24.95
CA LEU D 240 23.49 -0.35 24.47
C LEU D 240 22.43 -0.12 25.52
N ARG D 241 21.26 0.37 25.11
CA ARG D 241 20.17 0.68 26.04
C ARG D 241 18.87 0.11 25.49
N GLN D 242 18.19 -0.69 26.31
CA GLN D 242 16.90 -1.28 25.96
C GLN D 242 15.83 -0.73 26.91
N THR D 243 14.72 -0.25 26.35
CA THR D 243 13.71 0.46 27.11
C THR D 243 12.31 -0.05 26.77
N LEU D 244 11.43 0.00 27.77
CA LEU D 244 10.03 -0.38 27.63
C LEU D 244 9.18 0.48 28.55
N SER D 245 8.13 1.08 28.01
CA SER D 245 7.26 1.97 28.78
C SER D 245 5.80 1.70 28.49
N VAL D 246 4.98 1.72 29.54
CA VAL D 246 3.54 1.48 29.45
C VAL D 246 2.80 2.45 30.36
N VAL D 247 1.51 2.63 30.09
CA VAL D 247 0.61 3.43 30.92
C VAL D 247 -0.63 2.59 31.24
N PHE D 248 -0.98 2.51 32.53
CA PHE D 248 -2.14 1.76 32.99
C PHE D 248 -3.29 2.72 33.25
N ASP D 249 -4.44 2.45 32.62
CA ASP D 249 -5.61 3.33 32.72
C ASP D 249 -6.42 3.01 33.97
N ALA D 250 -6.98 4.06 34.58
CA ALA D 250 -7.62 3.91 35.89
C ALA D 250 -8.96 3.19 35.80
N PHE D 251 -9.78 3.50 34.78
CA PHE D 251 -11.11 2.91 34.71
C PHE D 251 -11.06 1.44 34.31
N ILE D 252 -10.28 1.11 33.28
CA ILE D 252 -10.21 -0.27 32.81
C ILE D 252 -9.43 -1.13 33.79
N THR D 253 -8.31 -0.62 34.31
CA THR D 253 -7.44 -1.37 35.20
C THR D 253 -7.41 -0.69 36.56
N GLY D 254 -7.51 -1.48 37.63
CA GLY D 254 -7.54 -0.91 38.96
C GLY D 254 -8.75 -0.05 39.20
N GLN D 255 -9.91 -0.47 38.68
CA GLN D 255 -11.14 0.29 38.89
C GLN D 255 -11.52 0.33 40.36
N GLY D 256 -11.27 -0.77 41.09
CA GLY D 256 -11.61 -0.81 42.49
C GLY D 256 -10.74 0.12 43.32
N LYS D 257 -11.19 0.34 44.56
CA LYS D 257 -10.49 1.24 45.48
C LYS D 257 -9.12 0.72 45.87
N LYS D 258 -8.82 -0.55 45.60
CA LYS D 258 -7.51 -1.10 45.92
C LYS D 258 -6.41 -0.33 45.22
N ASP D 259 -5.31 -0.13 45.92
CA ASP D 259 -4.23 0.72 45.42
C ASP D 259 -3.47 0.03 44.30
N TRP D 260 -2.57 0.79 43.68
CA TRP D 260 -1.73 0.28 42.60
C TRP D 260 -0.54 -0.44 43.21
N SER D 261 -0.61 -1.77 43.26
CA SER D 261 0.51 -2.58 43.73
C SER D 261 1.17 -3.26 42.54
N LEU D 262 2.35 -3.84 42.79
CA LEU D 262 3.06 -4.58 41.74
C LEU D 262 2.27 -5.82 41.32
N PHE D 263 1.63 -6.49 42.28
CA PHE D 263 0.91 -7.71 41.98
C PHE D 263 -0.28 -7.45 41.07
N ARG D 264 -0.94 -6.31 41.21
CA ARG D 264 -2.12 -6.06 40.40
C ARG D 264 -1.77 -5.48 39.04
N MET D 265 -0.64 -4.79 38.92
CA MET D 265 -0.20 -4.30 37.61
C MET D 265 0.46 -5.39 36.78
N PHE D 266 1.29 -6.22 37.38
CA PHE D 266 2.09 -7.18 36.63
C PHE D 266 1.79 -8.65 36.95
N SER D 267 0.92 -8.92 37.93
CA SER D 267 0.61 -10.28 38.38
C SER D 267 1.84 -11.01 38.91
N ARG D 268 2.82 -10.28 39.44
CA ARG D 268 4.08 -10.88 39.86
C ARG D 268 4.72 -9.96 40.89
N THR D 269 5.54 -10.56 41.76
CA THR D 269 6.32 -9.83 42.74
C THR D 269 7.80 -10.06 42.48
N LEU D 270 8.64 -9.22 43.11
CA LEU D 270 10.09 -9.33 42.97
C LEU D 270 10.66 -10.22 44.06
N THR D 271 11.48 -11.19 43.65
CA THR D 271 12.01 -12.18 44.57
C THR D 271 13.52 -12.17 44.72
N GLU D 272 14.27 -11.75 43.69
CA GLU D 272 15.74 -11.78 43.75
C GLU D 272 16.37 -10.95 42.63
N PRO D 273 17.57 -10.42 42.83
CA PRO D 273 18.21 -9.57 41.81
C PRO D 273 19.01 -10.33 40.76
N CYS D 274 19.15 -9.71 39.60
CA CYS D 274 19.99 -10.29 38.57
C CYS D 274 21.38 -10.33 39.12
N PRO D 275 22.03 -11.48 38.98
CA PRO D 275 23.38 -11.60 39.56
C PRO D 275 24.45 -10.88 38.77
N LEU D 276 24.16 -10.53 37.52
CA LEU D 276 25.16 -9.92 36.65
C LEU D 276 25.15 -8.40 36.73
N ALA D 277 24.09 -7.81 37.29
CA ALA D 277 23.99 -6.37 37.39
C ALA D 277 24.76 -5.86 38.59
N SER D 278 25.33 -4.66 38.44
CA SER D 278 26.00 -3.98 39.54
C SER D 278 25.12 -2.95 40.22
N GLU D 279 24.06 -2.49 39.56
CA GLU D 279 23.09 -1.58 40.15
C GLU D 279 21.70 -2.00 39.69
N SER D 280 20.78 -2.16 40.66
CA SER D 280 19.41 -2.57 40.38
C SER D 280 18.51 -1.91 41.40
N ARG D 281 17.58 -1.08 40.94
CA ARG D 281 16.77 -0.30 41.87
C ARG D 281 15.44 0.07 41.22
N VAL D 282 14.48 0.43 42.07
CA VAL D 282 13.15 0.87 41.65
C VAL D 282 12.92 2.27 42.23
N TYR D 283 12.49 3.20 41.37
CA TYR D 283 12.21 4.58 41.75
C TYR D 283 10.72 4.81 41.74
N VAL D 284 10.19 5.38 42.83
CA VAL D 284 8.77 5.72 42.94
C VAL D 284 8.65 7.22 43.20
N ASP D 285 7.90 7.91 42.34
CA ASP D 285 7.75 9.36 42.42
C ASP D 285 6.67 9.71 43.44
N ILE D 286 7.06 10.42 44.50
CA ILE D 286 6.16 10.68 45.62
C ILE D 286 5.95 12.18 45.85
N THR D 287 6.16 13.00 44.83
CA THR D 287 5.98 14.43 44.97
C THR D 287 4.50 14.81 44.87
N THR D 288 4.08 15.75 45.70
CA THR D 288 2.72 16.28 45.70
C THR D 288 2.77 17.76 45.40
N TYR D 289 2.19 18.16 44.27
CA TYR D 289 2.33 19.53 43.81
C TYR D 289 1.52 20.50 44.65
N ASN D 290 0.32 20.11 45.06
CA ASN D 290 -0.59 21.03 45.75
C ASN D 290 -0.01 21.48 47.09
N GLN D 291 0.39 20.54 47.93
CA GLN D 291 0.83 20.84 49.28
C GLN D 291 2.34 21.05 49.32
N ASP D 292 2.82 21.47 50.48
CA ASP D 292 4.22 21.78 50.69
C ASP D 292 4.85 20.73 51.61
N ASN D 293 5.93 20.10 51.13
CA ASN D 293 6.70 19.13 51.92
C ASN D 293 5.82 17.98 52.41
N GLU D 294 4.84 17.60 51.58
CA GLU D 294 3.98 16.44 51.85
C GLU D 294 4.12 15.47 50.70
N THR D 295 4.18 14.18 51.01
CA THR D 295 4.48 13.15 50.03
C THR D 295 3.42 12.07 50.04
N LEU D 296 3.31 11.36 48.92
CA LEU D 296 2.39 10.24 48.80
C LEU D 296 2.87 9.06 49.65
N GLU D 297 1.95 8.14 49.92
CA GLU D 297 2.22 7.04 50.85
C GLU D 297 2.63 5.79 50.07
N VAL D 298 3.83 5.31 50.34
CA VAL D 298 4.35 4.04 49.84
C VAL D 298 4.43 3.08 51.02
N HIS D 299 3.82 1.90 50.86
CA HIS D 299 3.63 1.02 52.02
C HIS D 299 4.94 0.48 52.57
N PRO D 300 5.80 -0.20 51.80
CA PRO D 300 7.06 -0.67 52.37
C PRO D 300 8.02 0.48 52.55
N PRO D 301 8.62 0.63 53.73
CA PRO D 301 9.56 1.73 53.97
C PRO D 301 10.75 1.64 53.03
N PRO D 302 11.10 2.73 52.36
CA PRO D 302 12.12 2.68 51.33
C PRO D 302 13.54 2.79 51.89
N THR D 303 14.50 2.44 51.04
CA THR D 303 15.90 2.51 51.43
C THR D 303 16.36 3.96 51.59
N THR D 304 16.02 4.81 50.62
CA THR D 304 16.55 6.17 50.58
C THR D 304 15.56 7.05 49.80
N THR D 305 15.75 8.36 49.91
CA THR D 305 14.99 9.34 49.15
C THR D 305 15.95 10.17 48.30
N TYR D 306 15.49 10.59 47.13
CA TYR D 306 16.33 11.29 46.16
C TYR D 306 15.55 12.48 45.60
N GLN D 307 16.13 13.68 45.70
CA GLN D 307 15.50 14.92 45.28
C GLN D 307 16.36 15.58 44.21
N ASP D 308 15.75 15.96 43.09
CA ASP D 308 16.50 16.55 42.00
C ASP D 308 15.55 17.26 41.05
N VAL D 309 16.11 18.07 40.16
CA VAL D 309 15.35 18.81 39.15
C VAL D 309 15.25 17.93 37.90
N ILE D 310 14.04 17.54 37.55
CA ILE D 310 13.77 16.67 36.39
C ILE D 310 12.77 17.38 35.50
N LEU D 311 13.13 17.58 34.23
CA LEU D 311 12.28 18.25 33.24
C LEU D 311 11.83 19.63 33.74
N GLY D 312 12.73 20.32 34.43
CA GLY D 312 12.43 21.65 34.91
C GLY D 312 11.54 21.73 36.13
N THR D 313 11.58 20.74 37.01
CA THR D 313 10.76 20.74 38.21
C THR D 313 11.45 19.91 39.28
N ARG D 314 11.30 20.32 40.54
CA ARG D 314 11.86 19.59 41.67
C ARG D 314 10.96 18.40 41.97
N LYS D 315 11.50 17.19 41.81
CA LYS D 315 10.74 15.96 42.01
C LYS D 315 11.42 15.10 43.08
N THR D 316 10.62 14.43 43.89
CA THR D 316 11.09 13.57 44.97
C THR D 316 10.78 12.12 44.64
N TYR D 317 11.78 11.25 44.85
CA TYR D 317 11.64 9.83 44.52
C TYR D 317 12.01 8.98 45.73
N ALA D 318 11.29 7.87 45.90
CA ALA D 318 11.63 6.85 46.88
C ALA D 318 12.42 5.74 46.19
N ILE D 319 13.51 5.31 46.82
CA ILE D 319 14.44 4.36 46.22
C ILE D 319 14.36 3.04 46.98
N TYR D 320 14.10 1.97 46.26
CA TYR D 320 14.19 0.60 46.79
C TYR D 320 15.39 -0.08 46.15
N ASP D 321 16.38 -0.43 46.96
CA ASP D 321 17.64 -0.99 46.48
C ASP D 321 17.54 -2.51 46.56
N LEU D 322 17.49 -3.17 45.40
CA LEU D 322 17.26 -4.61 45.38
C LEU D 322 18.50 -5.41 45.77
N LEU D 323 19.68 -4.79 45.74
CA LEU D 323 20.90 -5.48 46.17
C LEU D 323 21.06 -5.47 47.69
N ASP D 324 20.28 -4.67 48.40
CA ASP D 324 20.33 -4.70 49.86
C ASP D 324 19.61 -5.93 50.39
N THR D 325 20.25 -6.64 51.32
CA THR D 325 19.64 -7.80 51.95
C THR D 325 18.72 -7.43 53.10
N ALA D 326 18.64 -6.15 53.46
CA ALA D 326 17.53 -5.71 54.30
C ALA D 326 16.22 -5.68 53.51
N MET D 327 16.30 -5.31 52.23
CA MET D 327 15.10 -5.20 51.41
C MET D 327 14.60 -6.58 50.98
N ILE D 328 15.44 -7.36 50.31
CA ILE D 328 15.03 -8.62 49.70
C ILE D 328 15.97 -9.73 50.16
N ASN D 329 15.39 -10.82 50.64
CA ASN D 329 16.15 -11.97 51.09
C ASN D 329 15.52 -13.23 50.51
N ASN D 330 16.05 -14.39 50.92
CA ASN D 330 15.52 -15.66 50.46
C ASN D 330 14.12 -15.92 51.02
N SER D 331 13.86 -15.42 52.23
CA SER D 331 12.63 -15.74 52.94
C SER D 331 11.55 -14.68 52.79
N ARG D 332 11.79 -13.61 52.04
CA ARG D 332 10.80 -12.54 51.92
C ARG D 332 11.06 -11.77 50.64
N ASN D 333 10.00 -11.56 49.86
CA ASN D 333 10.04 -10.88 48.58
C ASN D 333 9.50 -9.46 48.73
N LEU D 334 9.32 -8.76 47.62
CA LEU D 334 8.94 -7.34 47.64
C LEU D 334 7.69 -7.10 46.83
N ASN D 335 6.72 -6.41 47.44
CA ASN D 335 5.50 -5.96 46.77
C ASN D 335 5.24 -4.53 47.20
N ILE D 336 5.36 -3.59 46.27
CA ILE D 336 5.25 -2.17 46.56
C ILE D 336 3.82 -1.71 46.30
N GLN D 337 3.29 -0.87 47.21
CA GLN D 337 1.92 -0.40 47.15
C GLN D 337 1.89 1.12 47.17
N LEU D 338 0.92 1.71 46.46
CA LEU D 338 0.88 3.14 46.21
C LEU D 338 -0.57 3.63 46.16
N LYS D 339 -0.90 4.62 46.98
CA LYS D 339 -2.24 5.21 47.01
C LYS D 339 -2.28 6.43 46.09
N TRP D 340 -3.11 6.37 45.05
CA TRP D 340 -3.23 7.48 44.12
C TRP D 340 -4.62 7.48 43.49
N LYS D 341 -5.26 8.65 43.49
CA LYS D 341 -6.54 8.87 42.82
C LYS D 341 -6.43 10.20 42.08
N ARG D 342 -7.31 10.39 41.10
CA ARG D 342 -7.30 11.64 40.35
C ARG D 342 -7.54 12.80 41.30
N PRO D 343 -6.67 13.80 41.33
CA PRO D 343 -6.81 14.88 42.30
C PRO D 343 -8.02 15.75 41.98
N PRO D 344 -8.52 16.50 42.95
CA PRO D 344 -9.65 17.40 42.67
C PRO D 344 -9.30 18.40 41.58
N GLU D 345 -10.33 19.05 41.04
CA GLU D 345 -10.12 20.02 39.97
C GLU D 345 -9.16 21.12 40.40
N ASN D 346 -9.39 21.71 41.58
CA ASN D 346 -8.37 22.51 42.21
C ASN D 346 -7.24 21.61 42.68
N GLU D 347 -6.02 22.14 42.66
CA GLU D 347 -4.77 21.48 43.01
C GLU D 347 -4.24 20.60 41.88
N ALA D 348 -4.91 20.54 40.74
CA ALA D 348 -4.38 19.82 39.61
C ALA D 348 -3.19 20.56 39.01
N PRO D 349 -2.19 19.84 38.51
CA PRO D 349 -1.03 20.51 37.93
C PRO D 349 -1.41 21.28 36.68
N PRO D 350 -0.72 22.38 36.41
CA PRO D 350 -0.98 23.13 35.16
C PRO D 350 -0.54 22.33 33.94
N VAL D 351 -1.16 22.66 32.81
CA VAL D 351 -0.88 21.99 31.54
C VAL D 351 0.54 22.32 31.08
N PRO D 352 1.17 21.46 30.28
CA PRO D 352 2.53 21.74 29.80
C PRO D 352 2.61 22.99 28.92
N PHE D 353 3.80 23.56 28.79
CA PHE D 353 3.98 24.77 28.01
C PHE D 353 3.87 24.55 26.50
N LEU D 354 3.88 23.30 26.04
CA LEU D 354 3.83 23.01 24.60
C LEU D 354 3.01 21.76 24.34
N HIS D 355 2.06 21.85 23.41
CA HIS D 355 1.37 20.69 22.87
C HIS D 355 0.80 21.07 21.50
N ALA D 356 0.38 20.06 20.74
CA ALA D 356 0.02 20.27 19.34
C ALA D 356 -1.03 19.26 18.91
N GLN D 357 -1.68 19.56 17.77
CA GLN D 357 -2.69 18.71 17.16
C GLN D 357 -2.60 18.81 15.64
N ARG D 358 -3.18 17.82 14.97
CA ARG D 358 -3.15 17.72 13.51
C ARG D 358 -4.46 17.13 13.00
N TYR D 359 -4.97 17.67 11.90
CA TYR D 359 -6.23 17.19 11.33
C TYR D 359 -6.31 17.52 9.84
N VAL D 360 -7.29 16.91 9.18
CA VAL D 360 -7.56 17.10 7.76
C VAL D 360 -8.83 17.93 7.60
N SER D 361 -8.79 18.91 6.70
CA SER D 361 -9.92 19.79 6.44
C SER D 361 -10.54 19.49 5.07
N GLY D 362 -11.85 19.68 4.98
CA GLY D 362 -12.59 19.54 3.74
C GLY D 362 -13.44 18.29 3.72
N TYR D 363 -14.03 18.05 2.56
CA TYR D 363 -14.79 16.82 2.31
C TYR D 363 -14.77 16.54 0.81
N GLY D 364 -15.01 15.29 0.46
CA GLY D 364 -14.97 14.85 -0.92
C GLY D 364 -13.73 14.01 -1.20
N LEU D 365 -13.55 13.70 -2.48
CA LEU D 365 -12.46 12.85 -2.93
C LEU D 365 -11.57 13.55 -3.95
N GLN D 366 -11.57 14.88 -3.97
CA GLN D 366 -10.75 15.62 -4.92
C GLN D 366 -9.69 16.48 -4.26
N LYS D 367 -10.07 17.40 -3.36
CA LYS D 367 -9.11 18.33 -2.78
C LYS D 367 -9.33 18.45 -1.28
N GLY D 368 -8.27 18.88 -0.59
CA GLY D 368 -8.32 19.02 0.86
C GLY D 368 -7.18 19.86 1.36
N GLU D 369 -7.08 19.94 2.69
CA GLU D 369 -6.05 20.71 3.37
C GLU D 369 -5.56 19.97 4.61
N LEU D 370 -4.28 20.15 4.91
CA LEU D 370 -3.65 19.59 6.11
C LEU D 370 -3.32 20.73 7.06
N SER D 371 -3.77 20.61 8.31
CA SER D 371 -3.66 21.68 9.29
C SER D 371 -2.99 21.21 10.57
N THR D 372 -2.17 22.06 11.16
CA THR D 372 -1.50 21.79 12.43
C THR D 372 -1.71 22.96 13.39
N LEU D 373 -1.93 22.66 14.66
CA LEU D 373 -2.12 23.66 15.69
C LEU D 373 -1.01 23.53 16.73
N LEU D 374 -0.36 24.64 17.05
CA LEU D 374 0.72 24.67 18.03
C LEU D 374 0.38 25.64 19.15
N TYR D 375 0.51 25.18 20.40
CA TYR D 375 0.12 25.94 21.57
C TYR D 375 1.34 26.37 22.37
N ASN D 376 1.34 27.62 22.82
CA ASN D 376 2.30 28.14 23.78
C ASN D 376 1.50 28.67 24.97
N THR D 377 1.54 27.96 26.09
CA THR D 377 0.77 28.33 27.26
C THR D 377 1.61 29.04 28.32
N HIS D 378 2.84 29.43 28.00
CA HIS D 378 3.65 30.17 28.96
C HIS D 378 3.13 31.60 29.09
N PRO D 379 3.08 32.13 30.32
CA PRO D 379 2.52 33.49 30.49
C PRO D 379 3.28 34.60 29.77
N TYR D 380 4.61 34.56 29.70
CA TYR D 380 5.33 35.73 29.19
C TYR D 380 6.52 35.44 28.29
N ARG D 381 6.85 34.19 28.00
CA ARG D 381 8.04 33.87 27.20
C ARG D 381 7.66 33.27 25.85
N ALA D 382 8.35 33.71 24.81
CA ALA D 382 8.25 33.13 23.48
C ALA D 382 9.50 32.29 23.19
N PHE D 383 9.29 31.17 22.49
CA PHE D 383 10.37 30.26 22.16
C PHE D 383 10.18 29.69 20.77
N PRO D 384 11.26 29.31 20.09
CA PRO D 384 11.15 28.76 18.73
C PRO D 384 10.99 27.26 18.69
N VAL D 385 10.40 26.79 17.58
CA VAL D 385 10.18 25.37 17.34
C VAL D 385 10.63 25.03 15.92
N LEU D 386 11.01 23.77 15.73
CA LEU D 386 11.40 23.24 14.43
C LEU D 386 10.43 22.13 14.04
N LEU D 387 9.86 22.23 12.84
CA LEU D 387 8.78 21.37 12.39
C LEU D 387 9.19 20.60 11.15
N LEU D 388 8.97 19.28 11.16
CA LEU D 388 9.33 18.39 10.06
C LEU D 388 8.10 17.61 9.62
N ASP D 389 7.76 17.70 8.33
CA ASP D 389 6.62 17.02 7.75
C ASP D 389 7.04 16.22 6.52
N THR D 390 6.52 15.00 6.40
CA THR D 390 6.73 14.15 5.23
C THR D 390 5.38 13.70 4.68
N VAL D 391 5.21 13.78 3.37
CA VAL D 391 3.93 13.47 2.73
C VAL D 391 4.16 12.55 1.54
N PRO D 392 3.33 11.53 1.33
CA PRO D 392 3.50 10.65 0.17
C PRO D 392 3.22 11.35 -1.15
N TRP D 393 3.73 10.74 -2.22
CA TRP D 393 3.66 11.37 -3.54
C TRP D 393 2.23 11.47 -4.08
N TYR D 394 1.34 10.57 -3.67
CA TYR D 394 -0.01 10.58 -4.24
C TYR D 394 -0.83 11.82 -3.83
N LEU D 395 -0.48 12.42 -2.69
CA LEU D 395 -1.19 13.62 -2.24
C LEU D 395 -0.35 14.82 -2.68
N ARG D 396 -0.63 15.31 -3.89
CA ARG D 396 0.19 16.36 -4.49
C ARG D 396 -0.05 17.69 -3.79
N LEU D 397 1.03 18.35 -3.40
CA LEU D 397 0.98 19.54 -2.58
C LEU D 397 1.24 20.79 -3.42
N TYR D 398 0.59 21.89 -3.05
CA TYR D 398 0.77 23.19 -3.69
C TYR D 398 1.36 24.14 -2.65
N VAL D 399 2.63 24.49 -2.84
CA VAL D 399 3.39 25.22 -1.82
C VAL D 399 3.08 26.71 -1.82
N HIS D 400 2.42 27.24 -2.84
CA HIS D 400 2.02 28.64 -2.82
C HIS D 400 0.81 28.90 -1.94
N THR D 401 0.20 27.84 -1.39
CA THR D 401 -0.93 27.96 -0.48
C THR D 401 -0.56 27.82 0.98
N LEU D 402 0.73 27.72 1.31
CA LEU D 402 1.16 27.54 2.69
C LEU D 402 0.98 28.84 3.47
N THR D 403 0.31 28.74 4.62
CA THR D 403 0.05 29.89 5.48
C THR D 403 0.36 29.55 6.93
N ILE D 404 0.96 30.51 7.64
CA ILE D 404 1.24 30.40 9.06
C ILE D 404 0.71 31.66 9.73
N THR D 405 -0.26 31.50 10.63
CA THR D 405 -0.92 32.63 11.28
C THR D 405 -0.87 32.47 12.80
N SER D 406 -0.47 33.54 13.49
CA SER D 406 -0.52 33.61 14.94
C SER D 406 -1.38 34.80 15.34
N LYS D 407 -2.39 34.55 16.17
CA LYS D 407 -3.27 35.60 16.71
C LYS D 407 -3.93 36.43 15.63
N GLY D 408 -4.13 35.87 14.45
CA GLY D 408 -4.72 36.60 13.34
C GLY D 408 -3.75 37.38 12.47
N LYS D 409 -2.45 37.27 12.73
CA LYS D 409 -1.43 37.93 11.92
C LYS D 409 -0.52 36.88 11.30
N GLU D 410 0.10 37.25 10.18
CA GLU D 410 0.99 36.33 9.49
C GLU D 410 2.34 36.24 10.18
N ASN D 411 2.85 35.02 10.29
CA ASN D 411 4.15 34.75 10.89
C ASN D 411 5.09 34.24 9.80
N LYS D 412 6.26 34.89 9.67
CA LYS D 412 7.21 34.56 8.62
C LYS D 412 8.31 33.67 9.19
N PRO D 413 8.45 32.43 8.70
CA PRO D 413 9.48 31.54 9.25
C PRO D 413 10.89 32.03 8.97
N SER D 414 11.79 31.78 9.93
CA SER D 414 13.19 32.18 9.77
C SER D 414 13.91 31.30 8.77
N TYR D 415 13.59 30.01 8.76
CA TYR D 415 14.23 29.02 7.89
C TYR D 415 13.16 28.13 7.29
N ILE D 416 13.31 27.80 6.01
CA ILE D 416 12.38 26.90 5.34
C ILE D 416 13.12 26.12 4.26
N HIS D 417 12.90 24.81 4.23
CA HIS D 417 13.45 23.92 3.23
C HIS D 417 12.33 23.04 2.68
N TYR D 418 12.21 22.98 1.36
CA TYR D 418 11.17 22.21 0.70
C TYR D 418 11.76 21.29 -0.35
N GLN D 419 11.37 20.02 -0.33
CA GLN D 419 11.72 19.07 -1.37
C GLN D 419 10.43 18.56 -2.03
N PRO D 420 10.23 18.79 -3.32
CA PRO D 420 9.03 18.28 -3.98
C PRO D 420 9.12 16.80 -4.29
N ALA D 421 7.94 16.19 -4.42
CA ALA D 421 7.86 14.76 -4.67
C ALA D 421 8.00 14.45 -6.16
N GLN D 422 8.30 13.19 -6.45
CA GLN D 422 8.31 12.66 -7.80
C GLN D 422 7.52 11.37 -7.80
N ASP D 423 6.62 11.19 -8.78
CA ASP D 423 5.71 10.06 -8.77
C ASP D 423 6.47 8.74 -8.74
N ARG D 424 6.19 7.94 -7.71
CA ARG D 424 6.75 6.61 -7.49
C ARG D 424 8.26 6.64 -7.23
N LEU D 425 8.82 7.79 -6.87
CA LEU D 425 10.25 7.90 -6.65
C LEU D 425 10.61 8.40 -5.25
N GLN D 426 10.00 9.49 -4.79
CA GLN D 426 10.38 10.10 -3.52
C GLN D 426 9.21 10.90 -2.98
N PRO D 427 9.17 11.15 -1.67
CA PRO D 427 8.08 11.92 -1.07
C PRO D 427 8.38 13.41 -0.93
N HIS D 428 7.36 14.14 -0.47
CA HIS D 428 7.52 15.54 -0.09
C HIS D 428 8.26 15.64 1.24
N LEU D 429 9.05 16.70 1.40
CA LEU D 429 9.66 17.03 2.68
C LEU D 429 9.55 18.54 2.90
N LEU D 430 9.11 18.93 4.08
CA LEU D 430 8.95 20.33 4.46
C LEU D 430 9.52 20.52 5.86
N GLU D 431 10.37 21.53 6.03
CA GLU D 431 11.06 21.78 7.30
C GLU D 431 11.08 23.27 7.56
N MET D 432 10.54 23.69 8.71
CA MET D 432 10.39 25.10 9.04
C MET D 432 10.85 25.37 10.47
N LEU D 433 11.29 26.60 10.70
CA LEU D 433 11.68 27.08 12.03
C LEU D 433 10.83 28.31 12.34
N ILE D 434 9.98 28.21 13.37
CA ILE D 434 8.96 29.20 13.68
C ILE D 434 9.10 29.63 15.14
N GLN D 435 9.05 30.94 15.38
CA GLN D 435 9.02 31.48 16.73
C GLN D 435 7.58 31.65 17.19
N LEU D 436 7.25 31.04 18.33
CA LEU D 436 5.87 31.00 18.81
C LEU D 436 5.65 32.11 19.83
N PRO D 437 4.69 33.01 19.63
CA PRO D 437 4.42 34.04 20.63
C PRO D 437 3.75 33.47 21.88
N ALA D 438 3.92 34.18 22.99
CA ALA D 438 3.47 33.70 24.28
C ALA D 438 1.96 33.74 24.41
N ASN D 439 1.40 32.75 25.10
CA ASN D 439 -0.02 32.65 25.40
C ASN D 439 -0.87 32.76 24.13
N SER D 440 -0.65 31.83 23.22
CA SER D 440 -1.27 31.90 21.90
C SER D 440 -1.31 30.53 21.26
N VAL D 441 -2.03 30.45 20.14
CA VAL D 441 -2.10 29.26 19.30
C VAL D 441 -1.79 29.66 17.87
N THR D 442 -0.96 28.87 17.20
CA THR D 442 -0.52 29.11 15.83
C THR D 442 -1.00 27.98 14.93
N LYS D 443 -1.45 28.33 13.73
CA LYS D 443 -1.96 27.36 12.77
C LYS D 443 -1.13 27.36 11.50
N VAL D 444 -0.85 26.16 10.97
CA VAL D 444 -0.09 25.96 9.75
C VAL D 444 -0.95 25.12 8.81
N SER D 445 -1.10 25.55 7.55
CA SER D 445 -1.99 24.88 6.61
C SER D 445 -1.37 24.84 5.22
N ILE D 446 -1.74 23.80 4.46
CA ILE D 446 -1.33 23.66 3.07
C ILE D 446 -2.34 22.79 2.33
N GLN D 447 -2.62 23.14 1.08
CA GLN D 447 -3.60 22.42 0.26
C GLN D 447 -2.96 21.26 -0.49
N PHE D 448 -3.77 20.25 -0.78
CA PHE D 448 -3.33 19.09 -1.55
C PHE D 448 -4.43 18.64 -2.50
N GLU D 449 -4.05 17.83 -3.49
CA GLU D 449 -4.97 17.19 -4.42
C GLU D 449 -4.72 15.68 -4.45
N ARG D 450 -5.80 14.92 -4.56
CA ARG D 450 -5.72 13.47 -4.58
C ARG D 450 -5.51 12.96 -6.00
N ALA D 451 -4.85 11.80 -6.11
CA ALA D 451 -4.50 11.20 -7.39
C ALA D 451 -5.25 9.90 -7.60
N LEU D 452 -5.44 9.55 -8.87
CA LEU D 452 -6.00 8.26 -9.26
C LEU D 452 -4.86 7.35 -9.70
N LEU D 453 -4.78 6.17 -9.09
CA LEU D 453 -3.70 5.23 -9.35
C LEU D 453 -4.14 4.14 -10.32
N LYS D 454 -3.19 3.30 -10.70
CA LYS D 454 -3.49 2.13 -11.51
C LYS D 454 -4.16 1.06 -10.64
N TRP D 455 -4.94 0.20 -11.28
CA TRP D 455 -5.73 -0.78 -10.55
C TRP D 455 -4.87 -1.81 -9.81
N THR D 456 -3.60 -1.96 -10.20
CA THR D 456 -2.71 -2.91 -9.54
C THR D 456 -1.92 -2.29 -8.39
N GLU D 457 -2.09 -1.01 -8.10
CA GLU D 457 -1.30 -0.33 -7.08
C GLU D 457 -2.05 -0.13 -5.77
N TYR D 458 -3.22 -0.73 -5.60
CA TYR D 458 -3.97 -0.64 -4.37
C TYR D 458 -3.71 -1.85 -3.48
N THR D 459 -4.07 -1.73 -2.22
CA THR D 459 -3.89 -2.80 -1.24
C THR D 459 -5.02 -3.81 -1.36
N PRO D 460 -4.90 -4.97 -0.68
CA PRO D 460 -6.02 -5.92 -0.68
C PRO D 460 -7.32 -5.35 -0.12
N ASP D 461 -7.24 -4.37 0.79
CA ASP D 461 -8.44 -3.68 1.25
C ASP D 461 -8.41 -2.23 0.83
N PRO D 462 -8.76 -1.91 -0.41
CA PRO D 462 -8.56 -0.56 -0.94
C PRO D 462 -9.54 0.48 -0.44
N ASN D 463 -10.61 0.09 0.26
CA ASN D 463 -11.60 1.03 0.76
C ASN D 463 -11.32 1.45 2.20
N HIS D 464 -10.15 1.13 2.74
CA HIS D 464 -9.76 1.55 4.07
C HIS D 464 -9.09 2.92 4.05
N GLY D 465 -8.12 3.13 3.18
CA GLY D 465 -7.44 4.39 3.03
C GLY D 465 -5.93 4.26 3.19
N PHE D 466 -5.27 5.40 3.03
CA PHE D 466 -3.83 5.51 3.18
C PHE D 466 -3.49 6.36 4.40
N TYR D 467 -2.26 6.23 4.88
CA TYR D 467 -1.83 6.88 6.11
C TYR D 467 -0.74 7.91 5.82
N VAL D 468 -0.90 9.10 6.39
CA VAL D 468 0.16 10.10 6.45
C VAL D 468 0.87 9.95 7.78
N SER D 469 2.20 9.87 7.74
CA SER D 469 2.97 9.60 8.93
C SER D 469 2.92 10.78 9.90
N PRO D 470 3.05 10.51 11.21
CA PRO D 470 3.03 11.60 12.19
C PRO D 470 4.18 12.58 11.99
N SER D 471 3.94 13.83 12.36
CA SER D 471 4.92 14.91 12.20
C SER D 471 5.72 15.10 13.49
N VAL D 472 6.91 15.67 13.34
CA VAL D 472 7.90 15.79 14.41
C VAL D 472 8.04 17.25 14.80
N LEU D 473 8.10 17.50 16.11
CA LEU D 473 8.26 18.83 16.66
C LEU D 473 9.39 18.81 17.68
N SER D 474 10.35 19.72 17.54
CA SER D 474 11.50 19.82 18.43
C SER D 474 11.63 21.24 18.95
N ALA D 475 11.94 21.39 20.23
CA ALA D 475 12.02 22.71 20.83
C ALA D 475 12.83 22.66 22.11
N LEU D 476 13.28 23.83 22.56
CA LEU D 476 13.88 24.02 23.87
C LEU D 476 12.87 24.79 24.72
N VAL D 477 12.24 24.08 25.66
CA VAL D 477 11.16 24.62 26.47
C VAL D 477 11.73 25.26 27.73
N PRO D 478 11.25 26.44 28.12
CA PRO D 478 11.76 27.07 29.35
C PRO D 478 11.43 26.27 30.60
N SER D 479 12.25 26.47 31.62
CA SER D 479 12.19 25.69 32.85
C SER D 479 11.75 26.55 34.03
N MET D 480 11.05 25.91 34.97
CA MET D 480 10.65 26.60 36.20
C MET D 480 11.84 26.78 37.14
N VAL D 481 12.72 25.78 37.23
CA VAL D 481 13.85 25.80 38.14
C VAL D 481 15.12 25.55 37.34
N ALA D 482 16.23 26.11 37.82
CA ALA D 482 17.53 25.92 37.19
C ALA D 482 18.17 24.62 37.65
N ALA D 483 18.75 23.88 36.72
CA ALA D 483 19.34 22.58 36.99
C ALA D 483 20.86 22.66 37.02
N LYS D 484 21.47 21.89 37.92
CA LYS D 484 22.91 21.81 38.09
C LYS D 484 23.51 20.83 37.09
N PRO D 485 24.80 20.97 36.78
CA PRO D 485 25.46 19.97 35.93
C PRO D 485 25.46 18.59 36.59
N VAL D 486 25.44 17.56 35.76
CA VAL D 486 25.25 16.19 36.22
C VAL D 486 26.27 15.28 35.56
N ASP D 487 26.70 14.27 36.30
CA ASP D 487 27.62 13.24 35.82
C ASP D 487 26.83 11.97 35.53
N TRP D 488 27.01 11.42 34.32
CA TRP D 488 26.13 10.36 33.84
C TRP D 488 26.35 9.04 34.56
N GLU D 489 27.50 8.83 35.19
CA GLU D 489 27.75 7.57 35.88
C GLU D 489 27.17 7.53 37.28
N GLU D 490 26.71 8.66 37.82
CA GLU D 490 26.17 8.72 39.16
C GLU D 490 24.73 9.18 39.21
N SER D 491 24.09 9.37 38.06
CA SER D 491 22.73 9.83 37.98
C SER D 491 21.78 8.71 37.58
N PRO D 492 20.50 8.82 37.90
CA PRO D 492 19.53 7.82 37.44
C PRO D 492 19.48 7.77 35.93
N LEU D 493 19.13 6.59 35.40
CA LEU D 493 19.16 6.37 33.96
C LEU D 493 18.14 7.21 33.22
N PHE D 494 17.04 7.60 33.88
CA PHE D 494 16.04 8.43 33.20
C PHE D 494 16.44 9.90 33.14
N ASN D 495 17.55 10.28 33.76
CA ASN D 495 18.05 11.65 33.73
C ASN D 495 19.21 11.83 32.76
N SER D 496 19.58 10.81 31.99
CA SER D 496 20.75 10.86 31.12
C SER D 496 20.44 10.35 29.73
N LEU D 497 19.31 10.79 29.17
CA LEU D 497 18.92 10.42 27.82
C LEU D 497 19.32 11.45 26.77
N PHE D 498 19.20 12.74 27.10
CA PHE D 498 19.56 13.83 26.22
C PHE D 498 20.67 14.68 26.83
N PRO D 499 21.70 15.03 26.06
CA PRO D 499 22.70 15.97 26.56
C PRO D 499 22.09 17.34 26.84
N VAL D 500 22.57 17.99 27.89
CA VAL D 500 22.01 19.25 28.37
C VAL D 500 23.00 20.36 28.04
N SER D 501 22.53 21.39 27.35
CA SER D 501 23.36 22.51 26.92
C SER D 501 23.27 23.72 27.86
N ASP D 502 22.07 24.02 28.36
CA ASP D 502 21.86 25.13 29.28
C ASP D 502 21.03 24.66 30.45
N GLY D 503 21.25 25.28 31.61
CA GLY D 503 20.53 24.94 32.81
C GLY D 503 19.16 25.59 32.96
N SER D 504 18.76 26.45 32.04
CA SER D 504 17.50 27.16 32.12
C SER D 504 16.45 26.68 31.14
N ASN D 505 16.79 25.74 30.25
CA ASN D 505 15.85 25.15 29.33
C ASN D 505 16.05 23.64 29.31
N TYR D 506 15.18 22.94 28.58
CA TYR D 506 15.37 21.52 28.34
C TYR D 506 14.75 21.16 27.00
N PHE D 507 15.29 20.10 26.39
CA PHE D 507 14.95 19.72 25.04
C PHE D 507 13.81 18.70 25.03
N VAL D 508 12.87 18.86 24.09
CA VAL D 508 11.77 17.94 23.91
C VAL D 508 11.59 17.65 22.43
N ARG D 509 11.08 16.46 22.13
CA ARG D 509 10.72 16.07 20.77
C ARG D 509 9.35 15.40 20.81
N LEU D 510 8.36 16.04 20.18
CA LEU D 510 6.97 15.59 20.20
C LEU D 510 6.57 15.02 18.86
N TYR D 511 5.64 14.07 18.90
CA TYR D 511 5.05 13.48 17.70
C TYR D 511 3.54 13.66 17.73
N THR D 512 2.97 14.01 16.59
CA THR D 512 1.51 14.12 16.47
C THR D 512 0.94 12.75 16.11
N GLU D 513 -0.32 12.72 15.75
CA GLU D 513 -1.00 11.48 15.42
C GLU D 513 -1.05 11.29 13.90
N PRO D 514 -1.14 10.05 13.44
CA PRO D 514 -1.28 9.80 12.00
C PRO D 514 -2.66 10.14 11.48
N LEU D 515 -2.73 10.34 10.17
CA LEU D 515 -3.96 10.72 9.49
C LEU D 515 -4.34 9.69 8.44
N LEU D 516 -5.64 9.47 8.28
CA LEU D 516 -6.18 8.53 7.31
C LEU D 516 -6.89 9.30 6.19
N VAL D 517 -6.50 9.03 4.95
CA VAL D 517 -6.99 9.75 3.78
C VAL D 517 -7.43 8.76 2.72
N ASN D 518 -8.54 9.06 2.05
CA ASN D 518 -9.08 8.21 0.99
C ASN D 518 -8.77 8.77 -0.38
N LEU D 519 -8.67 7.86 -1.36
CA LEU D 519 -8.43 8.19 -2.75
C LEU D 519 -9.57 7.66 -3.62
N PRO D 520 -9.85 8.28 -4.76
CA PRO D 520 -10.78 7.67 -5.72
C PRO D 520 -10.17 6.41 -6.32
N THR D 521 -11.04 5.45 -6.63
CA THR D 521 -10.58 4.16 -7.11
C THR D 521 -11.18 3.82 -8.46
N PRO D 522 -10.50 3.01 -9.27
CA PRO D 522 -11.12 2.48 -10.48
C PRO D 522 -11.89 1.19 -10.20
N ASP D 523 -12.44 0.59 -11.26
CA ASP D 523 -13.18 -0.70 -11.12
C ASP D 523 -12.17 -1.85 -11.29
N PHE D 524 -12.01 -2.68 -10.26
CA PHE D 524 -11.05 -3.77 -10.33
C PHE D 524 -11.58 -4.98 -11.08
N SER D 525 -12.86 -4.98 -11.44
CA SER D 525 -13.47 -6.17 -12.04
C SER D 525 -13.39 -6.20 -13.56
N MET D 526 -13.24 -5.05 -14.21
CA MET D 526 -13.31 -4.96 -15.68
C MET D 526 -12.08 -4.30 -16.28
N PRO D 527 -10.91 -4.96 -16.24
CA PRO D 527 -9.81 -4.52 -17.10
C PRO D 527 -9.94 -4.99 -18.54
N TYR D 528 -10.86 -5.91 -18.84
CA TYR D 528 -10.95 -6.46 -20.18
C TYR D 528 -12.06 -5.86 -21.04
N ASN D 529 -13.15 -5.39 -20.43
CA ASN D 529 -14.21 -4.73 -21.20
C ASN D 529 -13.75 -3.37 -21.72
N VAL D 530 -12.91 -2.67 -20.95
CA VAL D 530 -12.45 -1.34 -21.33
C VAL D 530 -11.68 -1.39 -22.65
N ILE D 531 -10.82 -2.40 -22.80
CA ILE D 531 -10.04 -2.54 -24.03
C ILE D 531 -10.98 -2.70 -25.22
N CYS D 532 -11.98 -3.57 -25.10
CA CYS D 532 -12.91 -3.81 -26.20
C CYS D 532 -13.67 -2.54 -26.57
N LEU D 533 -14.16 -1.80 -25.58
CA LEU D 533 -14.96 -0.62 -25.88
C LEU D 533 -14.14 0.49 -26.53
N THR D 534 -12.97 0.79 -25.97
CA THR D 534 -12.14 1.86 -26.52
C THR D 534 -11.66 1.50 -27.93
N CYS D 535 -11.22 0.26 -28.13
CA CYS D 535 -10.82 -0.17 -29.45
C CYS D 535 -11.98 -0.13 -30.43
N THR D 536 -13.21 -0.41 -29.96
CA THR D 536 -14.37 -0.31 -30.83
C THR D 536 -14.59 1.12 -31.31
N VAL D 537 -14.41 2.11 -30.42
CA VAL D 537 -14.56 3.50 -30.84
C VAL D 537 -13.52 3.87 -31.89
N VAL D 538 -12.25 3.49 -31.64
CA VAL D 538 -11.19 3.79 -32.61
C VAL D 538 -11.49 3.12 -33.96
N ALA D 539 -12.01 1.89 -33.92
CA ALA D 539 -12.37 1.19 -35.15
C ALA D 539 -13.51 1.87 -35.89
N VAL D 540 -14.47 2.43 -35.17
CA VAL D 540 -15.55 3.18 -35.81
C VAL D 540 -14.98 4.33 -36.63
N CYS D 541 -14.07 5.10 -36.01
CA CYS D 541 -13.46 6.21 -36.74
C CYS D 541 -12.69 5.71 -37.97
N TYR D 542 -11.90 4.65 -37.80
CA TYR D 542 -11.11 4.12 -38.91
C TYR D 542 -12.01 3.68 -40.07
N GLY D 543 -13.09 2.97 -39.76
CA GLY D 543 -13.97 2.49 -40.80
C GLY D 543 -14.63 3.61 -41.57
N SER D 544 -15.11 4.63 -40.86
CA SER D 544 -15.70 5.78 -41.54
C SER D 544 -14.70 6.42 -42.50
N PHE D 545 -13.49 6.68 -42.01
CA PHE D 545 -12.52 7.39 -42.86
C PHE D 545 -12.08 6.54 -44.05
N TYR D 546 -11.85 5.24 -43.84
CA TYR D 546 -11.46 4.38 -44.95
C TYR D 546 -12.53 4.32 -46.01
N ASN D 547 -13.79 4.11 -45.60
CA ASN D 547 -14.88 4.03 -46.56
C ASN D 547 -15.05 5.34 -47.30
N LEU D 548 -14.83 6.47 -46.65
CA LEU D 548 -14.99 7.75 -47.33
C LEU D 548 -13.81 8.07 -48.27
N LEU D 549 -12.61 7.65 -47.92
CA LEU D 549 -11.43 8.02 -48.71
C LEU D 549 -11.13 7.05 -49.84
N THR D 550 -11.64 5.83 -49.81
CA THR D 550 -11.26 4.85 -50.82
C THR D 550 -12.30 4.68 -51.93
N ARG D 551 -13.58 4.87 -51.65
CA ARG D 551 -14.62 4.55 -52.62
C ARG D 551 -15.01 5.78 -53.45
N THR D 552 -15.93 5.55 -54.40
CA THR D 552 -16.34 6.56 -55.37
C THR D 552 -17.84 6.43 -55.61
N PHE D 553 -18.46 7.54 -55.99
CA PHE D 553 -19.90 7.55 -56.26
C PHE D 553 -20.19 6.90 -57.61
N HIS D 554 -21.18 6.02 -57.62
CA HIS D 554 -21.63 5.39 -58.85
C HIS D 554 -23.12 5.64 -59.08
N ALA E 4 -19.50 46.44 -39.94
CA ALA E 4 -18.61 47.26 -39.12
C ALA E 4 -19.16 47.38 -37.70
N ALA E 5 -20.29 48.08 -37.58
CA ALA E 5 -20.98 48.15 -36.30
C ALA E 5 -21.35 46.77 -35.74
N PRO E 6 -21.82 45.79 -36.54
CA PRO E 6 -22.10 44.47 -35.95
C PRO E 6 -20.91 43.83 -35.27
N LEU E 7 -19.70 43.93 -35.84
CA LEU E 7 -18.54 43.32 -35.21
C LEU E 7 -18.22 43.97 -33.88
N VAL E 8 -18.27 45.31 -33.83
CA VAL E 8 -18.00 46.03 -32.59
C VAL E 8 -19.03 45.68 -31.53
N LEU E 9 -20.30 45.60 -31.93
CA LEU E 9 -21.35 45.23 -30.98
C LEU E 9 -21.14 43.83 -30.43
N VAL E 10 -20.77 42.88 -31.30
CA VAL E 10 -20.50 41.51 -30.86
C VAL E 10 -19.36 41.49 -29.85
N LEU E 11 -18.29 42.24 -30.15
CA LEU E 11 -17.15 42.30 -29.24
C LEU E 11 -17.56 42.87 -27.88
N VAL E 12 -18.35 43.94 -27.89
CA VAL E 12 -18.78 44.56 -26.64
C VAL E 12 -19.60 43.57 -25.81
N VAL E 13 -20.52 42.86 -26.45
CA VAL E 13 -21.36 41.91 -25.71
C VAL E 13 -20.50 40.80 -25.10
N ALA E 14 -19.55 40.26 -25.88
CA ALA E 14 -18.71 39.18 -25.37
C ALA E 14 -17.87 39.63 -24.18
N VAL E 15 -17.26 40.82 -24.30
CA VAL E 15 -16.44 41.33 -23.21
C VAL E 15 -17.29 41.58 -21.97
N THR E 16 -18.52 42.10 -22.16
CA THR E 16 -19.39 42.34 -21.02
C THR E 16 -19.75 41.04 -20.31
N VAL E 17 -20.06 39.99 -21.06
CA VAL E 17 -20.40 38.72 -20.42
C VAL E 17 -19.22 38.16 -19.64
N ARG E 18 -18.02 38.21 -20.24
CA ARG E 18 -16.84 37.70 -19.53
C ARG E 18 -16.58 38.50 -18.26
N ALA E 19 -16.67 39.84 -18.34
CA ALA E 19 -16.41 40.67 -17.17
C ALA E 19 -17.45 40.43 -16.08
N ALA E 20 -18.72 40.21 -16.46
CA ALA E 20 -19.74 39.90 -15.47
C ALA E 20 -19.47 38.58 -14.79
N LEU E 21 -19.04 37.56 -15.54
CA LEU E 21 -18.78 36.27 -14.93
C LEU E 21 -17.48 36.25 -14.11
N PHE E 22 -16.56 37.17 -14.36
CA PHE E 22 -15.33 37.20 -13.56
C PHE E 22 -15.59 37.63 -12.13
N ARG E 23 -16.67 38.38 -11.88
CA ARG E 23 -16.91 38.99 -10.58
C ARG E 23 -17.92 38.22 -9.73
N SER E 24 -18.44 37.10 -10.21
CA SER E 24 -19.52 36.40 -9.51
C SER E 24 -18.92 35.37 -8.54
N SER E 25 -19.79 34.57 -7.94
CA SER E 25 -19.40 33.53 -7.00
C SER E 25 -19.26 32.17 -7.67
N LEU E 26 -19.22 32.13 -9.01
CA LEU E 26 -19.03 30.90 -9.75
C LEU E 26 -17.65 30.78 -10.36
N ALA E 27 -16.79 31.80 -10.22
CA ALA E 27 -15.46 31.74 -10.82
C ALA E 27 -14.61 30.63 -10.21
N GLU E 28 -14.65 30.49 -8.89
CA GLU E 28 -13.87 29.46 -8.22
C GLU E 28 -14.38 28.06 -8.59
N PHE E 29 -15.70 27.91 -8.71
CA PHE E 29 -16.28 26.64 -9.14
C PHE E 29 -15.85 26.31 -10.56
N ILE E 30 -15.86 27.29 -11.46
CA ILE E 30 -15.50 27.06 -12.85
C ILE E 30 -14.01 26.75 -12.99
N SER E 31 -13.17 27.36 -12.16
CA SER E 31 -11.73 27.23 -12.31
C SER E 31 -11.20 25.83 -12.02
N GLU E 32 -12.02 24.92 -11.49
CA GLU E 32 -11.54 23.62 -11.04
C GLU E 32 -12.19 22.45 -11.78
N ARG E 33 -12.91 22.70 -12.87
CA ARG E 33 -13.57 21.63 -13.60
C ARG E 33 -12.55 20.81 -14.38
N VAL E 34 -12.70 19.48 -14.31
CA VAL E 34 -11.81 18.59 -15.04
C VAL E 34 -12.10 18.61 -16.54
N GLU E 35 -13.26 19.12 -16.94
CA GLU E 35 -13.59 19.27 -18.35
C GLU E 35 -13.02 20.54 -18.96
N VAL E 36 -12.53 21.46 -18.13
CA VAL E 36 -12.11 22.78 -18.60
C VAL E 36 -10.62 23.02 -18.44
N VAL E 37 -9.96 22.35 -17.48
CA VAL E 37 -8.53 22.52 -17.27
C VAL E 37 -7.86 21.16 -17.29
N SER E 38 -6.55 21.16 -17.51
CA SER E 38 -5.77 19.94 -17.63
C SER E 38 -4.46 20.10 -16.88
N PRO E 39 -3.66 19.03 -16.72
CA PRO E 39 -2.31 19.21 -16.13
C PRO E 39 -1.41 20.12 -16.94
N LEU E 40 -1.78 20.45 -18.17
CA LEU E 40 -1.02 21.31 -19.06
C LEU E 40 -1.69 22.68 -19.30
N SER E 41 -2.72 23.01 -18.54
CA SER E 41 -3.46 24.25 -18.78
C SER E 41 -3.85 25.02 -17.52
N SER E 42 -3.72 24.42 -16.34
CA SER E 42 -4.25 25.03 -15.14
C SER E 42 -3.45 26.28 -14.74
N TRP E 43 -4.18 27.27 -14.20
CA TRP E 43 -3.58 28.53 -13.74
C TRP E 43 -2.87 28.35 -12.41
N LYS E 44 -3.41 27.48 -11.56
CA LYS E 44 -2.79 27.20 -10.26
C LYS E 44 -1.40 26.61 -10.41
N ARG E 45 -1.18 25.82 -11.47
CA ARG E 45 0.17 25.31 -11.71
C ARG E 45 1.11 26.42 -12.15
N VAL E 46 0.60 27.43 -12.85
CA VAL E 46 1.40 28.59 -13.20
C VAL E 46 1.90 29.29 -11.93
N VAL E 47 0.98 29.57 -11.01
CA VAL E 47 1.39 30.28 -9.80
C VAL E 47 2.29 29.42 -8.93
N GLU E 48 2.07 28.10 -8.93
CA GLU E 48 2.95 27.20 -8.17
C GLU E 48 4.37 27.24 -8.71
N GLY E 49 4.54 27.20 -10.04
CA GLY E 49 5.86 27.31 -10.61
C GLY E 49 6.54 28.63 -10.29
N LEU E 50 5.79 29.73 -10.37
CA LEU E 50 6.38 31.03 -10.04
C LEU E 50 6.82 31.09 -8.58
N SER E 51 6.06 30.48 -7.68
CA SER E 51 6.46 30.44 -6.27
C SER E 51 7.70 29.57 -6.06
N LEU E 52 7.75 28.41 -6.72
CA LEU E 52 8.92 27.54 -6.62
C LEU E 52 10.18 28.25 -7.08
N LEU E 53 10.08 29.08 -8.11
CA LEU E 53 11.25 29.85 -8.52
C LEU E 53 11.73 30.80 -7.44
N ASP E 54 10.81 31.38 -6.66
CA ASP E 54 11.17 32.28 -5.59
C ASP E 54 11.63 31.56 -4.32
N LEU E 55 11.40 30.25 -4.23
CA LEU E 55 11.97 29.47 -3.14
C LEU E 55 13.32 28.87 -3.48
N GLY E 56 13.85 29.13 -4.67
CA GLY E 56 15.14 28.60 -5.08
C GLY E 56 15.12 27.22 -5.68
N VAL E 57 13.95 26.66 -5.96
CA VAL E 57 13.80 25.33 -6.51
C VAL E 57 13.46 25.43 -7.98
N SER E 58 14.00 24.52 -8.79
CA SER E 58 13.64 24.47 -10.19
C SER E 58 12.17 24.09 -10.34
N PRO E 59 11.41 24.77 -11.20
CA PRO E 59 10.00 24.41 -11.37
C PRO E 59 9.77 23.02 -11.93
N TYR E 60 10.74 22.47 -12.65
CA TYR E 60 10.61 21.17 -13.31
C TYR E 60 11.13 20.03 -12.47
N SER E 61 11.54 20.28 -11.23
CA SER E 61 12.07 19.24 -10.35
C SER E 61 10.97 18.47 -9.62
N GLY E 62 9.71 18.82 -9.82
CA GLY E 62 8.62 18.13 -9.16
C GLY E 62 7.74 17.35 -10.10
N ALA E 63 6.43 17.38 -9.86
CA ALA E 63 5.48 16.65 -10.70
C ALA E 63 4.20 17.44 -10.98
N VAL E 64 4.20 18.75 -10.73
CA VAL E 64 2.98 19.55 -10.82
C VAL E 64 3.01 20.54 -11.98
N PHE E 65 4.18 21.03 -12.38
CA PHE E 65 4.31 22.11 -13.35
C PHE E 65 4.83 21.56 -14.66
N HIS E 66 4.07 21.77 -15.74
CA HIS E 66 4.42 21.28 -17.07
C HIS E 66 4.19 22.37 -18.13
N GLU E 67 4.68 23.58 -17.89
CA GLU E 67 4.54 24.68 -18.85
C GLU E 67 5.88 25.08 -19.46
N THR E 68 5.79 25.67 -20.64
CA THR E 68 6.96 26.16 -21.35
C THR E 68 7.52 27.42 -20.69
N PRO E 69 8.81 27.68 -20.89
CA PRO E 69 9.43 28.88 -20.31
C PRO E 69 8.84 30.21 -20.79
N LEU E 70 8.32 30.28 -22.02
CA LEU E 70 7.75 31.53 -22.51
C LEU E 70 6.53 31.94 -21.71
N ILE E 71 5.71 30.98 -21.31
CA ILE E 71 4.59 31.26 -20.41
C ILE E 71 5.09 31.83 -19.09
N ILE E 72 6.19 31.27 -18.58
CA ILE E 72 6.80 31.77 -17.35
C ILE E 72 7.20 33.23 -17.51
N TYR E 73 7.86 33.56 -18.62
CA TYR E 73 8.28 34.94 -18.87
C TYR E 73 7.09 35.89 -18.91
N LEU E 74 6.10 35.55 -19.74
CA LEU E 74 4.93 36.40 -19.92
C LEU E 74 4.21 36.65 -18.61
N PHE E 75 3.89 35.59 -17.87
CA PHE E 75 3.10 35.75 -16.66
C PHE E 75 3.93 36.30 -15.51
N HIS E 76 5.25 36.12 -15.55
CA HIS E 76 6.12 36.83 -14.63
C HIS E 76 5.93 38.34 -14.79
N PHE E 77 5.86 38.81 -16.03
CA PHE E 77 5.67 40.24 -16.20
C PHE E 77 4.20 40.69 -16.11
N LEU E 78 3.23 39.78 -16.18
CA LEU E 78 1.83 40.22 -16.18
C LEU E 78 0.95 39.36 -15.27
N ILE E 79 1.44 39.04 -14.06
CA ILE E 79 0.60 38.28 -13.13
C ILE E 79 -0.54 39.15 -12.58
N ASP E 80 -0.31 40.46 -12.45
CA ASP E 80 -1.32 41.33 -11.83
C ASP E 80 -2.49 41.57 -12.77
N TYR E 81 -2.23 41.63 -14.07
CA TYR E 81 -3.25 41.96 -15.06
C TYR E 81 -3.79 40.72 -15.77
N ALA E 82 -3.87 39.60 -15.05
CA ALA E 82 -4.19 38.32 -15.67
C ALA E 82 -5.54 38.32 -16.38
N GLU E 83 -6.57 38.90 -15.75
CA GLU E 83 -7.91 38.80 -16.29
C GLU E 83 -8.08 39.60 -17.57
N LEU E 84 -7.25 40.63 -17.79
CA LEU E 84 -7.32 41.42 -19.01
C LEU E 84 -6.70 40.69 -20.20
N VAL E 85 -5.64 39.91 -19.93
CA VAL E 85 -4.90 39.24 -20.99
C VAL E 85 -5.81 38.28 -21.76
N PHE E 86 -6.65 37.53 -21.04
CA PHE E 86 -7.45 36.51 -21.69
C PHE E 86 -8.57 37.13 -22.53
N MET E 87 -9.17 38.23 -22.05
CA MET E 87 -10.11 38.96 -22.88
C MET E 87 -9.45 39.45 -24.16
N ILE E 88 -8.24 40.00 -24.04
CA ILE E 88 -7.54 40.49 -25.22
C ILE E 88 -7.30 39.36 -26.21
N THR E 89 -6.84 38.20 -25.71
CA THR E 89 -6.54 37.08 -26.61
C THR E 89 -7.78 36.56 -27.32
N ASP E 90 -8.90 36.44 -26.61
CA ASP E 90 -10.13 35.98 -27.25
C ASP E 90 -10.59 36.94 -28.33
N ALA E 91 -10.54 38.25 -28.05
CA ALA E 91 -10.90 39.23 -29.07
C ALA E 91 -9.97 39.11 -30.28
N LEU E 92 -8.67 38.90 -30.03
CA LEU E 92 -7.71 38.79 -31.12
C LEU E 92 -8.02 37.63 -32.05
N THR E 93 -8.28 36.45 -31.47
CA THR E 93 -8.56 35.29 -32.32
C THR E 93 -9.86 35.48 -33.11
N ALA E 94 -10.88 36.09 -32.49
CA ALA E 94 -12.12 36.36 -33.22
C ALA E 94 -11.88 37.27 -34.42
N ILE E 95 -11.11 38.33 -34.23
CA ILE E 95 -10.88 39.29 -35.32
C ILE E 95 -10.07 38.65 -36.45
N ALA E 96 -9.06 37.85 -36.09
CA ALA E 96 -8.26 37.18 -37.11
C ALA E 96 -9.12 36.25 -37.96
N LEU E 97 -10.00 35.48 -37.31
CA LEU E 97 -10.89 34.59 -38.06
C LEU E 97 -11.79 35.38 -38.99
N TYR E 98 -12.33 36.52 -38.52
CA TYR E 98 -13.19 37.35 -39.34
C TYR E 98 -12.50 37.75 -40.65
N PHE E 99 -11.30 38.32 -40.55
CA PHE E 99 -10.66 38.81 -41.77
C PHE E 99 -10.22 37.67 -42.68
N ALA E 100 -9.75 36.55 -42.11
CA ALA E 100 -9.39 35.41 -42.93
C ALA E 100 -10.58 34.91 -43.75
N ILE E 101 -11.76 34.83 -43.12
CA ILE E 101 -12.93 34.33 -43.83
C ILE E 101 -13.33 35.28 -44.95
N GLN E 102 -13.22 36.59 -44.71
CA GLN E 102 -13.51 37.54 -45.79
C GLN E 102 -12.65 37.25 -47.03
N ASP E 103 -11.34 37.15 -46.84
CA ASP E 103 -10.45 36.92 -47.98
C ASP E 103 -10.77 35.59 -48.67
N PHE E 104 -11.02 34.54 -47.87
CA PHE E 104 -11.29 33.23 -48.45
C PHE E 104 -12.56 33.24 -49.31
N ASN E 105 -13.60 33.95 -48.85
CA ASN E 105 -14.82 34.04 -49.64
C ASN E 105 -14.57 34.73 -50.97
N LYS E 106 -13.77 35.79 -50.97
CA LYS E 106 -13.42 36.43 -52.24
C LYS E 106 -12.79 35.43 -53.21
N VAL E 107 -11.83 34.64 -52.71
CA VAL E 107 -11.12 33.69 -53.57
C VAL E 107 -12.09 32.65 -54.15
N VAL E 108 -12.97 32.15 -53.28
CA VAL E 108 -13.97 31.09 -53.63
C VAL E 108 -14.89 31.60 -54.75
N PHE E 109 -15.49 32.78 -54.57
CA PHE E 109 -16.42 33.32 -55.59
C PHE E 109 -15.67 33.56 -56.91
N LYS E 110 -14.45 34.11 -56.82
CA LYS E 110 -13.65 34.38 -58.04
C LYS E 110 -13.30 33.05 -58.74
N LYS E 111 -12.91 32.03 -57.97
CA LYS E 111 -12.55 30.70 -58.54
C LYS E 111 -13.80 30.07 -59.17
N GLN E 112 -14.94 30.13 -58.48
CA GLN E 112 -16.21 29.55 -58.99
C GLN E 112 -16.64 30.31 -60.25
N LYS E 113 -16.48 31.63 -60.25
CA LYS E 113 -16.87 32.47 -61.42
C LYS E 113 -16.02 32.11 -62.64
N LEU E 114 -14.72 31.87 -62.43
CA LEU E 114 -13.78 31.54 -63.55
C LEU E 114 -14.19 30.23 -64.23
N LEU E 115 -14.61 29.23 -63.44
CA LEU E 115 -15.01 27.90 -63.99
C LEU E 115 -16.23 28.05 -64.91
N LEU E 116 -17.18 28.92 -64.52
CA LEU E 116 -18.44 29.15 -65.28
C LEU E 116 -18.17 29.32 -66.78
N GLU E 117 -17.23 30.18 -67.16
CA GLU E 117 -16.97 30.42 -68.58
C GLU E 117 -16.21 29.26 -69.20
N LEU E 118 -15.35 28.58 -68.43
CA LEU E 118 -14.80 27.38 -69.04
C LEU E 118 -15.85 26.28 -69.20
N ASP E 119 -17.10 26.57 -68.82
CA ASP E 119 -18.27 25.67 -68.91
C ASP E 119 -17.90 24.21 -68.68
N GLN E 120 -17.29 23.97 -67.51
CA GLN E 120 -17.00 22.63 -67.02
C GLN E 120 -18.02 22.14 -66.01
N TYR E 121 -19.13 22.86 -65.85
CA TYR E 121 -20.23 22.47 -64.98
C TYR E 121 -21.40 21.94 -65.79
N ALA E 122 -22.20 21.09 -65.14
CA ALA E 122 -23.32 20.45 -65.81
C ALA E 122 -24.39 21.47 -66.18
N PRO E 123 -25.24 21.15 -67.16
CA PRO E 123 -26.22 22.16 -67.61
C PRO E 123 -27.23 22.57 -66.56
N ASP E 124 -27.74 21.63 -65.76
CA ASP E 124 -28.86 21.93 -64.86
C ASP E 124 -28.42 22.22 -63.44
N VAL E 125 -27.13 22.33 -63.17
CA VAL E 125 -26.67 22.58 -61.81
C VAL E 125 -26.76 24.08 -61.53
N ALA E 126 -27.91 24.50 -61.01
CA ALA E 126 -28.10 25.78 -60.36
C ALA E 126 -28.87 25.51 -59.07
N GLU E 127 -28.89 26.50 -58.19
CA GLU E 127 -29.26 26.41 -56.77
C GLU E 127 -28.17 25.66 -56.01
N LEU E 128 -27.09 25.27 -56.69
CA LEU E 128 -25.86 24.85 -56.06
C LEU E 128 -24.76 25.89 -56.24
N ILE E 129 -25.06 26.98 -56.94
CA ILE E 129 -24.09 28.03 -57.24
C ILE E 129 -24.07 29.04 -56.09
N ARG E 130 -22.87 29.40 -55.66
CA ARG E 130 -22.74 30.42 -54.62
C ARG E 130 -23.17 31.78 -55.16
N THR E 131 -23.78 32.59 -54.30
CA THR E 131 -24.23 33.92 -54.69
C THR E 131 -23.73 34.96 -53.71
N PRO E 132 -23.47 36.19 -54.15
CA PRO E 132 -22.89 37.20 -53.25
C PRO E 132 -23.78 37.55 -52.07
N MET E 133 -25.10 37.37 -52.19
CA MET E 133 -26.00 37.75 -51.11
C MET E 133 -25.91 36.78 -49.94
N GLU E 134 -25.53 35.52 -50.17
CA GLU E 134 -25.47 34.57 -49.07
C GLU E 134 -24.12 34.57 -48.35
N MET E 135 -23.04 34.97 -49.02
CA MET E 135 -21.74 34.98 -48.38
C MET E 135 -21.45 36.29 -47.64
N ARG E 136 -22.46 37.16 -47.49
CA ARG E 136 -22.17 38.48 -46.93
C ARG E 136 -21.93 38.40 -45.43
N TYR E 137 -22.65 37.56 -44.71
CA TYR E 137 -22.62 37.54 -43.25
C TYR E 137 -21.91 36.32 -42.68
N ILE E 138 -21.20 35.55 -43.51
CA ILE E 138 -20.46 34.39 -42.98
C ILE E 138 -19.37 34.79 -42.00
N PRO E 139 -18.52 35.80 -42.26
CA PRO E 139 -17.44 36.12 -41.29
C PRO E 139 -17.96 36.59 -39.94
N LEU E 140 -18.95 37.48 -39.93
CA LEU E 140 -19.55 37.92 -38.68
C LEU E 140 -20.13 36.75 -37.91
N LYS E 141 -20.80 35.82 -38.60
CA LYS E 141 -21.28 34.64 -37.91
C LYS E 141 -20.11 33.89 -37.30
N VAL E 142 -19.05 33.63 -38.07
CA VAL E 142 -17.91 32.86 -37.55
C VAL E 142 -17.39 33.48 -36.24
N ALA E 143 -17.22 34.80 -36.23
CA ALA E 143 -16.78 35.49 -35.03
C ALA E 143 -17.76 35.26 -33.88
N LEU E 144 -19.07 35.34 -34.17
CA LEU E 144 -20.06 35.15 -33.10
C LEU E 144 -20.05 33.72 -32.56
N PHE E 145 -19.94 32.73 -33.43
CA PHE E 145 -19.88 31.34 -32.99
C PHE E 145 -18.67 31.07 -32.11
N TYR E 146 -17.53 31.70 -32.42
CA TYR E 146 -16.40 31.52 -31.51
C TYR E 146 -16.63 32.23 -30.18
N LEU E 147 -17.07 33.50 -30.22
CA LEU E 147 -17.08 34.30 -28.99
C LEU E 147 -18.19 33.92 -28.02
N LEU E 148 -19.36 33.54 -28.53
CA LEU E 148 -20.51 33.25 -27.68
C LEU E 148 -20.70 31.75 -27.43
N ASN E 149 -19.73 30.93 -27.81
CA ASN E 149 -19.77 29.51 -27.44
C ASN E 149 -19.55 29.39 -25.93
N PRO E 150 -20.41 28.65 -25.22
CA PRO E 150 -20.18 28.47 -23.77
C PRO E 150 -18.83 27.85 -23.44
N TYR E 151 -18.30 27.00 -24.32
CA TYR E 151 -16.98 26.41 -24.08
C TYR E 151 -15.90 27.48 -23.98
N THR E 152 -15.94 28.46 -24.88
CA THR E 152 -14.93 29.51 -24.90
C THR E 152 -15.05 30.40 -23.65
N ILE E 153 -16.28 30.74 -23.25
CA ILE E 153 -16.48 31.56 -22.06
C ILE E 153 -15.97 30.84 -20.82
N LEU E 154 -16.28 29.54 -20.72
CA LEU E 154 -15.79 28.74 -19.60
C LEU E 154 -14.27 28.70 -19.58
N SER E 155 -13.65 28.52 -20.74
CA SER E 155 -12.18 28.50 -20.80
C SER E 155 -11.60 29.84 -20.39
N CYS E 156 -12.25 30.94 -20.78
CA CYS E 156 -11.73 32.27 -20.44
C CYS E 156 -11.81 32.55 -18.94
N VAL E 157 -12.95 32.23 -18.32
CA VAL E 157 -13.10 32.54 -16.90
C VAL E 157 -12.13 31.72 -16.05
N ALA E 158 -11.80 30.50 -16.49
CA ALA E 158 -10.86 29.66 -15.76
C ALA E 158 -9.41 30.06 -15.97
N LYS E 159 -9.12 30.97 -16.91
CA LYS E 159 -7.76 31.40 -17.24
C LYS E 159 -6.90 30.23 -17.70
N SER E 160 -7.47 29.39 -18.57
CA SER E 160 -6.73 28.28 -19.14
C SER E 160 -5.81 28.73 -20.26
N THR E 161 -4.64 28.09 -20.36
CA THR E 161 -3.64 28.48 -21.36
C THR E 161 -4.08 28.13 -22.79
N CYS E 162 -5.10 27.29 -22.95
CA CYS E 162 -5.54 26.87 -24.29
C CYS E 162 -5.96 28.05 -25.16
N ALA E 163 -6.37 29.17 -24.56
CA ALA E 163 -6.77 30.34 -25.32
C ALA E 163 -5.61 30.89 -26.14
N ILE E 164 -4.41 30.91 -25.56
CA ILE E 164 -3.24 31.41 -26.28
C ILE E 164 -2.90 30.49 -27.46
N ASN E 165 -3.04 29.18 -27.27
CA ASN E 165 -2.82 28.24 -28.37
C ASN E 165 -3.82 28.49 -29.51
N ASN E 166 -5.09 28.70 -29.16
CA ASN E 166 -6.09 28.98 -30.18
C ASN E 166 -5.77 30.27 -30.93
N THR E 167 -5.31 31.29 -30.19
CA THR E 167 -4.93 32.54 -30.83
C THR E 167 -3.78 32.34 -31.82
N LEU E 168 -2.78 31.54 -31.43
CA LEU E 168 -1.66 31.28 -32.33
C LEU E 168 -2.11 30.55 -33.60
N ILE E 169 -3.01 29.57 -33.46
CA ILE E 169 -3.52 28.87 -34.64
C ILE E 169 -4.29 29.82 -35.56
N ALA E 170 -5.13 30.68 -34.97
CA ALA E 170 -5.90 31.63 -35.77
C ALA E 170 -4.98 32.60 -36.52
N PHE E 171 -3.90 33.04 -35.87
CA PHE E 171 -2.95 33.91 -36.55
C PHE E 171 -2.21 33.19 -37.66
N PHE E 172 -1.92 31.89 -37.47
CA PHE E 172 -1.34 31.10 -38.55
C PHE E 172 -2.26 31.08 -39.76
N ILE E 173 -3.56 30.85 -39.53
CA ILE E 173 -4.52 30.82 -40.64
C ILE E 173 -4.58 32.17 -41.33
N LEU E 174 -4.65 33.25 -40.54
CA LEU E 174 -4.75 34.59 -41.12
C LEU E 174 -3.54 34.92 -41.98
N THR E 175 -2.33 34.64 -41.47
CA THR E 175 -1.12 34.97 -42.23
C THR E 175 -1.00 34.09 -43.47
N THR E 176 -1.41 32.83 -43.38
CA THR E 176 -1.34 31.95 -44.55
C THR E 176 -2.27 32.43 -45.66
N ILE E 177 -3.54 32.68 -45.34
CA ILE E 177 -4.49 33.10 -46.38
C ILE E 177 -4.09 34.44 -46.98
N LYS E 178 -3.50 35.33 -46.18
CA LYS E 178 -3.01 36.60 -46.69
C LYS E 178 -1.73 36.47 -47.52
N GLY E 179 -1.10 35.30 -47.53
CA GLY E 179 -0.06 35.01 -48.49
C GLY E 179 1.38 35.22 -48.05
N SER E 180 1.65 35.31 -46.74
CA SER E 180 3.02 35.47 -46.25
C SER E 180 3.49 34.15 -45.67
N ALA E 181 4.59 33.62 -46.21
CA ALA E 181 5.10 32.33 -45.79
C ALA E 181 6.01 32.42 -44.57
N PHE E 182 6.76 33.51 -44.44
CA PHE E 182 7.66 33.69 -43.31
C PHE E 182 6.89 33.76 -41.99
N LEU E 183 5.86 34.62 -41.95
CA LEU E 183 5.03 34.74 -40.76
C LEU E 183 4.26 33.45 -40.49
N SER E 184 3.81 32.78 -41.55
CA SER E 184 3.10 31.51 -41.42
C SER E 184 3.99 30.47 -40.74
N ALA E 185 5.24 30.35 -41.19
CA ALA E 185 6.17 29.41 -40.59
C ALA E 185 6.46 29.77 -39.14
N ILE E 186 6.61 31.07 -38.84
CA ILE E 186 6.86 31.49 -37.47
C ILE E 186 5.72 31.09 -36.55
N PHE E 187 4.48 31.36 -36.97
CA PHE E 187 3.33 31.06 -36.11
C PHE E 187 3.10 29.57 -35.97
N LEU E 188 3.34 28.80 -37.04
CA LEU E 188 3.25 27.34 -36.91
C LEU E 188 4.31 26.81 -35.96
N ALA E 189 5.51 27.37 -36.00
CA ALA E 189 6.55 26.95 -35.05
C ALA E 189 6.16 27.28 -33.62
N LEU E 190 5.57 28.47 -33.40
CA LEU E 190 5.14 28.82 -32.06
C LEU E 190 4.00 27.93 -31.57
N ALA E 191 3.14 27.48 -32.48
CA ALA E 191 2.08 26.55 -32.09
C ALA E 191 2.63 25.15 -31.81
N THR E 192 3.64 24.71 -32.57
CA THR E 192 4.25 23.40 -32.33
C THR E 192 5.08 23.40 -31.05
N TYR E 193 5.66 24.55 -30.69
CA TYR E 193 6.43 24.66 -29.46
C TYR E 193 5.56 24.44 -28.23
N GLN E 194 4.35 25.00 -28.25
CA GLN E 194 3.47 24.90 -27.08
C GLN E 194 2.87 23.51 -26.95
N SER E 195 2.21 23.02 -28.00
CA SER E 195 1.71 21.66 -28.08
C SER E 195 2.31 20.99 -29.30
N LEU E 196 2.51 19.67 -29.22
CA LEU E 196 3.26 18.97 -30.25
C LEU E 196 2.44 18.70 -31.51
N TYR E 197 1.14 18.43 -31.36
CA TYR E 197 0.34 17.96 -32.48
C TYR E 197 0.15 18.94 -33.64
N PRO E 198 0.20 20.27 -33.46
CA PRO E 198 -0.04 21.17 -34.62
C PRO E 198 0.93 21.02 -35.78
N LEU E 199 1.96 20.17 -35.70
CA LEU E 199 2.86 20.00 -36.83
C LEU E 199 2.15 19.39 -38.03
N THR E 200 1.01 18.74 -37.81
CA THR E 200 0.25 18.13 -38.90
C THR E 200 -0.38 19.15 -39.84
N LEU E 201 -0.51 20.40 -39.42
CA LEU E 201 -1.06 21.45 -40.27
C LEU E 201 -0.05 22.01 -41.25
N PHE E 202 1.13 21.40 -41.34
CA PHE E 202 2.16 21.86 -42.26
C PHE E 202 1.76 21.67 -43.71
N VAL E 203 1.22 20.50 -44.05
CA VAL E 203 0.85 20.15 -45.42
C VAL E 203 -0.26 21.04 -45.97
N PRO E 204 -1.38 21.24 -45.25
CA PRO E 204 -2.45 22.09 -45.83
C PRO E 204 -2.03 23.51 -46.14
N GLY E 205 -1.25 24.14 -45.25
CA GLY E 205 -0.80 25.50 -45.50
C GLY E 205 0.13 25.58 -46.70
N LEU E 206 1.02 24.60 -46.84
CA LEU E 206 1.89 24.55 -48.00
C LEU E 206 1.08 24.39 -49.28
N LEU E 207 0.06 23.53 -49.26
CA LEU E 207 -0.79 23.37 -50.43
C LEU E 207 -1.51 24.66 -50.80
N TYR E 208 -2.04 25.37 -49.80
CA TYR E 208 -2.72 26.64 -50.10
C TYR E 208 -1.76 27.66 -50.67
N LEU E 209 -0.54 27.77 -50.11
CA LEU E 209 0.44 28.72 -50.64
C LEU E 209 0.80 28.39 -52.09
N LEU E 210 1.04 27.11 -52.37
CA LEU E 210 1.37 26.71 -53.74
C LEU E 210 0.23 27.02 -54.69
N GLN E 211 -1.02 26.80 -54.25
CA GLN E 211 -2.16 27.11 -55.10
C GLN E 211 -2.30 28.61 -55.34
N ARG E 212 -1.96 29.43 -54.34
CA ARG E 212 -2.00 30.87 -54.54
C ARG E 212 -0.92 31.35 -55.49
N GLN E 213 0.23 30.68 -55.53
CA GLN E 213 1.26 31.09 -56.48
C GLN E 213 1.00 30.66 -57.91
N TYR E 214 -0.03 29.84 -58.15
CA TYR E 214 -0.32 29.21 -59.44
C TYR E 214 0.73 28.19 -59.85
N ILE E 215 1.50 27.67 -58.89
CA ILE E 215 2.51 26.65 -59.18
C ILE E 215 1.83 25.29 -59.27
N PRO E 216 2.01 24.54 -60.35
CA PRO E 216 1.44 23.19 -60.42
C PRO E 216 2.13 22.25 -59.44
N VAL E 217 1.35 21.31 -58.91
CA VAL E 217 1.85 20.32 -57.97
C VAL E 217 2.03 19.02 -58.74
N LYS E 218 3.27 18.74 -59.16
CA LYS E 218 3.59 17.54 -59.91
C LYS E 218 4.96 17.05 -59.48
N MET E 219 5.22 15.76 -59.72
CA MET E 219 6.49 15.17 -59.35
C MET E 219 7.62 15.58 -60.29
N LYS E 220 7.30 16.06 -61.49
CA LYS E 220 8.32 16.49 -62.46
C LYS E 220 8.36 18.00 -62.61
N SER E 221 8.08 18.73 -61.52
CA SER E 221 8.09 20.17 -61.52
C SER E 221 9.28 20.69 -60.73
N LYS E 222 9.76 21.88 -61.09
CA LYS E 222 10.91 22.47 -60.43
C LYS E 222 10.54 23.55 -59.41
N ALA E 223 9.55 24.39 -59.73
CA ALA E 223 9.13 25.42 -58.78
C ALA E 223 8.55 24.80 -57.51
N PHE E 224 7.84 23.68 -57.64
CA PHE E 224 7.23 23.03 -56.50
C PHE E 224 8.28 22.62 -55.47
N TRP E 225 9.34 21.96 -55.91
CA TRP E 225 10.36 21.49 -54.98
C TRP E 225 11.11 22.64 -54.31
N ILE E 226 11.42 23.69 -55.07
CA ILE E 226 12.13 24.84 -54.51
C ILE E 226 11.28 25.52 -53.43
N PHE E 227 10.00 25.74 -53.74
CA PHE E 227 9.12 26.37 -52.77
C PHE E 227 8.98 25.52 -51.51
N SER E 228 8.79 24.21 -51.68
CA SER E 228 8.64 23.33 -50.53
C SER E 228 9.89 23.33 -49.66
N TRP E 229 11.06 23.29 -50.29
CA TRP E 229 12.31 23.30 -49.53
C TRP E 229 12.46 24.59 -48.73
N GLU E 230 12.18 25.73 -49.35
CA GLU E 230 12.32 27.00 -48.63
C GLU E 230 11.37 27.06 -47.43
N TYR E 231 10.12 26.64 -47.63
CA TYR E 231 9.14 26.70 -46.55
C TYR E 231 9.54 25.79 -45.38
N ALA E 232 9.98 24.57 -45.71
CA ALA E 232 10.39 23.63 -44.65
C ALA E 232 11.60 24.15 -43.89
N MET E 233 12.56 24.74 -44.60
CA MET E 233 13.75 25.27 -43.93
C MET E 233 13.37 26.38 -42.96
N MET E 234 12.49 27.29 -43.38
CA MET E 234 12.08 28.36 -42.48
C MET E 234 11.41 27.81 -41.23
N TYR E 235 10.51 26.83 -41.40
CA TYR E 235 9.81 26.26 -40.25
C TYR E 235 10.77 25.61 -39.26
N VAL E 236 11.69 24.77 -39.77
CA VAL E 236 12.59 24.05 -38.88
C VAL E 236 13.55 25.01 -38.18
N GLY E 237 14.04 26.02 -38.90
CA GLY E 237 14.90 27.01 -38.27
C GLY E 237 14.19 27.76 -37.16
N SER E 238 12.92 28.11 -37.38
CA SER E 238 12.13 28.76 -36.34
C SER E 238 12.12 27.91 -35.08
N LEU E 239 11.83 26.62 -35.24
CA LEU E 239 11.78 25.72 -34.08
C LEU E 239 13.12 25.67 -33.36
N VAL E 240 14.21 25.56 -34.13
CA VAL E 240 15.53 25.45 -33.52
C VAL E 240 15.85 26.68 -32.69
N VAL E 241 15.58 27.87 -33.24
CA VAL E 241 15.91 29.10 -32.53
C VAL E 241 15.08 29.23 -31.27
N ILE E 242 13.78 28.90 -31.34
CA ILE E 242 12.94 29.00 -30.15
C ILE E 242 13.46 28.08 -29.04
N ILE E 243 13.82 26.84 -29.39
CA ILE E 243 14.28 25.89 -28.37
C ILE E 243 15.59 26.37 -27.74
N CYS E 244 16.54 26.80 -28.57
CA CYS E 244 17.81 27.26 -28.03
C CYS E 244 17.64 28.49 -27.15
N LEU E 245 16.73 29.39 -27.52
CA LEU E 245 16.43 30.54 -26.67
C LEU E 245 15.81 30.11 -25.34
N SER E 246 14.93 29.10 -25.38
CA SER E 246 14.33 28.61 -24.15
C SER E 246 15.35 28.03 -23.20
N PHE E 247 16.44 27.47 -23.74
CA PHE E 247 17.48 26.93 -22.85
C PHE E 247 18.02 27.98 -21.89
N PHE E 248 18.18 29.23 -22.36
CA PHE E 248 18.94 30.22 -21.59
C PHE E 248 18.13 30.93 -20.51
N LEU E 249 16.83 30.67 -20.39
CA LEU E 249 16.07 31.26 -19.30
C LEU E 249 16.49 30.70 -17.95
N LEU E 250 16.63 29.37 -17.87
CA LEU E 250 17.02 28.71 -16.63
C LEU E 250 18.30 27.90 -16.77
N SER E 251 18.97 27.95 -17.93
CA SER E 251 20.23 27.25 -18.16
C SER E 251 20.10 25.75 -17.92
N SER E 252 19.03 25.15 -18.43
CA SER E 252 18.81 23.72 -18.30
C SER E 252 18.02 23.22 -19.50
N TRP E 253 18.06 21.91 -19.70
CA TRP E 253 17.24 21.24 -20.70
C TRP E 253 16.07 20.49 -20.05
N ASP E 254 15.76 20.80 -18.81
CA ASP E 254 14.77 20.03 -18.04
C ASP E 254 13.34 20.27 -18.49
N PHE E 255 13.06 21.41 -19.13
CA PHE E 255 11.70 21.66 -19.60
C PHE E 255 11.27 20.65 -20.65
N ILE E 256 12.23 20.10 -21.40
CA ILE E 256 11.88 19.26 -22.53
C ILE E 256 11.24 17.94 -22.12
N PRO E 257 11.84 17.13 -21.23
CA PRO E 257 11.11 15.93 -20.77
C PRO E 257 9.85 16.27 -19.99
N ALA E 258 9.83 17.41 -19.31
CA ALA E 258 8.66 17.78 -18.52
C ALA E 258 7.46 18.11 -19.39
N VAL E 259 7.70 18.63 -20.60
CA VAL E 259 6.57 18.99 -21.47
C VAL E 259 6.31 17.91 -22.52
N TYR E 260 7.28 17.66 -23.39
CA TYR E 260 7.00 16.81 -24.54
C TYR E 260 6.97 15.34 -24.14
N GLY E 261 7.83 14.93 -23.21
CA GLY E 261 7.73 13.60 -22.67
C GLY E 261 6.43 13.35 -21.94
N PHE E 262 5.94 14.36 -21.21
CA PHE E 262 4.65 14.23 -20.53
C PHE E 262 3.52 14.05 -21.54
N ILE E 263 3.55 14.84 -22.63
CA ILE E 263 2.51 14.71 -23.64
C ILE E 263 2.56 13.34 -24.30
N LEU E 264 3.76 12.86 -24.61
CA LEU E 264 3.88 11.63 -25.39
C LEU E 264 3.68 10.37 -24.55
N SER E 265 3.98 10.39 -23.25
CA SER E 265 3.99 9.17 -22.45
C SER E 265 2.74 8.98 -21.60
N VAL E 266 1.99 10.04 -21.33
CA VAL E 266 0.73 10.01 -20.57
C VAL E 266 0.94 9.35 -19.21
N PRO E 267 1.72 9.95 -18.30
CA PRO E 267 1.88 9.33 -16.98
C PRO E 267 0.75 9.64 -16.01
N ASP E 268 0.19 10.85 -16.04
CA ASP E 268 -0.86 11.23 -15.11
C ASP E 268 -2.21 10.71 -15.58
N LEU E 269 -3.00 10.20 -14.64
CA LEU E 269 -4.26 9.52 -14.95
C LEU E 269 -5.48 10.30 -14.47
N THR E 270 -5.41 11.62 -14.42
CA THR E 270 -6.55 12.43 -14.03
C THR E 270 -7.67 12.31 -15.06
N PRO E 271 -8.93 12.17 -14.63
CA PRO E 271 -10.03 12.07 -15.60
C PRO E 271 -10.18 13.31 -16.45
N ASN E 272 -10.58 13.10 -17.71
CA ASN E 272 -10.92 14.18 -18.62
C ASN E 272 -11.96 13.64 -19.61
N ILE E 273 -12.18 14.39 -20.69
CA ILE E 273 -13.22 14.05 -21.66
C ILE E 273 -12.63 13.19 -22.78
N GLY E 274 -11.39 12.73 -22.61
CA GLY E 274 -10.69 11.98 -23.63
C GLY E 274 -10.86 10.48 -23.49
N LEU E 275 -9.98 9.76 -24.19
CA LEU E 275 -10.07 8.30 -24.29
C LEU E 275 -8.90 7.56 -23.65
N PHE E 276 -7.98 8.25 -22.99
CA PHE E 276 -6.76 7.62 -22.51
C PHE E 276 -6.79 7.23 -21.03
N TRP E 277 -7.39 8.05 -20.17
CA TRP E 277 -7.19 7.92 -18.73
C TRP E 277 -7.69 6.58 -18.19
N TYR E 278 -8.94 6.23 -18.49
CA TYR E 278 -9.50 4.98 -17.97
C TYR E 278 -8.88 3.77 -18.66
N PHE E 279 -8.48 3.92 -19.92
CA PHE E 279 -7.83 2.83 -20.63
C PHE E 279 -6.51 2.44 -19.99
N PHE E 280 -5.72 3.44 -19.57
CA PHE E 280 -4.42 3.18 -18.99
C PHE E 280 -4.45 3.07 -17.47
N ALA E 281 -5.59 3.31 -16.84
CA ALA E 281 -5.76 2.90 -15.45
C ALA E 281 -6.23 1.44 -15.31
N GLU E 282 -6.64 0.81 -16.41
CA GLU E 282 -7.17 -0.55 -16.43
C GLU E 282 -6.40 -1.42 -17.42
N MET E 283 -5.09 -1.24 -17.51
CA MET E 283 -4.27 -1.86 -18.54
C MET E 283 -3.46 -3.01 -17.98
N PHE E 284 -3.28 -4.05 -18.79
CA PHE E 284 -2.31 -5.10 -18.50
C PHE E 284 -0.92 -4.60 -18.85
N GLU E 285 0.02 -4.73 -17.90
CA GLU E 285 1.32 -4.10 -18.05
C GLU E 285 2.11 -4.66 -19.23
N HIS E 286 1.74 -5.84 -19.73
CA HIS E 286 2.48 -6.45 -20.83
C HIS E 286 2.31 -5.67 -22.13
N PHE E 287 1.13 -5.06 -22.34
CA PHE E 287 0.76 -4.48 -23.63
C PHE E 287 0.75 -2.95 -23.63
N SER E 288 1.20 -2.32 -22.54
CA SER E 288 1.05 -0.87 -22.39
C SER E 288 1.86 -0.11 -23.44
N LEU E 289 3.10 -0.54 -23.68
CA LEU E 289 3.94 0.14 -24.67
C LEU E 289 3.34 0.07 -26.06
N PHE E 290 2.88 -1.12 -26.46
CA PHE E 290 2.27 -1.29 -27.77
C PHE E 290 1.05 -0.39 -27.91
N PHE E 291 0.21 -0.33 -26.88
CA PHE E 291 -1.02 0.43 -27.02
C PHE E 291 -0.78 1.93 -27.03
N VAL E 292 0.19 2.42 -26.24
CA VAL E 292 0.47 3.85 -26.28
C VAL E 292 1.03 4.23 -27.66
N CYS E 293 1.89 3.38 -28.23
CA CYS E 293 2.39 3.67 -29.57
C CYS E 293 1.27 3.71 -30.60
N VAL E 294 0.35 2.75 -30.55
CA VAL E 294 -0.74 2.73 -31.52
C VAL E 294 -1.61 3.97 -31.38
N PHE E 295 -1.99 4.31 -30.15
CA PHE E 295 -2.94 5.40 -29.96
C PHE E 295 -2.33 6.77 -30.15
N GLN E 296 -1.01 6.89 -30.15
CA GLN E 296 -0.43 8.16 -30.59
C GLN E 296 -0.03 8.20 -32.06
N ILE E 297 0.11 7.04 -32.72
CA ILE E 297 0.22 7.07 -34.18
C ILE E 297 -1.11 7.46 -34.81
N ASN E 298 -2.23 7.10 -34.16
CA ASN E 298 -3.54 7.35 -34.75
C ASN E 298 -3.76 8.82 -35.10
N VAL E 299 -3.15 9.73 -34.34
CA VAL E 299 -3.35 11.16 -34.60
C VAL E 299 -2.67 11.57 -35.90
N PHE E 300 -1.42 11.15 -36.10
CA PHE E 300 -0.65 11.50 -37.28
C PHE E 300 -1.00 10.64 -38.48
N PHE E 301 -1.88 9.67 -38.30
CA PHE E 301 -2.14 8.67 -39.34
C PHE E 301 -2.82 9.26 -40.58
N TYR E 302 -3.79 10.15 -40.42
CA TYR E 302 -4.72 10.45 -41.51
C TYR E 302 -4.23 11.53 -42.46
N THR E 303 -3.11 12.18 -42.18
CA THR E 303 -2.71 13.36 -42.94
C THR E 303 -2.48 13.03 -44.42
N ILE E 304 -1.80 11.92 -44.70
CA ILE E 304 -1.35 11.57 -46.05
C ILE E 304 -2.53 11.19 -46.95
N PRO E 305 -3.39 10.24 -46.57
CA PRO E 305 -4.53 9.93 -47.45
C PRO E 305 -5.49 11.10 -47.62
N LEU E 306 -5.66 11.90 -46.57
CA LEU E 306 -6.50 13.09 -46.67
C LEU E 306 -5.91 14.11 -47.62
N ALA E 307 -4.57 14.21 -47.67
CA ALA E 307 -3.92 15.08 -48.64
C ALA E 307 -3.98 14.53 -50.04
N ILE E 308 -4.08 13.21 -50.20
CA ILE E 308 -4.27 12.64 -51.52
C ILE E 308 -5.67 12.94 -52.04
N LYS E 309 -6.69 12.78 -51.19
CA LYS E 309 -8.07 13.01 -51.63
C LYS E 309 -8.38 14.50 -51.77
N LEU E 310 -8.03 15.30 -50.75
CA LEU E 310 -8.44 16.70 -50.67
C LEU E 310 -7.36 17.66 -51.17
N LYS E 311 -6.63 17.29 -52.21
CA LYS E 311 -5.51 18.09 -52.68
C LYS E 311 -5.93 19.49 -53.15
N GLU E 312 -7.12 19.60 -53.75
CA GLU E 312 -7.57 20.88 -54.30
C GLU E 312 -8.40 21.70 -53.32
N HIS E 313 -8.61 21.22 -52.09
CA HIS E 313 -9.41 21.91 -51.09
C HIS E 313 -8.65 21.98 -49.78
N PRO E 314 -7.60 22.81 -49.70
CA PRO E 314 -6.78 22.86 -48.48
C PRO E 314 -7.49 23.32 -47.21
N ILE E 315 -8.48 24.21 -47.31
CA ILE E 315 -9.10 24.77 -46.11
C ILE E 315 -10.04 23.76 -45.43
N PHE E 316 -10.83 23.02 -46.21
CA PHE E 316 -11.62 21.93 -45.65
C PHE E 316 -10.72 20.89 -45.02
N PHE E 317 -9.57 20.62 -45.66
CA PHE E 317 -8.55 19.75 -45.11
C PHE E 317 -8.07 20.25 -43.75
N MET E 318 -7.82 21.55 -43.63
CA MET E 318 -7.43 22.13 -42.35
C MET E 318 -8.49 21.91 -41.28
N PHE E 319 -9.75 22.14 -41.65
CA PHE E 319 -10.85 21.99 -40.70
C PHE E 319 -10.93 20.55 -40.17
N ILE E 320 -10.83 19.58 -41.08
CA ILE E 320 -10.86 18.17 -40.66
C ILE E 320 -9.68 17.84 -39.76
N GLN E 321 -8.49 18.34 -40.11
CA GLN E 321 -7.31 18.02 -39.30
C GLN E 321 -7.42 18.60 -37.89
N ILE E 322 -7.94 19.82 -37.77
CA ILE E 322 -8.11 20.42 -36.45
C ILE E 322 -9.10 19.62 -35.62
N ALA E 323 -10.21 19.17 -36.24
CA ALA E 323 -11.15 18.34 -35.49
C ALA E 323 -10.51 17.04 -35.02
N VAL E 324 -9.71 16.40 -35.88
CA VAL E 324 -9.05 15.16 -35.51
C VAL E 324 -8.10 15.37 -34.33
N ILE E 325 -7.32 16.45 -34.38
CA ILE E 325 -6.42 16.75 -33.27
C ILE E 325 -7.20 16.93 -31.97
N ALA E 326 -8.31 17.67 -32.03
CA ALA E 326 -9.09 17.88 -30.82
C ALA E 326 -9.64 16.58 -30.27
N ILE E 327 -10.10 15.67 -31.14
CA ILE E 327 -10.70 14.44 -30.64
C ILE E 327 -9.64 13.51 -30.04
N PHE E 328 -8.50 13.32 -30.70
CA PHE E 328 -7.63 12.21 -30.36
C PHE E 328 -6.36 12.62 -29.60
N LYS E 329 -6.33 13.78 -28.97
CA LYS E 329 -5.16 14.20 -28.21
C LYS E 329 -5.16 13.56 -26.82
N SER E 330 -3.99 13.60 -26.16
CA SER E 330 -3.81 12.87 -24.91
C SER E 330 -4.51 13.56 -23.74
N TYR E 331 -4.52 14.89 -23.71
CA TYR E 331 -5.14 15.66 -22.63
C TYR E 331 -6.06 16.71 -23.23
N PRO E 332 -7.26 16.29 -23.67
CA PRO E 332 -8.15 17.23 -24.35
C PRO E 332 -8.98 18.09 -23.40
N THR E 333 -9.48 19.20 -23.94
CA THR E 333 -10.29 20.18 -23.23
C THR E 333 -11.32 20.77 -24.19
N VAL E 334 -12.40 21.31 -23.64
CA VAL E 334 -13.46 21.92 -24.45
C VAL E 334 -12.96 23.14 -25.22
N GLY E 335 -11.92 23.81 -24.74
CA GLY E 335 -11.35 24.93 -25.48
C GLY E 335 -10.78 24.50 -26.82
N ASP E 336 -10.24 23.28 -26.91
CA ASP E 336 -9.83 22.74 -28.20
C ASP E 336 -11.04 22.42 -29.07
N VAL E 337 -12.15 22.04 -28.44
CA VAL E 337 -13.34 21.68 -29.20
C VAL E 337 -13.96 22.91 -29.86
N ALA E 338 -13.95 24.05 -29.16
CA ALA E 338 -14.62 25.25 -29.68
C ALA E 338 -14.01 25.73 -31.00
N LEU E 339 -12.72 25.48 -31.22
CA LEU E 339 -12.03 26.06 -32.37
C LEU E 339 -12.58 25.53 -33.69
N TYR E 340 -12.80 24.21 -33.79
CA TYR E 340 -13.33 23.70 -35.06
C TYR E 340 -14.84 23.89 -35.16
N MET E 341 -15.54 24.04 -34.04
CA MET E 341 -16.95 24.40 -34.10
C MET E 341 -17.14 25.81 -34.61
N ALA E 342 -16.13 26.68 -34.45
CA ALA E 342 -16.22 28.01 -35.03
C ALA E 342 -16.29 28.00 -36.56
N PHE E 343 -15.93 26.89 -37.21
CA PHE E 343 -15.88 26.79 -38.66
C PHE E 343 -17.17 26.31 -39.30
N PHE E 344 -18.13 25.83 -38.51
CA PHE E 344 -19.38 25.32 -39.06
C PHE E 344 -20.13 26.29 -39.98
N PRO E 345 -20.21 27.60 -39.72
CA PRO E 345 -20.92 28.52 -40.66
C PRO E 345 -20.32 28.54 -42.05
N VAL E 346 -19.03 28.26 -42.17
CA VAL E 346 -18.40 28.30 -43.48
C VAL E 346 -18.93 27.18 -44.37
N TRP E 347 -19.38 26.09 -43.74
CA TRP E 347 -19.77 24.89 -44.47
C TRP E 347 -21.27 24.61 -44.42
N ASN E 348 -22.08 25.60 -44.06
CA ASN E 348 -23.51 25.34 -43.90
C ASN E 348 -24.29 25.46 -45.20
N HIS E 349 -23.64 25.79 -46.32
CA HIS E 349 -24.29 25.64 -47.61
C HIS E 349 -24.45 24.18 -48.01
N LEU E 350 -23.85 23.25 -47.26
CA LEU E 350 -23.97 21.82 -47.49
C LEU E 350 -25.10 21.20 -46.69
N TYR E 351 -26.08 22.00 -46.25
CA TYR E 351 -27.09 21.51 -45.32
C TYR E 351 -28.05 20.52 -45.97
N ARG E 352 -28.34 20.66 -47.26
CA ARG E 352 -29.31 19.78 -47.90
C ARG E 352 -28.81 18.35 -48.04
N PHE E 353 -27.50 18.15 -48.09
CA PHE E 353 -26.93 16.81 -48.22
C PHE E 353 -26.54 16.21 -46.88
N LEU E 354 -26.77 16.92 -45.78
CA LEU E 354 -26.49 16.36 -44.46
C LEU E 354 -27.59 15.39 -44.07
N ARG E 355 -27.21 14.30 -43.41
CA ARG E 355 -28.15 13.35 -42.83
C ARG E 355 -27.79 13.08 -41.38
N ASN E 356 -28.82 12.79 -40.58
CA ASN E 356 -28.74 12.55 -39.13
C ASN E 356 -27.93 13.63 -38.39
N ILE E 357 -28.17 14.90 -38.71
CA ILE E 357 -27.58 16.02 -37.98
C ILE E 357 -28.31 16.29 -36.64
N PHE E 358 -29.63 16.12 -36.62
CA PHE E 358 -30.46 16.47 -35.47
C PHE E 358 -30.09 15.62 -34.25
N VAL E 359 -30.04 14.30 -34.42
CA VAL E 359 -29.77 13.39 -33.32
C VAL E 359 -28.37 13.63 -32.76
N LEU E 360 -27.39 13.85 -33.64
CA LEU E 360 -26.02 14.07 -33.19
C LEU E 360 -25.92 15.35 -32.36
N THR E 361 -26.56 16.43 -32.81
CA THR E 361 -26.54 17.66 -32.02
C THR E 361 -27.18 17.45 -30.65
N CYS E 362 -28.32 16.77 -30.61
CA CYS E 362 -28.99 16.53 -29.33
C CYS E 362 -28.11 15.69 -28.40
N ILE E 363 -27.42 14.69 -28.95
CA ILE E 363 -26.59 13.82 -28.12
C ILE E 363 -25.41 14.58 -27.53
N ILE E 364 -24.75 15.41 -28.34
CA ILE E 364 -23.65 16.22 -27.84
C ILE E 364 -24.14 17.14 -26.73
N ILE E 365 -25.28 17.79 -26.93
CA ILE E 365 -25.82 18.70 -25.93
C ILE E 365 -26.11 17.97 -24.62
N VAL E 366 -26.67 16.77 -24.72
CA VAL E 366 -27.00 16.01 -23.51
C VAL E 366 -25.74 15.60 -22.76
N CYS E 367 -24.73 15.10 -23.47
CA CYS E 367 -23.51 14.67 -22.79
C CYS E 367 -22.82 15.82 -22.10
N SER E 368 -22.86 17.02 -22.70
CA SER E 368 -22.24 18.19 -22.08
C SER E 368 -22.82 18.45 -20.70
N LEU E 369 -24.14 18.35 -20.56
CA LEU E 369 -24.76 18.56 -19.25
C LEU E 369 -24.56 17.38 -18.32
N LEU E 370 -24.45 16.16 -18.88
CA LEU E 370 -24.30 14.98 -18.03
C LEU E 370 -22.91 14.85 -17.43
N PHE E 371 -21.90 15.53 -17.96
CA PHE E 371 -20.59 15.49 -17.33
C PHE E 371 -20.60 15.97 -15.87
N PRO E 372 -21.06 17.19 -15.55
CA PRO E 372 -20.96 17.66 -14.15
C PRO E 372 -21.81 16.88 -13.15
N VAL E 373 -23.01 16.45 -13.55
CA VAL E 373 -23.89 15.76 -12.62
C VAL E 373 -23.28 14.43 -12.20
N LEU E 374 -22.74 13.67 -13.15
CA LEU E 374 -22.13 12.39 -12.82
C LEU E 374 -20.80 12.57 -12.09
N TRP E 375 -20.06 13.64 -12.40
CA TRP E 375 -18.88 13.95 -11.60
C TRP E 375 -19.28 14.19 -10.15
N HIS E 376 -20.34 14.94 -9.91
CA HIS E 376 -20.79 15.18 -8.55
C HIS E 376 -21.20 13.88 -7.86
N LEU E 377 -22.01 13.07 -8.53
CA LEU E 377 -22.49 11.84 -7.91
C LEU E 377 -21.36 10.88 -7.60
N TRP E 378 -20.30 10.88 -8.40
CA TRP E 378 -19.17 10.00 -8.10
C TRP E 378 -18.31 10.56 -6.98
N ILE E 379 -17.97 11.84 -7.03
CA ILE E 379 -16.90 12.36 -6.18
C ILE E 379 -17.40 12.89 -4.84
N TYR E 380 -18.62 13.40 -4.74
CA TYR E 380 -19.10 13.98 -3.49
C TYR E 380 -20.21 13.18 -2.84
N ALA E 381 -21.17 12.68 -3.61
CA ALA E 381 -22.25 11.90 -3.04
C ALA E 381 -21.79 10.48 -2.67
N GLY E 382 -20.94 9.89 -3.50
CA GLY E 382 -20.54 8.52 -3.28
C GLY E 382 -21.54 7.47 -3.72
N SER E 383 -22.56 7.86 -4.51
CA SER E 383 -23.58 6.94 -4.94
C SER E 383 -23.31 6.32 -6.31
N ALA E 384 -22.33 6.84 -7.05
CA ALA E 384 -21.97 6.35 -8.37
C ALA E 384 -20.49 5.98 -8.40
N ASN E 385 -20.06 5.40 -9.52
CA ASN E 385 -18.66 5.04 -9.70
C ASN E 385 -18.10 5.62 -10.99
N SER E 386 -16.91 5.19 -11.38
CA SER E 386 -16.23 5.72 -12.55
C SER E 386 -16.79 5.22 -13.87
N ASN E 387 -17.61 4.16 -13.84
CA ASN E 387 -18.17 3.60 -15.07
C ASN E 387 -19.17 4.55 -15.72
N PHE E 388 -19.95 5.27 -14.91
CA PHE E 388 -20.87 6.27 -15.44
C PHE E 388 -20.12 7.33 -16.24
N PHE E 389 -19.07 7.89 -15.64
CA PHE E 389 -18.27 8.93 -16.28
C PHE E 389 -17.60 8.41 -17.54
N TYR E 390 -17.08 7.19 -17.49
CA TYR E 390 -16.45 6.58 -18.66
C TYR E 390 -17.45 6.40 -19.80
N ALA E 391 -18.67 5.99 -19.48
CA ALA E 391 -19.71 5.85 -20.50
C ALA E 391 -20.02 7.18 -21.15
N ILE E 392 -20.11 8.26 -20.35
CA ILE E 392 -20.41 9.57 -20.91
C ILE E 392 -19.29 10.03 -21.85
N THR E 393 -18.03 9.81 -21.46
CA THR E 393 -16.93 10.19 -22.34
C THR E 393 -16.99 9.41 -23.66
N LEU E 394 -17.29 8.12 -23.59
CA LEU E 394 -17.41 7.31 -24.80
C LEU E 394 -18.48 7.88 -25.74
N THR E 395 -19.64 8.19 -25.18
CA THR E 395 -20.74 8.70 -26.01
C THR E 395 -20.40 10.04 -26.64
N PHE E 396 -19.75 10.93 -25.88
CA PHE E 396 -19.37 12.23 -26.41
C PHE E 396 -18.42 12.10 -27.59
N ASN E 397 -17.39 11.25 -27.45
CA ASN E 397 -16.43 11.09 -28.54
C ASN E 397 -17.06 10.47 -29.78
N VAL E 398 -17.95 9.49 -29.58
CA VAL E 398 -18.63 8.86 -30.71
C VAL E 398 -19.47 9.89 -31.47
N GLY E 399 -20.20 10.73 -30.73
CA GLY E 399 -20.99 11.76 -31.40
C GLY E 399 -20.14 12.71 -32.22
N GLN E 400 -19.00 13.13 -31.67
CA GLN E 400 -18.11 14.01 -32.43
C GLN E 400 -17.65 13.35 -33.73
N ILE E 401 -17.24 12.08 -33.67
CA ILE E 401 -16.75 11.39 -34.85
C ILE E 401 -17.84 11.32 -35.92
N LEU E 402 -19.06 10.97 -35.50
CA LEU E 402 -20.16 10.85 -36.47
C LEU E 402 -20.44 12.18 -37.16
N LEU E 403 -20.44 13.27 -36.37
CA LEU E 403 -20.71 14.59 -36.96
C LEU E 403 -19.68 14.97 -38.02
N ILE E 404 -18.39 14.74 -37.72
CA ILE E 404 -17.35 15.08 -38.69
C ILE E 404 -17.49 14.26 -39.95
N SER E 405 -17.77 12.96 -39.81
CA SER E 405 -17.94 12.10 -40.98
C SER E 405 -19.09 12.58 -41.85
N ASP E 406 -20.19 13.01 -41.22
CA ASP E 406 -21.33 13.54 -41.96
C ASP E 406 -20.93 14.73 -42.82
N TYR E 407 -20.18 15.68 -42.23
CA TYR E 407 -19.78 16.85 -43.01
C TYR E 407 -18.92 16.46 -44.21
N PHE E 408 -17.98 15.52 -44.01
CA PHE E 408 -17.13 15.10 -45.10
C PHE E 408 -17.94 14.47 -46.24
N TYR E 409 -18.91 13.62 -45.89
CA TYR E 409 -19.77 13.00 -46.90
C TYR E 409 -20.53 14.06 -47.70
N ALA E 410 -21.09 15.06 -47.01
CA ALA E 410 -21.87 16.08 -47.71
C ALA E 410 -21.01 16.86 -48.70
N PHE E 411 -19.77 17.20 -48.29
CA PHE E 411 -18.85 17.86 -49.21
C PHE E 411 -18.64 17.05 -50.48
N LEU E 412 -18.33 15.76 -50.34
CA LEU E 412 -18.08 14.95 -51.52
C LEU E 412 -19.31 14.82 -52.40
N ARG E 413 -20.49 14.69 -51.79
CA ARG E 413 -21.72 14.56 -52.57
C ARG E 413 -21.98 15.81 -53.40
N ARG E 414 -21.76 16.98 -52.81
CA ARG E 414 -21.95 18.21 -53.59
C ARG E 414 -20.97 18.30 -54.75
N GLU E 415 -19.71 17.88 -54.53
CA GLU E 415 -18.75 17.90 -55.64
C GLU E 415 -19.22 17.00 -56.79
N TYR E 416 -19.71 15.80 -56.46
CA TYR E 416 -20.20 14.89 -57.49
C TYR E 416 -21.35 15.50 -58.27
N TYR E 417 -22.31 16.11 -57.55
CA TYR E 417 -23.45 16.70 -58.26
C TYR E 417 -23.03 17.88 -59.12
N LEU E 418 -22.04 18.66 -58.66
CA LEU E 418 -21.56 19.77 -59.48
C LEU E 418 -20.96 19.26 -60.78
N THR E 419 -20.19 18.18 -60.73
CA THR E 419 -19.53 17.74 -61.95
C THR E 419 -20.48 17.00 -62.90
N HIS E 420 -21.38 16.16 -62.37
CA HIS E 420 -22.11 15.24 -63.23
C HIS E 420 -23.56 15.61 -63.48
N GLY E 421 -24.15 16.51 -62.71
CA GLY E 421 -25.53 16.88 -62.96
C GLY E 421 -26.43 16.47 -61.82
N LEU E 422 -27.38 17.33 -61.49
CA LEU E 422 -28.26 17.12 -60.35
C LEU E 422 -29.39 16.16 -60.69
#